data_4MNN
# 
_entry.id   4MNN 
# 
_audit_conform.dict_name       mmcif_pdbx.dic 
_audit_conform.dict_version    5.399 
_audit_conform.dict_location   http://mmcif.pdb.org/dictionaries/ascii/mmcif_pdbx.dic 
# 
loop_
_database_2.database_id 
_database_2.database_code 
_database_2.pdbx_database_accession 
_database_2.pdbx_DOI 
PDB   4MNN         pdb_00004mnn 10.2210/pdb4mnn/pdb 
RCSB  RCSB082137   ?            ?                   
WWPDB D_1000082137 ?            ?                   
# 
loop_
_pdbx_audit_revision_history.ordinal 
_pdbx_audit_revision_history.data_content_type 
_pdbx_audit_revision_history.major_revision 
_pdbx_audit_revision_history.minor_revision 
_pdbx_audit_revision_history.revision_date 
1 'Structure model' 1 0 2014-01-01 
2 'Structure model' 1 1 2014-03-19 
3 'Structure model' 1 2 2023-09-20 
4 'Structure model' 1 3 2024-11-27 
# 
_pdbx_audit_revision_details.ordinal             1 
_pdbx_audit_revision_details.revision_ordinal    1 
_pdbx_audit_revision_details.data_content_type   'Structure model' 
_pdbx_audit_revision_details.provider            repository 
_pdbx_audit_revision_details.type                'Initial release' 
_pdbx_audit_revision_details.description         ? 
_pdbx_audit_revision_details.details             ? 
# 
loop_
_pdbx_audit_revision_group.ordinal 
_pdbx_audit_revision_group.revision_ordinal 
_pdbx_audit_revision_group.data_content_type 
_pdbx_audit_revision_group.group 
1 2 'Structure model' 'Database references'    
2 3 'Structure model' 'Data collection'        
3 3 'Structure model' 'Database references'    
4 3 'Structure model' 'Derived calculations'   
5 3 'Structure model' 'Refinement description' 
6 4 'Structure model' 'Structure summary'      
# 
loop_
_pdbx_audit_revision_category.ordinal 
_pdbx_audit_revision_category.revision_ordinal 
_pdbx_audit_revision_category.data_content_type 
_pdbx_audit_revision_category.category 
1 3 'Structure model' chem_comp_atom                
2 3 'Structure model' chem_comp_bond                
3 3 'Structure model' database_2                    
4 3 'Structure model' pdbx_initial_refinement_model 
5 3 'Structure model' struct_ref_seq_dif            
6 3 'Structure model' struct_site                   
7 4 'Structure model' pdbx_entry_details            
8 4 'Structure model' pdbx_modification_feature     
# 
loop_
_pdbx_audit_revision_item.ordinal 
_pdbx_audit_revision_item.revision_ordinal 
_pdbx_audit_revision_item.data_content_type 
_pdbx_audit_revision_item.item 
1 3 'Structure model' '_database_2.pdbx_DOI'                
2 3 'Structure model' '_database_2.pdbx_database_accession' 
3 3 'Structure model' '_struct_ref_seq_dif.details'         
4 3 'Structure model' '_struct_site.pdbx_auth_asym_id'      
5 3 'Structure model' '_struct_site.pdbx_auth_comp_id'      
6 3 'Structure model' '_struct_site.pdbx_auth_seq_id'       
# 
_pdbx_database_status.status_code                     REL 
_pdbx_database_status.entry_id                        4MNN 
_pdbx_database_status.recvd_initial_deposition_date   2013-09-11 
_pdbx_database_status.deposit_site                    RCSB 
_pdbx_database_status.process_site                    RCSB 
_pdbx_database_status.status_code_sf                  REL 
_pdbx_database_status.status_code_mr                  ? 
_pdbx_database_status.SG_entry                        ? 
_pdbx_database_status.status_code_cs                  ? 
_pdbx_database_status.methods_development_category    ? 
_pdbx_database_status.pdb_format_compatible           Y 
_pdbx_database_status.status_code_nmr_data            ? 
# 
loop_
_audit_author.name 
_audit_author.pdbx_ordinal 
;D'Ambrosio, K.
;
1 
'De Simone, G.'  2 
# 
_citation.id                        primary 
_citation.title                     
'Sulfolobus solfataricus thiol redox puzzle: characterization of an atypical protein disulfide oxidoreductase.' 
_citation.journal_abbrev            Extremophiles 
_citation.journal_volume            18 
_citation.page_first                219 
_citation.page_last                 228 
_citation.year                      2014 
_citation.journal_id_ASTM           ? 
_citation.country                   DE 
_citation.journal_id_ISSN           1431-0651 
_citation.journal_id_CSD            ? 
_citation.book_publisher            ? 
_citation.pdbx_database_id_PubMed   24306780 
_citation.pdbx_database_id_DOI      10.1007/s00792-013-0607-8 
# 
loop_
_citation_author.citation_id 
_citation_author.name 
_citation_author.ordinal 
_citation_author.identifier_ORCID 
primary 'Limauro, D.'    1 ? 
primary 'De Simone, G.'  2 ? 
primary 'Pirone, L.'     3 ? 
primary 'Bartolucci, S.' 4 ? 
primary 
;D'Ambrosio, K.
;
5 ? 
primary 'Pedone, E.'     6 ? 
# 
loop_
_entity.id 
_entity.type 
_entity.src_method 
_entity.pdbx_description 
_entity.formula_weight 
_entity.pdbx_number_of_molecules 
_entity.pdbx_ec 
_entity.pdbx_mutation 
_entity.pdbx_fragment 
_entity.details 
1 polymer     man 'Glutaredoxin related protein' 21024.918 1   ? ? ? ? 
2 non-polymer syn GLYCEROL                       92.094    1   ? ? ? ? 
3 water       nat water                          18.015    179 ? ? ? ? 
# 
_entity_poly.entity_id                      1 
_entity_poly.type                           'polypeptide(L)' 
_entity_poly.nstd_linkage                   no 
_entity_poly.nstd_monomer                   no 
_entity_poly.pdbx_seq_one_letter_code       
;MSYDYVIKEYLNAIKKGDITIQQCNGDSLFHEFKNYVNVETLNNCKKPLVKVKRGDRVYYTYYGIPIANELWPFLNSLVR
ISNNVVNLDEREVELAKQVRGSVKLFVTPDCTKCPITAEFLYQVSQINENVKLEIYDATEYEEERDKYRVLSVPKIIFND
KVEIPGDSLQLLEHHHHHH
;
_entity_poly.pdbx_seq_one_letter_code_can   
;MSYDYVIKEYLNAIKKGDITIQQCNGDSLFHEFKNYVNVETLNNCKKPLVKVKRGDRVYYTYYGIPIANELWPFLNSLVR
ISNNVVNLDEREVELAKQVRGSVKLFVTPDCTKCPITAEFLYQVSQINENVKLEIYDATEYEEERDKYRVLSVPKIIFND
KVEIPGDSLQLLEHHHHHH
;
_entity_poly.pdbx_strand_id                 A 
_entity_poly.pdbx_target_identifier         ? 
# 
loop_
_pdbx_entity_nonpoly.entity_id 
_pdbx_entity_nonpoly.name 
_pdbx_entity_nonpoly.comp_id 
2 GLYCEROL GOL 
3 water    HOH 
# 
loop_
_entity_poly_seq.entity_id 
_entity_poly_seq.num 
_entity_poly_seq.mon_id 
_entity_poly_seq.hetero 
1 1   MET n 
1 2   SER n 
1 3   TYR n 
1 4   ASP n 
1 5   TYR n 
1 6   VAL n 
1 7   ILE n 
1 8   LYS n 
1 9   GLU n 
1 10  TYR n 
1 11  LEU n 
1 12  ASN n 
1 13  ALA n 
1 14  ILE n 
1 15  LYS n 
1 16  LYS n 
1 17  GLY n 
1 18  ASP n 
1 19  ILE n 
1 20  THR n 
1 21  ILE n 
1 22  GLN n 
1 23  GLN n 
1 24  CYS n 
1 25  ASN n 
1 26  GLY n 
1 27  ASP n 
1 28  SER n 
1 29  LEU n 
1 30  PHE n 
1 31  HIS n 
1 32  GLU n 
1 33  PHE n 
1 34  LYS n 
1 35  ASN n 
1 36  TYR n 
1 37  VAL n 
1 38  ASN n 
1 39  VAL n 
1 40  GLU n 
1 41  THR n 
1 42  LEU n 
1 43  ASN n 
1 44  ASN n 
1 45  CYS n 
1 46  LYS n 
1 47  LYS n 
1 48  PRO n 
1 49  LEU n 
1 50  VAL n 
1 51  LYS n 
1 52  VAL n 
1 53  LYS n 
1 54  ARG n 
1 55  GLY n 
1 56  ASP n 
1 57  ARG n 
1 58  VAL n 
1 59  TYR n 
1 60  TYR n 
1 61  THR n 
1 62  TYR n 
1 63  TYR n 
1 64  GLY n 
1 65  ILE n 
1 66  PRO n 
1 67  ILE n 
1 68  ALA n 
1 69  ASN n 
1 70  GLU n 
1 71  LEU n 
1 72  TRP n 
1 73  PRO n 
1 74  PHE n 
1 75  LEU n 
1 76  ASN n 
1 77  SER n 
1 78  LEU n 
1 79  VAL n 
1 80  ARG n 
1 81  ILE n 
1 82  SER n 
1 83  ASN n 
1 84  ASN n 
1 85  VAL n 
1 86  VAL n 
1 87  ASN n 
1 88  LEU n 
1 89  ASP n 
1 90  GLU n 
1 91  ARG n 
1 92  GLU n 
1 93  VAL n 
1 94  GLU n 
1 95  LEU n 
1 96  ALA n 
1 97  LYS n 
1 98  GLN n 
1 99  VAL n 
1 100 ARG n 
1 101 GLY n 
1 102 SER n 
1 103 VAL n 
1 104 LYS n 
1 105 LEU n 
1 106 PHE n 
1 107 VAL n 
1 108 THR n 
1 109 PRO n 
1 110 ASP n 
1 111 CYS n 
1 112 THR n 
1 113 LYS n 
1 114 CYS n 
1 115 PRO n 
1 116 ILE n 
1 117 THR n 
1 118 ALA n 
1 119 GLU n 
1 120 PHE n 
1 121 LEU n 
1 122 TYR n 
1 123 GLN n 
1 124 VAL n 
1 125 SER n 
1 126 GLN n 
1 127 ILE n 
1 128 ASN n 
1 129 GLU n 
1 130 ASN n 
1 131 VAL n 
1 132 LYS n 
1 133 LEU n 
1 134 GLU n 
1 135 ILE n 
1 136 TYR n 
1 137 ASP n 
1 138 ALA n 
1 139 THR n 
1 140 GLU n 
1 141 TYR n 
1 142 GLU n 
1 143 GLU n 
1 144 GLU n 
1 145 ARG n 
1 146 ASP n 
1 147 LYS n 
1 148 TYR n 
1 149 ARG n 
1 150 VAL n 
1 151 LEU n 
1 152 SER n 
1 153 VAL n 
1 154 PRO n 
1 155 LYS n 
1 156 ILE n 
1 157 ILE n 
1 158 PHE n 
1 159 ASN n 
1 160 ASP n 
1 161 LYS n 
1 162 VAL n 
1 163 GLU n 
1 164 ILE n 
1 165 PRO n 
1 166 GLY n 
1 167 ASP n 
1 168 SER n 
1 169 LEU n 
1 170 GLN n 
1 171 LEU n 
1 172 LEU n 
1 173 GLU n 
1 174 HIS n 
1 175 HIS n 
1 176 HIS n 
1 177 HIS n 
1 178 HIS n 
1 179 HIS n 
# 
_entity_src_gen.entity_id                          1 
_entity_src_gen.pdbx_src_id                        1 
_entity_src_gen.pdbx_alt_source_flag               sample 
_entity_src_gen.pdbx_seq_type                      ? 
_entity_src_gen.pdbx_beg_seq_num                   ? 
_entity_src_gen.pdbx_end_seq_num                   ? 
_entity_src_gen.gene_src_common_name               ? 
_entity_src_gen.gene_src_genus                     ? 
_entity_src_gen.pdbx_gene_src_gene                 SSO1120 
_entity_src_gen.gene_src_species                   ? 
_entity_src_gen.gene_src_strain                    'ATCC 35092 / DSM 1617 / JCM 11322 / P2' 
_entity_src_gen.gene_src_tissue                    ? 
_entity_src_gen.gene_src_tissue_fraction           ? 
_entity_src_gen.gene_src_details                   ? 
_entity_src_gen.pdbx_gene_src_fragment             ? 
_entity_src_gen.pdbx_gene_src_scientific_name      'Sulfolobus solfataricus' 
_entity_src_gen.pdbx_gene_src_ncbi_taxonomy_id     273057 
_entity_src_gen.pdbx_gene_src_variant              ? 
_entity_src_gen.pdbx_gene_src_cell_line            ? 
_entity_src_gen.pdbx_gene_src_atcc                 ? 
_entity_src_gen.pdbx_gene_src_organ                ? 
_entity_src_gen.pdbx_gene_src_organelle            ? 
_entity_src_gen.pdbx_gene_src_cell                 ? 
_entity_src_gen.pdbx_gene_src_cellular_location    ? 
_entity_src_gen.host_org_common_name               ? 
_entity_src_gen.pdbx_host_org_scientific_name      'Escherichia coli' 
_entity_src_gen.pdbx_host_org_ncbi_taxonomy_id     562 
_entity_src_gen.host_org_genus                     ? 
_entity_src_gen.pdbx_host_org_gene                 ? 
_entity_src_gen.pdbx_host_org_organ                ? 
_entity_src_gen.host_org_species                   ? 
_entity_src_gen.pdbx_host_org_tissue               ? 
_entity_src_gen.pdbx_host_org_tissue_fraction      ? 
_entity_src_gen.pdbx_host_org_strain               ? 
_entity_src_gen.pdbx_host_org_variant              ? 
_entity_src_gen.pdbx_host_org_cell_line            ? 
_entity_src_gen.pdbx_host_org_atcc                 ? 
_entity_src_gen.pdbx_host_org_culture_collection   ? 
_entity_src_gen.pdbx_host_org_cell                 ? 
_entity_src_gen.pdbx_host_org_organelle            ? 
_entity_src_gen.pdbx_host_org_cellular_location    ? 
_entity_src_gen.pdbx_host_org_vector_type          ? 
_entity_src_gen.pdbx_host_org_vector               ? 
_entity_src_gen.host_org_details                   ? 
_entity_src_gen.expression_system_id               ? 
_entity_src_gen.plasmid_name                       ? 
_entity_src_gen.plasmid_details                    ? 
_entity_src_gen.pdbx_description                   ? 
# 
loop_
_chem_comp.id 
_chem_comp.type 
_chem_comp.mon_nstd_flag 
_chem_comp.name 
_chem_comp.pdbx_synonyms 
_chem_comp.formula 
_chem_comp.formula_weight 
ALA 'L-peptide linking' y ALANINE         ?                               'C3 H7 N O2'     89.093  
ARG 'L-peptide linking' y ARGININE        ?                               'C6 H15 N4 O2 1' 175.209 
ASN 'L-peptide linking' y ASPARAGINE      ?                               'C4 H8 N2 O3'    132.118 
ASP 'L-peptide linking' y 'ASPARTIC ACID' ?                               'C4 H7 N O4'     133.103 
CYS 'L-peptide linking' y CYSTEINE        ?                               'C3 H7 N O2 S'   121.158 
GLN 'L-peptide linking' y GLUTAMINE       ?                               'C5 H10 N2 O3'   146.144 
GLU 'L-peptide linking' y 'GLUTAMIC ACID' ?                               'C5 H9 N O4'     147.129 
GLY 'peptide linking'   y GLYCINE         ?                               'C2 H5 N O2'     75.067  
GOL non-polymer         . GLYCEROL        'GLYCERIN; PROPANE-1,2,3-TRIOL' 'C3 H8 O3'       92.094  
HIS 'L-peptide linking' y HISTIDINE       ?                               'C6 H10 N3 O2 1' 156.162 
HOH non-polymer         . WATER           ?                               'H2 O'           18.015  
ILE 'L-peptide linking' y ISOLEUCINE      ?                               'C6 H13 N O2'    131.173 
LEU 'L-peptide linking' y LEUCINE         ?                               'C6 H13 N O2'    131.173 
LYS 'L-peptide linking' y LYSINE          ?                               'C6 H15 N2 O2 1' 147.195 
MET 'L-peptide linking' y METHIONINE      ?                               'C5 H11 N O2 S'  149.211 
PHE 'L-peptide linking' y PHENYLALANINE   ?                               'C9 H11 N O2'    165.189 
PRO 'L-peptide linking' y PROLINE         ?                               'C5 H9 N O2'     115.130 
SER 'L-peptide linking' y SERINE          ?                               'C3 H7 N O3'     105.093 
THR 'L-peptide linking' y THREONINE       ?                               'C4 H9 N O3'     119.119 
TRP 'L-peptide linking' y TRYPTOPHAN      ?                               'C11 H12 N2 O2'  204.225 
TYR 'L-peptide linking' y TYROSINE        ?                               'C9 H11 N O3'    181.189 
VAL 'L-peptide linking' y VALINE          ?                               'C5 H11 N O2'    117.146 
# 
loop_
_pdbx_poly_seq_scheme.asym_id 
_pdbx_poly_seq_scheme.entity_id 
_pdbx_poly_seq_scheme.seq_id 
_pdbx_poly_seq_scheme.mon_id 
_pdbx_poly_seq_scheme.ndb_seq_num 
_pdbx_poly_seq_scheme.pdb_seq_num 
_pdbx_poly_seq_scheme.auth_seq_num 
_pdbx_poly_seq_scheme.pdb_mon_id 
_pdbx_poly_seq_scheme.auth_mon_id 
_pdbx_poly_seq_scheme.pdb_strand_id 
_pdbx_poly_seq_scheme.pdb_ins_code 
_pdbx_poly_seq_scheme.hetero 
A 1 1   MET 1   1   ?   ?   ?   A . n 
A 1 2   SER 2   2   2   SER SER A . n 
A 1 3   TYR 3   3   3   TYR TYR A . n 
A 1 4   ASP 4   4   4   ASP ASP A . n 
A 1 5   TYR 5   5   5   TYR TYR A . n 
A 1 6   VAL 6   6   6   VAL VAL A . n 
A 1 7   ILE 7   7   7   ILE ILE A . n 
A 1 8   LYS 8   8   8   LYS LYS A . n 
A 1 9   GLU 9   9   9   GLU GLU A . n 
A 1 10  TYR 10  10  10  TYR TYR A . n 
A 1 11  LEU 11  11  11  LEU LEU A . n 
A 1 12  ASN 12  12  12  ASN ASN A . n 
A 1 13  ALA 13  13  13  ALA ALA A . n 
A 1 14  ILE 14  14  14  ILE ILE A . n 
A 1 15  LYS 15  15  15  LYS LYS A . n 
A 1 16  LYS 16  16  16  LYS LYS A . n 
A 1 17  GLY 17  17  17  GLY GLY A . n 
A 1 18  ASP 18  18  18  ASP ASP A . n 
A 1 19  ILE 19  19  19  ILE ILE A . n 
A 1 20  THR 20  20  20  THR THR A . n 
A 1 21  ILE 21  21  21  ILE ILE A . n 
A 1 22  GLN 22  22  22  GLN GLN A . n 
A 1 23  GLN 23  23  23  GLN GLN A . n 
A 1 24  CYS 24  24  24  CYS CYS A . n 
A 1 25  ASN 25  25  25  ASN ASN A . n 
A 1 26  GLY 26  26  26  GLY GLY A . n 
A 1 27  ASP 27  27  27  ASP ASP A . n 
A 1 28  SER 28  28  28  SER SER A . n 
A 1 29  LEU 29  29  29  LEU LEU A . n 
A 1 30  PHE 30  30  30  PHE PHE A . n 
A 1 31  HIS 31  31  31  HIS HIS A . n 
A 1 32  GLU 32  32  32  GLU GLU A . n 
A 1 33  PHE 33  33  33  PHE PHE A . n 
A 1 34  LYS 34  34  34  LYS LYS A . n 
A 1 35  ASN 35  35  35  ASN ASN A . n 
A 1 36  TYR 36  36  36  TYR TYR A . n 
A 1 37  VAL 37  37  37  VAL VAL A . n 
A 1 38  ASN 38  38  38  ASN ASN A . n 
A 1 39  VAL 39  39  39  VAL VAL A . n 
A 1 40  GLU 40  40  40  GLU GLU A . n 
A 1 41  THR 41  41  41  THR THR A . n 
A 1 42  LEU 42  42  42  LEU LEU A . n 
A 1 43  ASN 43  43  43  ASN ASN A . n 
A 1 44  ASN 44  44  44  ASN ASN A . n 
A 1 45  CYS 45  45  45  CYS CYS A . n 
A 1 46  LYS 46  46  46  LYS LYS A . n 
A 1 47  LYS 47  47  47  LYS LYS A . n 
A 1 48  PRO 48  48  48  PRO PRO A . n 
A 1 49  LEU 49  49  49  LEU LEU A . n 
A 1 50  VAL 50  50  50  VAL VAL A . n 
A 1 51  LYS 51  51  51  LYS LYS A . n 
A 1 52  VAL 52  52  52  VAL VAL A . n 
A 1 53  LYS 53  53  53  LYS LYS A . n 
A 1 54  ARG 54  54  54  ARG ARG A . n 
A 1 55  GLY 55  55  55  GLY GLY A . n 
A 1 56  ASP 56  56  56  ASP ASP A . n 
A 1 57  ARG 57  57  57  ARG ARG A . n 
A 1 58  VAL 58  58  58  VAL VAL A . n 
A 1 59  TYR 59  59  59  TYR TYR A . n 
A 1 60  TYR 60  60  60  TYR TYR A . n 
A 1 61  THR 61  61  61  THR THR A . n 
A 1 62  TYR 62  62  62  TYR TYR A . n 
A 1 63  TYR 63  63  63  TYR TYR A . n 
A 1 64  GLY 64  64  64  GLY GLY A . n 
A 1 65  ILE 65  65  65  ILE ILE A . n 
A 1 66  PRO 66  66  66  PRO PRO A . n 
A 1 67  ILE 67  67  67  ILE ILE A . n 
A 1 68  ALA 68  68  68  ALA ALA A . n 
A 1 69  ASN 69  69  69  ASN ASN A . n 
A 1 70  GLU 70  70  70  GLU GLU A . n 
A 1 71  LEU 71  71  71  LEU LEU A . n 
A 1 72  TRP 72  72  72  TRP TRP A . n 
A 1 73  PRO 73  73  73  PRO PRO A . n 
A 1 74  PHE 74  74  74  PHE PHE A . n 
A 1 75  LEU 75  75  75  LEU LEU A . n 
A 1 76  ASN 76  76  76  ASN ASN A . n 
A 1 77  SER 77  77  77  SER SER A . n 
A 1 78  LEU 78  78  78  LEU LEU A . n 
A 1 79  VAL 79  79  79  VAL VAL A . n 
A 1 80  ARG 80  80  80  ARG ARG A . n 
A 1 81  ILE 81  81  81  ILE ILE A . n 
A 1 82  SER 82  82  82  SER SER A . n 
A 1 83  ASN 83  83  83  ASN ASN A . n 
A 1 84  ASN 84  84  84  ASN ASN A . n 
A 1 85  VAL 85  85  85  VAL VAL A . n 
A 1 86  VAL 86  86  86  VAL VAL A . n 
A 1 87  ASN 87  87  87  ASN ASN A . n 
A 1 88  LEU 88  88  88  LEU LEU A . n 
A 1 89  ASP 89  89  89  ASP ASP A . n 
A 1 90  GLU 90  90  90  GLU GLU A . n 
A 1 91  ARG 91  91  91  ARG ARG A . n 
A 1 92  GLU 92  92  92  GLU GLU A . n 
A 1 93  VAL 93  93  93  VAL VAL A . n 
A 1 94  GLU 94  94  94  GLU GLU A . n 
A 1 95  LEU 95  95  95  LEU LEU A . n 
A 1 96  ALA 96  96  96  ALA ALA A . n 
A 1 97  LYS 97  97  97  LYS LYS A . n 
A 1 98  GLN 98  98  98  GLN GLN A . n 
A 1 99  VAL 99  99  99  VAL VAL A . n 
A 1 100 ARG 100 100 100 ARG ARG A . n 
A 1 101 GLY 101 101 101 GLY GLY A . n 
A 1 102 SER 102 102 102 SER SER A . n 
A 1 103 VAL 103 103 103 VAL VAL A . n 
A 1 104 LYS 104 104 104 LYS LYS A . n 
A 1 105 LEU 105 105 105 LEU LEU A . n 
A 1 106 PHE 106 106 106 PHE PHE A . n 
A 1 107 VAL 107 107 107 VAL VAL A . n 
A 1 108 THR 108 108 108 THR THR A . n 
A 1 109 PRO 109 109 109 PRO PRO A . n 
A 1 110 ASP 110 110 110 ASP ASP A . n 
A 1 111 CYS 111 111 111 CYS CYS A . n 
A 1 112 THR 112 112 112 THR THR A . n 
A 1 113 LYS 113 113 113 LYS LYS A . n 
A 1 114 CYS 114 114 114 CYS CYS A . n 
A 1 115 PRO 115 115 115 PRO PRO A . n 
A 1 116 ILE 116 116 116 ILE ILE A . n 
A 1 117 THR 117 117 117 THR THR A . n 
A 1 118 ALA 118 118 118 ALA ALA A . n 
A 1 119 GLU 119 119 119 GLU GLU A . n 
A 1 120 PHE 120 120 120 PHE PHE A . n 
A 1 121 LEU 121 121 121 LEU LEU A . n 
A 1 122 TYR 122 122 122 TYR TYR A . n 
A 1 123 GLN 123 123 123 GLN GLN A . n 
A 1 124 VAL 124 124 124 VAL VAL A . n 
A 1 125 SER 125 125 125 SER SER A . n 
A 1 126 GLN 126 126 126 GLN GLN A . n 
A 1 127 ILE 127 127 127 ILE ILE A . n 
A 1 128 ASN 128 128 128 ASN ASN A . n 
A 1 129 GLU 129 129 129 GLU GLU A . n 
A 1 130 ASN 130 130 130 ASN ASN A . n 
A 1 131 VAL 131 131 131 VAL VAL A . n 
A 1 132 LYS 132 132 132 LYS LYS A . n 
A 1 133 LEU 133 133 133 LEU LEU A . n 
A 1 134 GLU 134 134 134 GLU GLU A . n 
A 1 135 ILE 135 135 135 ILE ILE A . n 
A 1 136 TYR 136 136 136 TYR TYR A . n 
A 1 137 ASP 137 137 137 ASP ASP A . n 
A 1 138 ALA 138 138 138 ALA ALA A . n 
A 1 139 THR 139 139 139 THR THR A . n 
A 1 140 GLU 140 140 140 GLU GLU A . n 
A 1 141 TYR 141 141 141 TYR TYR A . n 
A 1 142 GLU 142 142 142 GLU GLU A . n 
A 1 143 GLU 143 143 143 GLU GLU A . n 
A 1 144 GLU 144 144 144 GLU GLU A . n 
A 1 145 ARG 145 145 145 ARG ARG A . n 
A 1 146 ASP 146 146 146 ASP ASP A . n 
A 1 147 LYS 147 147 147 LYS LYS A . n 
A 1 148 TYR 148 148 148 TYR TYR A . n 
A 1 149 ARG 149 149 149 ARG ARG A . n 
A 1 150 VAL 150 150 150 VAL VAL A . n 
A 1 151 LEU 151 151 151 LEU LEU A . n 
A 1 152 SER 152 152 152 SER SER A . n 
A 1 153 VAL 153 153 153 VAL VAL A . n 
A 1 154 PRO 154 154 154 PRO PRO A . n 
A 1 155 LYS 155 155 155 LYS LYS A . n 
A 1 156 ILE 156 156 156 ILE ILE A . n 
A 1 157 ILE 157 157 157 ILE ILE A . n 
A 1 158 PHE 158 158 158 PHE PHE A . n 
A 1 159 ASN 159 159 159 ASN ASN A . n 
A 1 160 ASP 160 160 160 ASP ASP A . n 
A 1 161 LYS 161 161 161 LYS LYS A . n 
A 1 162 VAL 162 162 162 VAL VAL A . n 
A 1 163 GLU 163 163 163 GLU GLU A . n 
A 1 164 ILE 164 164 164 ILE ILE A . n 
A 1 165 PRO 165 165 165 PRO PRO A . n 
A 1 166 GLY 166 166 166 GLY GLY A . n 
A 1 167 ASP 167 167 ?   ?   ?   A . n 
A 1 168 SER 168 168 ?   ?   ?   A . n 
A 1 169 LEU 169 169 ?   ?   ?   A . n 
A 1 170 GLN 170 170 ?   ?   ?   A . n 
A 1 171 LEU 171 171 ?   ?   ?   A . n 
A 1 172 LEU 172 172 ?   ?   ?   A . n 
A 1 173 GLU 173 173 ?   ?   ?   A . n 
A 1 174 HIS 174 174 ?   ?   ?   A . n 
A 1 175 HIS 175 175 ?   ?   ?   A . n 
A 1 176 HIS 176 176 ?   ?   ?   A . n 
A 1 177 HIS 177 177 ?   ?   ?   A . n 
A 1 178 HIS 178 178 ?   ?   ?   A . n 
A 1 179 HIS 179 179 ?   ?   ?   A . n 
# 
loop_
_pdbx_nonpoly_scheme.asym_id 
_pdbx_nonpoly_scheme.entity_id 
_pdbx_nonpoly_scheme.mon_id 
_pdbx_nonpoly_scheme.ndb_seq_num 
_pdbx_nonpoly_scheme.pdb_seq_num 
_pdbx_nonpoly_scheme.auth_seq_num 
_pdbx_nonpoly_scheme.pdb_mon_id 
_pdbx_nonpoly_scheme.auth_mon_id 
_pdbx_nonpoly_scheme.pdb_strand_id 
_pdbx_nonpoly_scheme.pdb_ins_code 
B 2 GOL 1   300 300 GOL GOL A . 
C 3 HOH 1   401 1   HOH HOH A . 
C 3 HOH 2   402 2   HOH HOH A . 
C 3 HOH 3   403 3   HOH HOH A . 
C 3 HOH 4   404 4   HOH HOH A . 
C 3 HOH 5   405 5   HOH HOH A . 
C 3 HOH 6   406 6   HOH HOH A . 
C 3 HOH 7   407 7   HOH HOH A . 
C 3 HOH 8   408 8   HOH HOH A . 
C 3 HOH 9   409 10  HOH HOH A . 
C 3 HOH 10  410 11  HOH HOH A . 
C 3 HOH 11  411 12  HOH HOH A . 
C 3 HOH 12  412 13  HOH HOH A . 
C 3 HOH 13  413 15  HOH HOH A . 
C 3 HOH 14  414 16  HOH HOH A . 
C 3 HOH 15  415 17  HOH HOH A . 
C 3 HOH 16  416 18  HOH HOH A . 
C 3 HOH 17  417 19  HOH HOH A . 
C 3 HOH 18  418 20  HOH HOH A . 
C 3 HOH 19  419 21  HOH HOH A . 
C 3 HOH 20  420 22  HOH HOH A . 
C 3 HOH 21  421 23  HOH HOH A . 
C 3 HOH 22  422 24  HOH HOH A . 
C 3 HOH 23  423 25  HOH HOH A . 
C 3 HOH 24  424 26  HOH HOH A . 
C 3 HOH 25  425 27  HOH HOH A . 
C 3 HOH 26  426 28  HOH HOH A . 
C 3 HOH 27  427 29  HOH HOH A . 
C 3 HOH 28  428 30  HOH HOH A . 
C 3 HOH 29  429 31  HOH HOH A . 
C 3 HOH 30  430 32  HOH HOH A . 
C 3 HOH 31  431 33  HOH HOH A . 
C 3 HOH 32  432 34  HOH HOH A . 
C 3 HOH 33  433 35  HOH HOH A . 
C 3 HOH 34  434 36  HOH HOH A . 
C 3 HOH 35  435 38  HOH HOH A . 
C 3 HOH 36  436 39  HOH HOH A . 
C 3 HOH 37  437 40  HOH HOH A . 
C 3 HOH 38  438 41  HOH HOH A . 
C 3 HOH 39  439 42  HOH HOH A . 
C 3 HOH 40  440 43  HOH HOH A . 
C 3 HOH 41  441 44  HOH HOH A . 
C 3 HOH 42  442 45  HOH HOH A . 
C 3 HOH 43  443 46  HOH HOH A . 
C 3 HOH 44  444 47  HOH HOH A . 
C 3 HOH 45  445 48  HOH HOH A . 
C 3 HOH 46  446 49  HOH HOH A . 
C 3 HOH 47  447 50  HOH HOH A . 
C 3 HOH 48  448 51  HOH HOH A . 
C 3 HOH 49  449 52  HOH HOH A . 
C 3 HOH 50  450 53  HOH HOH A . 
C 3 HOH 51  451 54  HOH HOH A . 
C 3 HOH 52  452 55  HOH HOH A . 
C 3 HOH 53  453 56  HOH HOH A . 
C 3 HOH 54  454 57  HOH HOH A . 
C 3 HOH 55  455 58  HOH HOH A . 
C 3 HOH 56  456 59  HOH HOH A . 
C 3 HOH 57  457 60  HOH HOH A . 
C 3 HOH 58  458 62  HOH HOH A . 
C 3 HOH 59  459 63  HOH HOH A . 
C 3 HOH 60  460 64  HOH HOH A . 
C 3 HOH 61  461 65  HOH HOH A . 
C 3 HOH 62  462 66  HOH HOH A . 
C 3 HOH 63  463 67  HOH HOH A . 
C 3 HOH 64  464 70  HOH HOH A . 
C 3 HOH 65  465 73  HOH HOH A . 
C 3 HOH 66  466 74  HOH HOH A . 
C 3 HOH 67  467 75  HOH HOH A . 
C 3 HOH 68  468 76  HOH HOH A . 
C 3 HOH 69  469 77  HOH HOH A . 
C 3 HOH 70  470 78  HOH HOH A . 
C 3 HOH 71  471 79  HOH HOH A . 
C 3 HOH 72  472 81  HOH HOH A . 
C 3 HOH 73  473 82  HOH HOH A . 
C 3 HOH 74  474 83  HOH HOH A . 
C 3 HOH 75  475 84  HOH HOH A . 
C 3 HOH 76  476 85  HOH HOH A . 
C 3 HOH 77  477 86  HOH HOH A . 
C 3 HOH 78  478 87  HOH HOH A . 
C 3 HOH 79  479 89  HOH HOH A . 
C 3 HOH 80  480 92  HOH HOH A . 
C 3 HOH 81  481 93  HOH HOH A . 
C 3 HOH 82  482 94  HOH HOH A . 
C 3 HOH 83  483 95  HOH HOH A . 
C 3 HOH 84  484 96  HOH HOH A . 
C 3 HOH 85  485 98  HOH HOH A . 
C 3 HOH 86  486 100 HOH HOH A . 
C 3 HOH 87  487 101 HOH HOH A . 
C 3 HOH 88  488 102 HOH HOH A . 
C 3 HOH 89  489 105 HOH HOH A . 
C 3 HOH 90  490 106 HOH HOH A . 
C 3 HOH 91  491 107 HOH HOH A . 
C 3 HOH 92  492 108 HOH HOH A . 
C 3 HOH 93  493 109 HOH HOH A . 
C 3 HOH 94  494 111 HOH HOH A . 
C 3 HOH 95  495 113 HOH HOH A . 
C 3 HOH 96  496 114 HOH HOH A . 
C 3 HOH 97  497 116 HOH HOH A . 
C 3 HOH 98  498 117 HOH HOH A . 
C 3 HOH 99  499 118 HOH HOH A . 
C 3 HOH 100 500 119 HOH HOH A . 
C 3 HOH 101 501 120 HOH HOH A . 
C 3 HOH 102 502 122 HOH HOH A . 
C 3 HOH 103 503 123 HOH HOH A . 
C 3 HOH 104 504 124 HOH HOH A . 
C 3 HOH 105 505 125 HOH HOH A . 
C 3 HOH 106 506 126 HOH HOH A . 
C 3 HOH 107 507 128 HOH HOH A . 
C 3 HOH 108 508 129 HOH HOH A . 
C 3 HOH 109 509 130 HOH HOH A . 
C 3 HOH 110 510 131 HOH HOH A . 
C 3 HOH 111 511 132 HOH HOH A . 
C 3 HOH 112 512 136 HOH HOH A . 
C 3 HOH 113 513 137 HOH HOH A . 
C 3 HOH 114 514 138 HOH HOH A . 
C 3 HOH 115 515 139 HOH HOH A . 
C 3 HOH 116 516 140 HOH HOH A . 
C 3 HOH 117 517 142 HOH HOH A . 
C 3 HOH 118 518 144 HOH HOH A . 
C 3 HOH 119 519 145 HOH HOH A . 
C 3 HOH 120 520 146 HOH HOH A . 
C 3 HOH 121 521 148 HOH HOH A . 
C 3 HOH 122 522 149 HOH HOH A . 
C 3 HOH 123 523 151 HOH HOH A . 
C 3 HOH 124 524 154 HOH HOH A . 
C 3 HOH 125 525 155 HOH HOH A . 
C 3 HOH 126 526 158 HOH HOH A . 
C 3 HOH 127 527 160 HOH HOH A . 
C 3 HOH 128 528 161 HOH HOH A . 
C 3 HOH 129 529 163 HOH HOH A . 
C 3 HOH 130 530 164 HOH HOH A . 
C 3 HOH 131 531 165 HOH HOH A . 
C 3 HOH 132 532 168 HOH HOH A . 
C 3 HOH 133 533 170 HOH HOH A . 
C 3 HOH 134 534 171 HOH HOH A . 
C 3 HOH 135 535 172 HOH HOH A . 
C 3 HOH 136 536 173 HOH HOH A . 
C 3 HOH 137 537 175 HOH HOH A . 
C 3 HOH 138 538 176 HOH HOH A . 
C 3 HOH 139 539 177 HOH HOH A . 
C 3 HOH 140 540 178 HOH HOH A . 
C 3 HOH 141 541 180 HOH HOH A . 
C 3 HOH 142 542 181 HOH HOH A . 
C 3 HOH 143 543 183 HOH HOH A . 
C 3 HOH 144 544 184 HOH HOH A . 
C 3 HOH 145 545 185 HOH HOH A . 
C 3 HOH 146 546 187 HOH HOH A . 
C 3 HOH 147 547 188 HOH HOH A . 
C 3 HOH 148 548 194 HOH HOH A . 
C 3 HOH 149 549 196 HOH HOH A . 
C 3 HOH 150 550 198 HOH HOH A . 
C 3 HOH 151 551 201 HOH HOH A . 
C 3 HOH 152 552 202 HOH HOH A . 
C 3 HOH 153 553 206 HOH HOH A . 
C 3 HOH 154 554 208 HOH HOH A . 
C 3 HOH 155 555 211 HOH HOH A . 
C 3 HOH 156 556 214 HOH HOH A . 
C 3 HOH 157 557 217 HOH HOH A . 
C 3 HOH 158 558 218 HOH HOH A . 
C 3 HOH 159 559 220 HOH HOH A . 
C 3 HOH 160 560 223 HOH HOH A . 
C 3 HOH 161 561 225 HOH HOH A . 
C 3 HOH 162 562 226 HOH HOH A . 
C 3 HOH 163 563 227 HOH HOH A . 
C 3 HOH 164 564 228 HOH HOH A . 
C 3 HOH 165 565 229 HOH HOH A . 
C 3 HOH 166 566 230 HOH HOH A . 
C 3 HOH 167 567 231 HOH HOH A . 
C 3 HOH 168 568 232 HOH HOH A . 
C 3 HOH 169 569 233 HOH HOH A . 
C 3 HOH 170 570 234 HOH HOH A . 
C 3 HOH 171 571 236 HOH HOH A . 
C 3 HOH 172 572 238 HOH HOH A . 
C 3 HOH 173 573 241 HOH HOH A . 
C 3 HOH 174 574 242 HOH HOH A . 
C 3 HOH 175 575 243 HOH HOH A . 
C 3 HOH 176 576 244 HOH HOH A . 
C 3 HOH 177 577 245 HOH HOH A . 
C 3 HOH 178 578 247 HOH HOH A . 
C 3 HOH 179 579 248 HOH HOH A . 
# 
loop_
_software.name 
_software.classification 
_software.version 
_software.citation_id 
_software.pdbx_ordinal 
CNS      refinement       . ? 1 
HKL-2000 'data reduction' . ? 2 
HKL-2000 'data scaling'   . ? 3 
CNS      phasing          . ? 4 
# 
_cell.entry_id           4MNN 
_cell.length_a           68.909 
_cell.length_b           79.725 
_cell.length_c           67.650 
_cell.angle_alpha        90.00 
_cell.angle_beta         90.00 
_cell.angle_gamma        90.00 
_cell.Z_PDB              8 
_cell.pdbx_unique_axis   ? 
_cell.length_a_esd       ? 
_cell.length_b_esd       ? 
_cell.length_c_esd       ? 
_cell.angle_alpha_esd    ? 
_cell.angle_beta_esd     ? 
_cell.angle_gamma_esd    ? 
# 
_symmetry.entry_id                         4MNN 
_symmetry.space_group_name_H-M             'C 2 2 21' 
_symmetry.pdbx_full_space_group_name_H-M   ? 
_symmetry.cell_setting                     ? 
_symmetry.Int_Tables_number                20 
_symmetry.space_group_name_Hall            ? 
# 
_exptl.entry_id          4MNN 
_exptl.method            'X-RAY DIFFRACTION' 
_exptl.crystals_number   1 
# 
_exptl_crystal.id                    1 
_exptl_crystal.density_meas          ? 
_exptl_crystal.density_Matthews      2.21 
_exptl_crystal.density_percent_sol   44.33 
_exptl_crystal.description           ? 
_exptl_crystal.F_000                 ? 
_exptl_crystal.preparation           ? 
# 
_exptl_crystal_grow.crystal_id      1 
_exptl_crystal_grow.method          'VAPOR DIFFUSION, HANGING DROP' 
_exptl_crystal_grow.temp            298.0 
_exptl_crystal_grow.temp_details    ? 
_exptl_crystal_grow.pH              6.0 
_exptl_crystal_grow.pdbx_details    '13 % PEG 20000, 0.1 M MES buffer, pH 6.0, VAPOR DIFFUSION, HANGING DROP, temperature 298.0K' 
_exptl_crystal_grow.pdbx_pH_range   ? 
# 
_diffrn.id                     1 
_diffrn.ambient_temp           100 
_diffrn.ambient_temp_details   ? 
_diffrn.crystal_id             1 
# 
_diffrn_detector.diffrn_id              1 
_diffrn_detector.detector               CCD 
_diffrn_detector.type                   'MAR CCD 165 mm' 
_diffrn_detector.pdbx_collection_date   2008-05-15 
_diffrn_detector.details                ? 
# 
_diffrn_radiation.diffrn_id                        1 
_diffrn_radiation.wavelength_id                    1 
_diffrn_radiation.pdbx_monochromatic_or_laue_m_l   M 
_diffrn_radiation.monochromator                    GRAPHITE 
_diffrn_radiation.pdbx_diffrn_protocol             'SINGLE WAVELENGTH' 
_diffrn_radiation.pdbx_scattering_type             x-ray 
# 
_diffrn_radiation_wavelength.id           1 
_diffrn_radiation_wavelength.wavelength   1.100 
_diffrn_radiation_wavelength.wt           1.0 
# 
_diffrn_source.diffrn_id                   1 
_diffrn_source.source                      SYNCHROTRON 
_diffrn_source.type                        'ELETTRA BEAMLINE 5.2R' 
_diffrn_source.pdbx_synchrotron_site       ELETTRA 
_diffrn_source.pdbx_synchrotron_beamline   5.2R 
_diffrn_source.pdbx_wavelength             ? 
_diffrn_source.pdbx_wavelength_list        1.100 
# 
_reflns.entry_id                     4MNN 
_reflns.observed_criterion_sigma_I   ? 
_reflns.observed_criterion_sigma_F   ? 
_reflns.d_resolution_low             50.00 
_reflns.d_resolution_high            1.80 
_reflns.number_obs                   17444 
_reflns.number_all                   17444 
_reflns.percent_possible_obs         98.7 
_reflns.pdbx_Rmerge_I_obs            0.037 
_reflns.pdbx_Rsym_value              ? 
_reflns.pdbx_netI_over_sigmaI        35.0 
_reflns.B_iso_Wilson_estimate        ? 
_reflns.pdbx_redundancy              5.4 
_reflns.R_free_details               ? 
_reflns.limit_h_max                  ? 
_reflns.limit_h_min                  ? 
_reflns.limit_k_max                  ? 
_reflns.limit_k_min                  ? 
_reflns.limit_l_max                  ? 
_reflns.limit_l_min                  ? 
_reflns.observed_criterion_F_max     ? 
_reflns.observed_criterion_F_min     ? 
_reflns.pdbx_chi_squared             ? 
_reflns.pdbx_scaling_rejects         ? 
_reflns.pdbx_ordinal                 1 
_reflns.pdbx_diffrn_id               1 
# 
_reflns_shell.d_res_high             1.80 
_reflns_shell.d_res_low              1.86 
_reflns_shell.percent_possible_all   90.0 
_reflns_shell.Rmerge_I_obs           0.188 
_reflns_shell.pdbx_Rsym_value        ? 
_reflns_shell.meanI_over_sigI_obs    4.5 
_reflns_shell.pdbx_redundancy        4.9 
_reflns_shell.percent_possible_obs   ? 
_reflns_shell.number_unique_all      1594 
_reflns_shell.number_measured_all    ? 
_reflns_shell.number_measured_obs    ? 
_reflns_shell.number_unique_obs      ? 
_reflns_shell.pdbx_chi_squared       ? 
_reflns_shell.pdbx_ordinal           1 
_reflns_shell.pdbx_diffrn_id         1 
# 
_refine.entry_id                                 4MNN 
_refine.ls_number_reflns_obs                     16857 
_refine.ls_number_reflns_all                     16857 
_refine.pdbx_ls_sigma_I                          ? 
_refine.pdbx_ls_sigma_F                          0.0 
_refine.pdbx_data_cutoff_high_absF               ? 
_refine.pdbx_data_cutoff_low_absF                ? 
_refine.pdbx_data_cutoff_high_rms_absF           ? 
_refine.ls_d_res_low                             20.00 
_refine.ls_d_res_high                            1.80 
_refine.ls_percent_reflns_obs                    95.6 
_refine.ls_R_factor_obs                          ? 
_refine.ls_R_factor_all                          ? 
_refine.ls_R_factor_R_work                       0.193 
_refine.ls_R_factor_R_free                       0.235 
_refine.ls_R_factor_R_free_error                 ? 
_refine.ls_R_factor_R_free_error_details         ? 
_refine.ls_percent_reflns_R_free                 ? 
_refine.ls_number_reflns_R_free                  810 
_refine.ls_number_parameters                     ? 
_refine.ls_number_restraints                     ? 
_refine.occupancy_min                            ? 
_refine.occupancy_max                            ? 
_refine.correlation_coeff_Fo_to_Fc               ? 
_refine.correlation_coeff_Fo_to_Fc_free          ? 
_refine.B_iso_mean                               ? 
_refine.aniso_B[1][1]                            ? 
_refine.aniso_B[2][2]                            ? 
_refine.aniso_B[3][3]                            ? 
_refine.aniso_B[1][2]                            ? 
_refine.aniso_B[1][3]                            ? 
_refine.aniso_B[2][3]                            ? 
_refine.solvent_model_details                    ? 
_refine.solvent_model_param_ksol                 ? 
_refine.solvent_model_param_bsol                 ? 
_refine.pdbx_solvent_vdw_probe_radii             ? 
_refine.pdbx_solvent_ion_probe_radii             ? 
_refine.pdbx_solvent_shrinkage_radii             ? 
_refine.pdbx_ls_cross_valid_method               ? 
_refine.details                                  ? 
_refine.pdbx_starting_model                      'pdb entry 2AYT' 
_refine.pdbx_method_to_determine_struct          'MOLECULAR REPLACEMENT' 
_refine.pdbx_isotropic_thermal_model             ? 
_refine.pdbx_stereochemistry_target_values       'Engh & Huber' 
_refine.pdbx_stereochem_target_val_spec_case     ? 
_refine.pdbx_R_Free_selection_details            RANDOM 
_refine.pdbx_overall_ESU_R                       ? 
_refine.pdbx_overall_ESU_R_Free                  ? 
_refine.overall_SU_ML                            ? 
_refine.pdbx_overall_phase_error                 ? 
_refine.overall_SU_B                             ? 
_refine.overall_SU_R_Cruickshank_DPI             ? 
_refine.ls_redundancy_reflns_obs                 ? 
_refine.B_iso_min                                ? 
_refine.B_iso_max                                ? 
_refine.overall_SU_R_free                        ? 
_refine.ls_wR_factor_R_free                      ? 
_refine.ls_wR_factor_R_work                      ? 
_refine.overall_FOM_free_R_set                   ? 
_refine.overall_FOM_work_R_set                   ? 
_refine.pdbx_diffrn_id                           1 
_refine.pdbx_refine_id                           'X-RAY DIFFRACTION' 
_refine.pdbx_TLS_residual_ADP_flag               ? 
_refine.pdbx_overall_SU_R_free_Cruickshank_DPI   ? 
_refine.pdbx_overall_SU_R_Blow_DPI               ? 
_refine.pdbx_overall_SU_R_free_Blow_DPI          ? 
# 
_refine_hist.pdbx_refine_id                   'X-RAY DIFFRACTION' 
_refine_hist.cycle_id                         LAST 
_refine_hist.pdbx_number_atoms_protein        1357 
_refine_hist.pdbx_number_atoms_nucleic_acid   0 
_refine_hist.pdbx_number_atoms_ligand         6 
_refine_hist.number_atoms_solvent             179 
_refine_hist.number_atoms_total               1542 
_refine_hist.d_res_high                       1.80 
_refine_hist.d_res_low                        20.00 
# 
loop_
_refine_ls_restr.type 
_refine_ls_restr.dev_ideal 
_refine_ls_restr.dev_ideal_target 
_refine_ls_restr.weight 
_refine_ls_restr.number 
_refine_ls_restr.pdbx_restraint_function 
_refine_ls_restr.pdbx_refine_id 
c_angle_deg 1.7   ? ? ? ? 'X-RAY DIFFRACTION' 
c_bond_d    0.014 ? ? ? ? 'X-RAY DIFFRACTION' 
# 
_struct.entry_id                  4MNN 
_struct.title                     'The crystal structure of Sso1120 from Sulfolobus solfataricus' 
_struct.pdbx_model_details        ? 
_struct.pdbx_CASP_flag            ? 
_struct.pdbx_model_type_details   ? 
# 
_struct_keywords.entry_id        4MNN 
_struct_keywords.pdbx_keywords   OXIDOREDUCTASE 
_struct_keywords.text            'Thioredoxin fold, Protein Disulfide Oxidoreductase and Disulfide bond, OXIDOREDUCTASE' 
# 
loop_
_struct_asym.id 
_struct_asym.pdbx_blank_PDB_chainid_flag 
_struct_asym.pdbx_modified 
_struct_asym.entity_id 
_struct_asym.details 
A N N 1 ? 
B N N 2 ? 
C N N 3 ? 
# 
_struct_ref.id                         1 
_struct_ref.db_name                    UNP 
_struct_ref.db_code                    Q97Z21_SULSO 
_struct_ref.pdbx_db_accession          Q97Z21 
_struct_ref.entity_id                  1 
_struct_ref.pdbx_seq_one_letter_code   
;MSYDYVIKEYLNAIKKGDITIQQCNGDSLFHEFKNYVNVETLNNCKKPLVKVKRGDRVYYTYYGIPIANELWPFLNSLVR
ISNNVVNLDEREVELAKQVRGSVKLFVTPDCTKCPITAEFLYQVSQINENVKLEIYDATEYEEERDKYRVLSVPKIIFND
KVEIPGDSLQL
;
_struct_ref.pdbx_align_begin           1 
_struct_ref.pdbx_db_isoform            ? 
# 
_struct_ref_seq.align_id                      1 
_struct_ref_seq.ref_id                        1 
_struct_ref_seq.pdbx_PDB_id_code              4MNN 
_struct_ref_seq.pdbx_strand_id                A 
_struct_ref_seq.seq_align_beg                 1 
_struct_ref_seq.pdbx_seq_align_beg_ins_code   ? 
_struct_ref_seq.seq_align_end                 171 
_struct_ref_seq.pdbx_seq_align_end_ins_code   ? 
_struct_ref_seq.pdbx_db_accession             Q97Z21 
_struct_ref_seq.db_align_beg                  1 
_struct_ref_seq.pdbx_db_align_beg_ins_code    ? 
_struct_ref_seq.db_align_end                  171 
_struct_ref_seq.pdbx_db_align_end_ins_code    ? 
_struct_ref_seq.pdbx_auth_seq_align_beg       1 
_struct_ref_seq.pdbx_auth_seq_align_end       171 
# 
loop_
_struct_ref_seq_dif.align_id 
_struct_ref_seq_dif.pdbx_pdb_id_code 
_struct_ref_seq_dif.mon_id 
_struct_ref_seq_dif.pdbx_pdb_strand_id 
_struct_ref_seq_dif.seq_num 
_struct_ref_seq_dif.pdbx_pdb_ins_code 
_struct_ref_seq_dif.pdbx_seq_db_name 
_struct_ref_seq_dif.pdbx_seq_db_accession_code 
_struct_ref_seq_dif.db_mon_id 
_struct_ref_seq_dif.pdbx_seq_db_seq_num 
_struct_ref_seq_dif.details 
_struct_ref_seq_dif.pdbx_auth_seq_num 
_struct_ref_seq_dif.pdbx_ordinal 
1 4MNN LEU A 172 ? UNP Q97Z21 ? ? 'expression tag' 172 1 
1 4MNN GLU A 173 ? UNP Q97Z21 ? ? 'expression tag' 173 2 
1 4MNN HIS A 174 ? UNP Q97Z21 ? ? 'expression tag' 174 3 
1 4MNN HIS A 175 ? UNP Q97Z21 ? ? 'expression tag' 175 4 
1 4MNN HIS A 176 ? UNP Q97Z21 ? ? 'expression tag' 176 5 
1 4MNN HIS A 177 ? UNP Q97Z21 ? ? 'expression tag' 177 6 
1 4MNN HIS A 178 ? UNP Q97Z21 ? ? 'expression tag' 178 7 
1 4MNN HIS A 179 ? UNP Q97Z21 ? ? 'expression tag' 179 8 
# 
loop_
_pdbx_struct_assembly.id 
_pdbx_struct_assembly.details 
_pdbx_struct_assembly.method_details 
_pdbx_struct_assembly.oligomeric_details 
_pdbx_struct_assembly.oligomeric_count 
1 author_defined_assembly   ?    monomeric 1 
2 software_defined_assembly PISA dimeric   2 
# 
loop_
_pdbx_struct_assembly_prop.biol_id 
_pdbx_struct_assembly_prop.type 
_pdbx_struct_assembly_prop.value 
_pdbx_struct_assembly_prop.details 
2 'ABSA (A^2)' 1920  ? 
2 MORE         -13   ? 
2 'SSA (A^2)'  17070 ? 
# 
loop_
_pdbx_struct_assembly_gen.assembly_id 
_pdbx_struct_assembly_gen.oper_expression 
_pdbx_struct_assembly_gen.asym_id_list 
1 1   A,B,C 
2 1,2 A,B,C 
# 
loop_
_pdbx_struct_oper_list.id 
_pdbx_struct_oper_list.type 
_pdbx_struct_oper_list.name 
_pdbx_struct_oper_list.symmetry_operation 
_pdbx_struct_oper_list.matrix[1][1] 
_pdbx_struct_oper_list.matrix[1][2] 
_pdbx_struct_oper_list.matrix[1][3] 
_pdbx_struct_oper_list.vector[1] 
_pdbx_struct_oper_list.matrix[2][1] 
_pdbx_struct_oper_list.matrix[2][2] 
_pdbx_struct_oper_list.matrix[2][3] 
_pdbx_struct_oper_list.vector[2] 
_pdbx_struct_oper_list.matrix[3][1] 
_pdbx_struct_oper_list.matrix[3][2] 
_pdbx_struct_oper_list.matrix[3][3] 
_pdbx_struct_oper_list.vector[3] 
1 'identity operation'         1_555 x,y,z       1.0000000000  0.0000000000  0.0000000000 0.0000000000  0.0000000000  1.0000000000 0.0000000000  0.0000000000 0.0000000000 0.0000000000  1.0000000000  0.0000000000   
2 'crystal symmetry operation' 4_566 x,-y+1,-z+1 -0.8919289414 -0.4521379493 0.0058342424 30.4229555281 -0.4521379493 0.8916139784 -0.0244087774 7.0345700117 0.0058342424 -0.0244087774 -0.9996850370 -18.3819840976 
# 
_struct_biol.id        1 
_struct_biol.details   ? 
# 
loop_
_struct_conf.conf_type_id 
_struct_conf.id 
_struct_conf.pdbx_PDB_helix_id 
_struct_conf.beg_label_comp_id 
_struct_conf.beg_label_asym_id 
_struct_conf.beg_label_seq_id 
_struct_conf.pdbx_beg_PDB_ins_code 
_struct_conf.end_label_comp_id 
_struct_conf.end_label_asym_id 
_struct_conf.end_label_seq_id 
_struct_conf.pdbx_end_PDB_ins_code 
_struct_conf.beg_auth_comp_id 
_struct_conf.beg_auth_asym_id 
_struct_conf.beg_auth_seq_id 
_struct_conf.end_auth_comp_id 
_struct_conf.end_auth_asym_id 
_struct_conf.end_auth_seq_id 
_struct_conf.pdbx_PDB_helix_class 
_struct_conf.details 
_struct_conf.pdbx_PDB_helix_length 
HELX_P HELX_P1 1 TYR A 3   ? ASN A 12  ? TYR A 3   ASN A 12  1 ? 10 
HELX_P HELX_P2 2 ALA A 13  ? GLY A 17  ? ALA A 13  GLY A 17  5 ? 5  
HELX_P HELX_P3 3 GLY A 26  ? LYS A 34  ? GLY A 26  LYS A 34  1 ? 9  
HELX_P HELX_P4 4 ILE A 67  ? ASN A 69  ? ILE A 67  ASN A 69  5 ? 3  
HELX_P HELX_P5 5 GLU A 70  ? ASN A 84  ? GLU A 70  ASN A 84  1 ? 15 
HELX_P HELX_P6 6 ASP A 89  ? LYS A 97  ? ASP A 89  LYS A 97  1 ? 9  
HELX_P HELX_P7 7 LYS A 113 ? ASN A 128 ? LYS A 113 ASN A 128 1 ? 16 
HELX_P HELX_P8 8 TYR A 141 ? TYR A 148 ? TYR A 141 TYR A 148 1 ? 8  
# 
_struct_conf_type.id          HELX_P 
_struct_conf_type.criteria    ? 
_struct_conf_type.reference   ? 
# 
loop_
_struct_conn.id 
_struct_conn.conn_type_id 
_struct_conn.pdbx_leaving_atom_flag 
_struct_conn.pdbx_PDB_id 
_struct_conn.ptnr1_label_asym_id 
_struct_conn.ptnr1_label_comp_id 
_struct_conn.ptnr1_label_seq_id 
_struct_conn.ptnr1_label_atom_id 
_struct_conn.pdbx_ptnr1_label_alt_id 
_struct_conn.pdbx_ptnr1_PDB_ins_code 
_struct_conn.pdbx_ptnr1_standard_comp_id 
_struct_conn.ptnr1_symmetry 
_struct_conn.ptnr2_label_asym_id 
_struct_conn.ptnr2_label_comp_id 
_struct_conn.ptnr2_label_seq_id 
_struct_conn.ptnr2_label_atom_id 
_struct_conn.pdbx_ptnr2_label_alt_id 
_struct_conn.pdbx_ptnr2_PDB_ins_code 
_struct_conn.ptnr1_auth_asym_id 
_struct_conn.ptnr1_auth_comp_id 
_struct_conn.ptnr1_auth_seq_id 
_struct_conn.ptnr2_auth_asym_id 
_struct_conn.ptnr2_auth_comp_id 
_struct_conn.ptnr2_auth_seq_id 
_struct_conn.ptnr2_symmetry 
_struct_conn.pdbx_ptnr3_label_atom_id 
_struct_conn.pdbx_ptnr3_label_seq_id 
_struct_conn.pdbx_ptnr3_label_comp_id 
_struct_conn.pdbx_ptnr3_label_asym_id 
_struct_conn.pdbx_ptnr3_label_alt_id 
_struct_conn.pdbx_ptnr3_PDB_ins_code 
_struct_conn.details 
_struct_conn.pdbx_dist_value 
_struct_conn.pdbx_value_order 
_struct_conn.pdbx_role 
disulf1 disulf ? ? A CYS 24  SG ? ? ? 1_555 A CYS 45  SG ? ? A CYS 24  A CYS 45  1_555 ? ? ? ? ? ? ? 2.046 ? ? 
disulf2 disulf ? ? A CYS 111 SG ? ? ? 1_555 A CYS 114 SG ? ? A CYS 111 A CYS 114 1_555 ? ? ? ? ? ? ? 2.078 ? ? 
# 
_struct_conn_type.id          disulf 
_struct_conn_type.criteria    ? 
_struct_conn_type.reference   ? 
# 
loop_
_pdbx_modification_feature.ordinal 
_pdbx_modification_feature.label_comp_id 
_pdbx_modification_feature.label_asym_id 
_pdbx_modification_feature.label_seq_id 
_pdbx_modification_feature.label_alt_id 
_pdbx_modification_feature.modified_residue_label_comp_id 
_pdbx_modification_feature.modified_residue_label_asym_id 
_pdbx_modification_feature.modified_residue_label_seq_id 
_pdbx_modification_feature.modified_residue_label_alt_id 
_pdbx_modification_feature.auth_comp_id 
_pdbx_modification_feature.auth_asym_id 
_pdbx_modification_feature.auth_seq_id 
_pdbx_modification_feature.PDB_ins_code 
_pdbx_modification_feature.symmetry 
_pdbx_modification_feature.modified_residue_auth_comp_id 
_pdbx_modification_feature.modified_residue_auth_asym_id 
_pdbx_modification_feature.modified_residue_auth_seq_id 
_pdbx_modification_feature.modified_residue_PDB_ins_code 
_pdbx_modification_feature.modified_residue_symmetry 
_pdbx_modification_feature.comp_id_linking_atom 
_pdbx_modification_feature.modified_residue_id_linking_atom 
_pdbx_modification_feature.modified_residue_id 
_pdbx_modification_feature.ref_pcm_id 
_pdbx_modification_feature.ref_comp_id 
_pdbx_modification_feature.type 
_pdbx_modification_feature.category 
1 CYS A 24  ? CYS A 45  ? CYS A 24  ? 1_555 CYS A 45  ? 1_555 SG SG . . . None 'Disulfide bridge' 
2 CYS A 111 ? CYS A 114 ? CYS A 111 ? 1_555 CYS A 114 ? 1_555 SG SG . . . None 'Disulfide bridge' 
# 
_struct_mon_prot_cis.pdbx_id                1 
_struct_mon_prot_cis.label_comp_id          VAL 
_struct_mon_prot_cis.label_seq_id           153 
_struct_mon_prot_cis.label_asym_id          A 
_struct_mon_prot_cis.label_alt_id           . 
_struct_mon_prot_cis.pdbx_PDB_ins_code      ? 
_struct_mon_prot_cis.auth_comp_id           VAL 
_struct_mon_prot_cis.auth_seq_id            153 
_struct_mon_prot_cis.auth_asym_id           A 
_struct_mon_prot_cis.pdbx_label_comp_id_2   PRO 
_struct_mon_prot_cis.pdbx_label_seq_id_2    154 
_struct_mon_prot_cis.pdbx_label_asym_id_2   A 
_struct_mon_prot_cis.pdbx_PDB_ins_code_2    ? 
_struct_mon_prot_cis.pdbx_auth_comp_id_2    PRO 
_struct_mon_prot_cis.pdbx_auth_seq_id_2     154 
_struct_mon_prot_cis.pdbx_auth_asym_id_2    A 
_struct_mon_prot_cis.pdbx_PDB_model_num     1 
_struct_mon_prot_cis.pdbx_omega_angle       -0.61 
# 
_struct_sheet.id               A 
_struct_sheet.type             ? 
_struct_sheet.number_strands   7 
_struct_sheet.details          ? 
# 
loop_
_struct_sheet_order.sheet_id 
_struct_sheet_order.range_id_1 
_struct_sheet_order.range_id_2 
_struct_sheet_order.offset 
_struct_sheet_order.sense 
A 1 2 ? parallel      
A 2 3 ? anti-parallel 
A 3 4 ? anti-parallel 
A 4 5 ? parallel      
A 5 6 ? parallel      
A 6 7 ? anti-parallel 
# 
loop_
_struct_sheet_range.sheet_id 
_struct_sheet_range.id 
_struct_sheet_range.beg_label_comp_id 
_struct_sheet_range.beg_label_asym_id 
_struct_sheet_range.beg_label_seq_id 
_struct_sheet_range.pdbx_beg_PDB_ins_code 
_struct_sheet_range.end_label_comp_id 
_struct_sheet_range.end_label_asym_id 
_struct_sheet_range.end_label_seq_id 
_struct_sheet_range.pdbx_end_PDB_ins_code 
_struct_sheet_range.beg_auth_comp_id 
_struct_sheet_range.beg_auth_asym_id 
_struct_sheet_range.beg_auth_seq_id 
_struct_sheet_range.end_auth_comp_id 
_struct_sheet_range.end_auth_asym_id 
_struct_sheet_range.end_auth_seq_id 
A 1 ASN A 38  ? THR A 41  ? ASN A 38  THR A 41  
A 2 ILE A 19  ? CYS A 24  ? ILE A 19  CYS A 24  
A 3 LEU A 49  ? ARG A 54  ? LEU A 49  ARG A 54  
A 4 ARG A 57  ? TYR A 63  ? ARG A 57  TYR A 63  
A 5 VAL A 131 ? ASP A 137 ? VAL A 131 ASP A 137 
A 6 GLY A 101 ? VAL A 107 ? GLY A 101 VAL A 107 
A 7 LYS A 155 ? PHE A 158 ? LYS A 155 PHE A 158 
# 
loop_
_pdbx_struct_sheet_hbond.sheet_id 
_pdbx_struct_sheet_hbond.range_id_1 
_pdbx_struct_sheet_hbond.range_id_2 
_pdbx_struct_sheet_hbond.range_1_label_atom_id 
_pdbx_struct_sheet_hbond.range_1_label_comp_id 
_pdbx_struct_sheet_hbond.range_1_label_asym_id 
_pdbx_struct_sheet_hbond.range_1_label_seq_id 
_pdbx_struct_sheet_hbond.range_1_PDB_ins_code 
_pdbx_struct_sheet_hbond.range_1_auth_atom_id 
_pdbx_struct_sheet_hbond.range_1_auth_comp_id 
_pdbx_struct_sheet_hbond.range_1_auth_asym_id 
_pdbx_struct_sheet_hbond.range_1_auth_seq_id 
_pdbx_struct_sheet_hbond.range_2_label_atom_id 
_pdbx_struct_sheet_hbond.range_2_label_comp_id 
_pdbx_struct_sheet_hbond.range_2_label_asym_id 
_pdbx_struct_sheet_hbond.range_2_label_seq_id 
_pdbx_struct_sheet_hbond.range_2_PDB_ins_code 
_pdbx_struct_sheet_hbond.range_2_auth_atom_id 
_pdbx_struct_sheet_hbond.range_2_auth_comp_id 
_pdbx_struct_sheet_hbond.range_2_auth_asym_id 
_pdbx_struct_sheet_hbond.range_2_auth_seq_id 
A 1 2 O GLU A 40  ? O GLU A 40  N ILE A 21  ? N ILE A 21  
A 2 3 N GLN A 22  ? N GLN A 22  O LYS A 51  ? O LYS A 51  
A 3 4 N VAL A 50  ? N VAL A 50  O TYR A 62  ? O TYR A 62  
A 4 5 N TYR A 63  ? N TYR A 63  O ILE A 135 ? O ILE A 135 
A 5 6 O TYR A 136 ? O TYR A 136 N LEU A 105 ? N LEU A 105 
A 6 7 N LYS A 104 ? N LYS A 104 O ILE A 157 ? O ILE A 157 
# 
_struct_site.id                   AC1 
_struct_site.pdbx_evidence_code   Software 
_struct_site.pdbx_auth_asym_id    A 
_struct_site.pdbx_auth_comp_id    GOL 
_struct_site.pdbx_auth_seq_id     300 
_struct_site.pdbx_auth_ins_code   ? 
_struct_site.pdbx_num_residues    7 
_struct_site.details              'BINDING SITE FOR RESIDUE GOL A 300' 
# 
loop_
_struct_site_gen.id 
_struct_site_gen.site_id 
_struct_site_gen.pdbx_num_res 
_struct_site_gen.label_comp_id 
_struct_site_gen.label_asym_id 
_struct_site_gen.label_seq_id 
_struct_site_gen.pdbx_auth_ins_code 
_struct_site_gen.auth_comp_id 
_struct_site_gen.auth_asym_id 
_struct_site_gen.auth_seq_id 
_struct_site_gen.label_atom_id 
_struct_site_gen.label_alt_id 
_struct_site_gen.symmetry 
_struct_site_gen.details 
1 AC1 7 ASN A 25  ? ASN A 25  . ? 6_555 ? 
2 AC1 7 GLY A 26  ? GLY A 26  . ? 6_555 ? 
3 AC1 7 ASP A 27  ? ASP A 27  . ? 6_555 ? 
4 AC1 7 SER A 152 ? SER A 152 . ? 1_555 ? 
5 AC1 7 HOH C .   ? HOH A 479 . ? 6_555 ? 
6 AC1 7 HOH C .   ? HOH A 480 . ? 1_555 ? 
7 AC1 7 HOH C .   ? HOH A 496 . ? 1_555 ? 
# 
_pdbx_entry_details.entry_id                   4MNN 
_pdbx_entry_details.compound_details           ? 
_pdbx_entry_details.source_details             ? 
_pdbx_entry_details.nonpolymer_details         ? 
_pdbx_entry_details.sequence_details           ? 
_pdbx_entry_details.has_ligand_of_interest     ? 
_pdbx_entry_details.has_protein_modification   Y 
# 
_pdbx_validate_rmsd_angle.id                         1 
_pdbx_validate_rmsd_angle.PDB_model_num              1 
_pdbx_validate_rmsd_angle.auth_atom_id_1             CA 
_pdbx_validate_rmsd_angle.auth_asym_id_1             A 
_pdbx_validate_rmsd_angle.auth_comp_id_1             LEU 
_pdbx_validate_rmsd_angle.auth_seq_id_1              49 
_pdbx_validate_rmsd_angle.PDB_ins_code_1             ? 
_pdbx_validate_rmsd_angle.label_alt_id_1             ? 
_pdbx_validate_rmsd_angle.auth_atom_id_2             CB 
_pdbx_validate_rmsd_angle.auth_asym_id_2             A 
_pdbx_validate_rmsd_angle.auth_comp_id_2             LEU 
_pdbx_validate_rmsd_angle.auth_seq_id_2              49 
_pdbx_validate_rmsd_angle.PDB_ins_code_2             ? 
_pdbx_validate_rmsd_angle.label_alt_id_2             ? 
_pdbx_validate_rmsd_angle.auth_atom_id_3             CG 
_pdbx_validate_rmsd_angle.auth_asym_id_3             A 
_pdbx_validate_rmsd_angle.auth_comp_id_3             LEU 
_pdbx_validate_rmsd_angle.auth_seq_id_3              49 
_pdbx_validate_rmsd_angle.PDB_ins_code_3             ? 
_pdbx_validate_rmsd_angle.label_alt_id_3             ? 
_pdbx_validate_rmsd_angle.angle_value                132.94 
_pdbx_validate_rmsd_angle.angle_target_value         115.30 
_pdbx_validate_rmsd_angle.angle_deviation            17.64 
_pdbx_validate_rmsd_angle.angle_standard_deviation   2.30 
_pdbx_validate_rmsd_angle.linker_flag                N 
# 
loop_
_pdbx_validate_torsion.id 
_pdbx_validate_torsion.PDB_model_num 
_pdbx_validate_torsion.auth_comp_id 
_pdbx_validate_torsion.auth_asym_id 
_pdbx_validate_torsion.auth_seq_id 
_pdbx_validate_torsion.PDB_ins_code 
_pdbx_validate_torsion.label_alt_id 
_pdbx_validate_torsion.phi 
_pdbx_validate_torsion.psi 
1 1 ILE A 14  ? ? -63.98  9.38    
2 1 ILE A 67  ? ? -103.91 -166.51 
3 1 ALA A 68  ? ? 53.47   -136.60 
4 1 LEU A 151 ? ? -116.38 -80.29  
# 
_pdbx_struct_special_symmetry.id              1 
_pdbx_struct_special_symmetry.PDB_model_num   1 
_pdbx_struct_special_symmetry.auth_asym_id    A 
_pdbx_struct_special_symmetry.auth_comp_id    HOH 
_pdbx_struct_special_symmetry.auth_seq_id     576 
_pdbx_struct_special_symmetry.PDB_ins_code    ? 
_pdbx_struct_special_symmetry.label_asym_id   C 
_pdbx_struct_special_symmetry.label_comp_id   HOH 
_pdbx_struct_special_symmetry.label_seq_id    . 
# 
loop_
_pdbx_unobs_or_zero_occ_residues.id 
_pdbx_unobs_or_zero_occ_residues.PDB_model_num 
_pdbx_unobs_or_zero_occ_residues.polymer_flag 
_pdbx_unobs_or_zero_occ_residues.occupancy_flag 
_pdbx_unobs_or_zero_occ_residues.auth_asym_id 
_pdbx_unobs_or_zero_occ_residues.auth_comp_id 
_pdbx_unobs_or_zero_occ_residues.auth_seq_id 
_pdbx_unobs_or_zero_occ_residues.PDB_ins_code 
_pdbx_unobs_or_zero_occ_residues.label_asym_id 
_pdbx_unobs_or_zero_occ_residues.label_comp_id 
_pdbx_unobs_or_zero_occ_residues.label_seq_id 
1  1 Y 1 A MET 1   ? A MET 1   
2  1 Y 1 A ASP 167 ? A ASP 167 
3  1 Y 1 A SER 168 ? A SER 168 
4  1 Y 1 A LEU 169 ? A LEU 169 
5  1 Y 1 A GLN 170 ? A GLN 170 
6  1 Y 1 A LEU 171 ? A LEU 171 
7  1 Y 1 A LEU 172 ? A LEU 172 
8  1 Y 1 A GLU 173 ? A GLU 173 
9  1 Y 1 A HIS 174 ? A HIS 174 
10 1 Y 1 A HIS 175 ? A HIS 175 
11 1 Y 1 A HIS 176 ? A HIS 176 
12 1 Y 1 A HIS 177 ? A HIS 177 
13 1 Y 1 A HIS 178 ? A HIS 178 
14 1 Y 1 A HIS 179 ? A HIS 179 
# 
loop_
_chem_comp_atom.comp_id 
_chem_comp_atom.atom_id 
_chem_comp_atom.type_symbol 
_chem_comp_atom.pdbx_aromatic_flag 
_chem_comp_atom.pdbx_stereo_config 
_chem_comp_atom.pdbx_ordinal 
ALA N    N N N 1   
ALA CA   C N S 2   
ALA C    C N N 3   
ALA O    O N N 4   
ALA CB   C N N 5   
ALA OXT  O N N 6   
ALA H    H N N 7   
ALA H2   H N N 8   
ALA HA   H N N 9   
ALA HB1  H N N 10  
ALA HB2  H N N 11  
ALA HB3  H N N 12  
ALA HXT  H N N 13  
ARG N    N N N 14  
ARG CA   C N S 15  
ARG C    C N N 16  
ARG O    O N N 17  
ARG CB   C N N 18  
ARG CG   C N N 19  
ARG CD   C N N 20  
ARG NE   N N N 21  
ARG CZ   C N N 22  
ARG NH1  N N N 23  
ARG NH2  N N N 24  
ARG OXT  O N N 25  
ARG H    H N N 26  
ARG H2   H N N 27  
ARG HA   H N N 28  
ARG HB2  H N N 29  
ARG HB3  H N N 30  
ARG HG2  H N N 31  
ARG HG3  H N N 32  
ARG HD2  H N N 33  
ARG HD3  H N N 34  
ARG HE   H N N 35  
ARG HH11 H N N 36  
ARG HH12 H N N 37  
ARG HH21 H N N 38  
ARG HH22 H N N 39  
ARG HXT  H N N 40  
ASN N    N N N 41  
ASN CA   C N S 42  
ASN C    C N N 43  
ASN O    O N N 44  
ASN CB   C N N 45  
ASN CG   C N N 46  
ASN OD1  O N N 47  
ASN ND2  N N N 48  
ASN OXT  O N N 49  
ASN H    H N N 50  
ASN H2   H N N 51  
ASN HA   H N N 52  
ASN HB2  H N N 53  
ASN HB3  H N N 54  
ASN HD21 H N N 55  
ASN HD22 H N N 56  
ASN HXT  H N N 57  
ASP N    N N N 58  
ASP CA   C N S 59  
ASP C    C N N 60  
ASP O    O N N 61  
ASP CB   C N N 62  
ASP CG   C N N 63  
ASP OD1  O N N 64  
ASP OD2  O N N 65  
ASP OXT  O N N 66  
ASP H    H N N 67  
ASP H2   H N N 68  
ASP HA   H N N 69  
ASP HB2  H N N 70  
ASP HB3  H N N 71  
ASP HD2  H N N 72  
ASP HXT  H N N 73  
CYS N    N N N 74  
CYS CA   C N R 75  
CYS C    C N N 76  
CYS O    O N N 77  
CYS CB   C N N 78  
CYS SG   S N N 79  
CYS OXT  O N N 80  
CYS H    H N N 81  
CYS H2   H N N 82  
CYS HA   H N N 83  
CYS HB2  H N N 84  
CYS HB3  H N N 85  
CYS HG   H N N 86  
CYS HXT  H N N 87  
GLN N    N N N 88  
GLN CA   C N S 89  
GLN C    C N N 90  
GLN O    O N N 91  
GLN CB   C N N 92  
GLN CG   C N N 93  
GLN CD   C N N 94  
GLN OE1  O N N 95  
GLN NE2  N N N 96  
GLN OXT  O N N 97  
GLN H    H N N 98  
GLN H2   H N N 99  
GLN HA   H N N 100 
GLN HB2  H N N 101 
GLN HB3  H N N 102 
GLN HG2  H N N 103 
GLN HG3  H N N 104 
GLN HE21 H N N 105 
GLN HE22 H N N 106 
GLN HXT  H N N 107 
GLU N    N N N 108 
GLU CA   C N S 109 
GLU C    C N N 110 
GLU O    O N N 111 
GLU CB   C N N 112 
GLU CG   C N N 113 
GLU CD   C N N 114 
GLU OE1  O N N 115 
GLU OE2  O N N 116 
GLU OXT  O N N 117 
GLU H    H N N 118 
GLU H2   H N N 119 
GLU HA   H N N 120 
GLU HB2  H N N 121 
GLU HB3  H N N 122 
GLU HG2  H N N 123 
GLU HG3  H N N 124 
GLU HE2  H N N 125 
GLU HXT  H N N 126 
GLY N    N N N 127 
GLY CA   C N N 128 
GLY C    C N N 129 
GLY O    O N N 130 
GLY OXT  O N N 131 
GLY H    H N N 132 
GLY H2   H N N 133 
GLY HA2  H N N 134 
GLY HA3  H N N 135 
GLY HXT  H N N 136 
GOL C1   C N N 137 
GOL O1   O N N 138 
GOL C2   C N N 139 
GOL O2   O N N 140 
GOL C3   C N N 141 
GOL O3   O N N 142 
GOL H11  H N N 143 
GOL H12  H N N 144 
GOL HO1  H N N 145 
GOL H2   H N N 146 
GOL HO2  H N N 147 
GOL H31  H N N 148 
GOL H32  H N N 149 
GOL HO3  H N N 150 
HIS N    N N N 151 
HIS CA   C N S 152 
HIS C    C N N 153 
HIS O    O N N 154 
HIS CB   C N N 155 
HIS CG   C Y N 156 
HIS ND1  N Y N 157 
HIS CD2  C Y N 158 
HIS CE1  C Y N 159 
HIS NE2  N Y N 160 
HIS OXT  O N N 161 
HIS H    H N N 162 
HIS H2   H N N 163 
HIS HA   H N N 164 
HIS HB2  H N N 165 
HIS HB3  H N N 166 
HIS HD1  H N N 167 
HIS HD2  H N N 168 
HIS HE1  H N N 169 
HIS HE2  H N N 170 
HIS HXT  H N N 171 
HOH O    O N N 172 
HOH H1   H N N 173 
HOH H2   H N N 174 
ILE N    N N N 175 
ILE CA   C N S 176 
ILE C    C N N 177 
ILE O    O N N 178 
ILE CB   C N S 179 
ILE CG1  C N N 180 
ILE CG2  C N N 181 
ILE CD1  C N N 182 
ILE OXT  O N N 183 
ILE H    H N N 184 
ILE H2   H N N 185 
ILE HA   H N N 186 
ILE HB   H N N 187 
ILE HG12 H N N 188 
ILE HG13 H N N 189 
ILE HG21 H N N 190 
ILE HG22 H N N 191 
ILE HG23 H N N 192 
ILE HD11 H N N 193 
ILE HD12 H N N 194 
ILE HD13 H N N 195 
ILE HXT  H N N 196 
LEU N    N N N 197 
LEU CA   C N S 198 
LEU C    C N N 199 
LEU O    O N N 200 
LEU CB   C N N 201 
LEU CG   C N N 202 
LEU CD1  C N N 203 
LEU CD2  C N N 204 
LEU OXT  O N N 205 
LEU H    H N N 206 
LEU H2   H N N 207 
LEU HA   H N N 208 
LEU HB2  H N N 209 
LEU HB3  H N N 210 
LEU HG   H N N 211 
LEU HD11 H N N 212 
LEU HD12 H N N 213 
LEU HD13 H N N 214 
LEU HD21 H N N 215 
LEU HD22 H N N 216 
LEU HD23 H N N 217 
LEU HXT  H N N 218 
LYS N    N N N 219 
LYS CA   C N S 220 
LYS C    C N N 221 
LYS O    O N N 222 
LYS CB   C N N 223 
LYS CG   C N N 224 
LYS CD   C N N 225 
LYS CE   C N N 226 
LYS NZ   N N N 227 
LYS OXT  O N N 228 
LYS H    H N N 229 
LYS H2   H N N 230 
LYS HA   H N N 231 
LYS HB2  H N N 232 
LYS HB3  H N N 233 
LYS HG2  H N N 234 
LYS HG3  H N N 235 
LYS HD2  H N N 236 
LYS HD3  H N N 237 
LYS HE2  H N N 238 
LYS HE3  H N N 239 
LYS HZ1  H N N 240 
LYS HZ2  H N N 241 
LYS HZ3  H N N 242 
LYS HXT  H N N 243 
MET N    N N N 244 
MET CA   C N S 245 
MET C    C N N 246 
MET O    O N N 247 
MET CB   C N N 248 
MET CG   C N N 249 
MET SD   S N N 250 
MET CE   C N N 251 
MET OXT  O N N 252 
MET H    H N N 253 
MET H2   H N N 254 
MET HA   H N N 255 
MET HB2  H N N 256 
MET HB3  H N N 257 
MET HG2  H N N 258 
MET HG3  H N N 259 
MET HE1  H N N 260 
MET HE2  H N N 261 
MET HE3  H N N 262 
MET HXT  H N N 263 
PHE N    N N N 264 
PHE CA   C N S 265 
PHE C    C N N 266 
PHE O    O N N 267 
PHE CB   C N N 268 
PHE CG   C Y N 269 
PHE CD1  C Y N 270 
PHE CD2  C Y N 271 
PHE CE1  C Y N 272 
PHE CE2  C Y N 273 
PHE CZ   C Y N 274 
PHE OXT  O N N 275 
PHE H    H N N 276 
PHE H2   H N N 277 
PHE HA   H N N 278 
PHE HB2  H N N 279 
PHE HB3  H N N 280 
PHE HD1  H N N 281 
PHE HD2  H N N 282 
PHE HE1  H N N 283 
PHE HE2  H N N 284 
PHE HZ   H N N 285 
PHE HXT  H N N 286 
PRO N    N N N 287 
PRO CA   C N S 288 
PRO C    C N N 289 
PRO O    O N N 290 
PRO CB   C N N 291 
PRO CG   C N N 292 
PRO CD   C N N 293 
PRO OXT  O N N 294 
PRO H    H N N 295 
PRO HA   H N N 296 
PRO HB2  H N N 297 
PRO HB3  H N N 298 
PRO HG2  H N N 299 
PRO HG3  H N N 300 
PRO HD2  H N N 301 
PRO HD3  H N N 302 
PRO HXT  H N N 303 
SER N    N N N 304 
SER CA   C N S 305 
SER C    C N N 306 
SER O    O N N 307 
SER CB   C N N 308 
SER OG   O N N 309 
SER OXT  O N N 310 
SER H    H N N 311 
SER H2   H N N 312 
SER HA   H N N 313 
SER HB2  H N N 314 
SER HB3  H N N 315 
SER HG   H N N 316 
SER HXT  H N N 317 
THR N    N N N 318 
THR CA   C N S 319 
THR C    C N N 320 
THR O    O N N 321 
THR CB   C N R 322 
THR OG1  O N N 323 
THR CG2  C N N 324 
THR OXT  O N N 325 
THR H    H N N 326 
THR H2   H N N 327 
THR HA   H N N 328 
THR HB   H N N 329 
THR HG1  H N N 330 
THR HG21 H N N 331 
THR HG22 H N N 332 
THR HG23 H N N 333 
THR HXT  H N N 334 
TRP N    N N N 335 
TRP CA   C N S 336 
TRP C    C N N 337 
TRP O    O N N 338 
TRP CB   C N N 339 
TRP CG   C Y N 340 
TRP CD1  C Y N 341 
TRP CD2  C Y N 342 
TRP NE1  N Y N 343 
TRP CE2  C Y N 344 
TRP CE3  C Y N 345 
TRP CZ2  C Y N 346 
TRP CZ3  C Y N 347 
TRP CH2  C Y N 348 
TRP OXT  O N N 349 
TRP H    H N N 350 
TRP H2   H N N 351 
TRP HA   H N N 352 
TRP HB2  H N N 353 
TRP HB3  H N N 354 
TRP HD1  H N N 355 
TRP HE1  H N N 356 
TRP HE3  H N N 357 
TRP HZ2  H N N 358 
TRP HZ3  H N N 359 
TRP HH2  H N N 360 
TRP HXT  H N N 361 
TYR N    N N N 362 
TYR CA   C N S 363 
TYR C    C N N 364 
TYR O    O N N 365 
TYR CB   C N N 366 
TYR CG   C Y N 367 
TYR CD1  C Y N 368 
TYR CD2  C Y N 369 
TYR CE1  C Y N 370 
TYR CE2  C Y N 371 
TYR CZ   C Y N 372 
TYR OH   O N N 373 
TYR OXT  O N N 374 
TYR H    H N N 375 
TYR H2   H N N 376 
TYR HA   H N N 377 
TYR HB2  H N N 378 
TYR HB3  H N N 379 
TYR HD1  H N N 380 
TYR HD2  H N N 381 
TYR HE1  H N N 382 
TYR HE2  H N N 383 
TYR HH   H N N 384 
TYR HXT  H N N 385 
VAL N    N N N 386 
VAL CA   C N S 387 
VAL C    C N N 388 
VAL O    O N N 389 
VAL CB   C N N 390 
VAL CG1  C N N 391 
VAL CG2  C N N 392 
VAL OXT  O N N 393 
VAL H    H N N 394 
VAL H2   H N N 395 
VAL HA   H N N 396 
VAL HB   H N N 397 
VAL HG11 H N N 398 
VAL HG12 H N N 399 
VAL HG13 H N N 400 
VAL HG21 H N N 401 
VAL HG22 H N N 402 
VAL HG23 H N N 403 
VAL HXT  H N N 404 
# 
loop_
_chem_comp_bond.comp_id 
_chem_comp_bond.atom_id_1 
_chem_comp_bond.atom_id_2 
_chem_comp_bond.value_order 
_chem_comp_bond.pdbx_aromatic_flag 
_chem_comp_bond.pdbx_stereo_config 
_chem_comp_bond.pdbx_ordinal 
ALA N   CA   sing N N 1   
ALA N   H    sing N N 2   
ALA N   H2   sing N N 3   
ALA CA  C    sing N N 4   
ALA CA  CB   sing N N 5   
ALA CA  HA   sing N N 6   
ALA C   O    doub N N 7   
ALA C   OXT  sing N N 8   
ALA CB  HB1  sing N N 9   
ALA CB  HB2  sing N N 10  
ALA CB  HB3  sing N N 11  
ALA OXT HXT  sing N N 12  
ARG N   CA   sing N N 13  
ARG N   H    sing N N 14  
ARG N   H2   sing N N 15  
ARG CA  C    sing N N 16  
ARG CA  CB   sing N N 17  
ARG CA  HA   sing N N 18  
ARG C   O    doub N N 19  
ARG C   OXT  sing N N 20  
ARG CB  CG   sing N N 21  
ARG CB  HB2  sing N N 22  
ARG CB  HB3  sing N N 23  
ARG CG  CD   sing N N 24  
ARG CG  HG2  sing N N 25  
ARG CG  HG3  sing N N 26  
ARG CD  NE   sing N N 27  
ARG CD  HD2  sing N N 28  
ARG CD  HD3  sing N N 29  
ARG NE  CZ   sing N N 30  
ARG NE  HE   sing N N 31  
ARG CZ  NH1  sing N N 32  
ARG CZ  NH2  doub N N 33  
ARG NH1 HH11 sing N N 34  
ARG NH1 HH12 sing N N 35  
ARG NH2 HH21 sing N N 36  
ARG NH2 HH22 sing N N 37  
ARG OXT HXT  sing N N 38  
ASN N   CA   sing N N 39  
ASN N   H    sing N N 40  
ASN N   H2   sing N N 41  
ASN CA  C    sing N N 42  
ASN CA  CB   sing N N 43  
ASN CA  HA   sing N N 44  
ASN C   O    doub N N 45  
ASN C   OXT  sing N N 46  
ASN CB  CG   sing N N 47  
ASN CB  HB2  sing N N 48  
ASN CB  HB3  sing N N 49  
ASN CG  OD1  doub N N 50  
ASN CG  ND2  sing N N 51  
ASN ND2 HD21 sing N N 52  
ASN ND2 HD22 sing N N 53  
ASN OXT HXT  sing N N 54  
ASP N   CA   sing N N 55  
ASP N   H    sing N N 56  
ASP N   H2   sing N N 57  
ASP CA  C    sing N N 58  
ASP CA  CB   sing N N 59  
ASP CA  HA   sing N N 60  
ASP C   O    doub N N 61  
ASP C   OXT  sing N N 62  
ASP CB  CG   sing N N 63  
ASP CB  HB2  sing N N 64  
ASP CB  HB3  sing N N 65  
ASP CG  OD1  doub N N 66  
ASP CG  OD2  sing N N 67  
ASP OD2 HD2  sing N N 68  
ASP OXT HXT  sing N N 69  
CYS N   CA   sing N N 70  
CYS N   H    sing N N 71  
CYS N   H2   sing N N 72  
CYS CA  C    sing N N 73  
CYS CA  CB   sing N N 74  
CYS CA  HA   sing N N 75  
CYS C   O    doub N N 76  
CYS C   OXT  sing N N 77  
CYS CB  SG   sing N N 78  
CYS CB  HB2  sing N N 79  
CYS CB  HB3  sing N N 80  
CYS SG  HG   sing N N 81  
CYS OXT HXT  sing N N 82  
GLN N   CA   sing N N 83  
GLN N   H    sing N N 84  
GLN N   H2   sing N N 85  
GLN CA  C    sing N N 86  
GLN CA  CB   sing N N 87  
GLN CA  HA   sing N N 88  
GLN C   O    doub N N 89  
GLN C   OXT  sing N N 90  
GLN CB  CG   sing N N 91  
GLN CB  HB2  sing N N 92  
GLN CB  HB3  sing N N 93  
GLN CG  CD   sing N N 94  
GLN CG  HG2  sing N N 95  
GLN CG  HG3  sing N N 96  
GLN CD  OE1  doub N N 97  
GLN CD  NE2  sing N N 98  
GLN NE2 HE21 sing N N 99  
GLN NE2 HE22 sing N N 100 
GLN OXT HXT  sing N N 101 
GLU N   CA   sing N N 102 
GLU N   H    sing N N 103 
GLU N   H2   sing N N 104 
GLU CA  C    sing N N 105 
GLU CA  CB   sing N N 106 
GLU CA  HA   sing N N 107 
GLU C   O    doub N N 108 
GLU C   OXT  sing N N 109 
GLU CB  CG   sing N N 110 
GLU CB  HB2  sing N N 111 
GLU CB  HB3  sing N N 112 
GLU CG  CD   sing N N 113 
GLU CG  HG2  sing N N 114 
GLU CG  HG3  sing N N 115 
GLU CD  OE1  doub N N 116 
GLU CD  OE2  sing N N 117 
GLU OE2 HE2  sing N N 118 
GLU OXT HXT  sing N N 119 
GLY N   CA   sing N N 120 
GLY N   H    sing N N 121 
GLY N   H2   sing N N 122 
GLY CA  C    sing N N 123 
GLY CA  HA2  sing N N 124 
GLY CA  HA3  sing N N 125 
GLY C   O    doub N N 126 
GLY C   OXT  sing N N 127 
GLY OXT HXT  sing N N 128 
GOL C1  O1   sing N N 129 
GOL C1  C2   sing N N 130 
GOL C1  H11  sing N N 131 
GOL C1  H12  sing N N 132 
GOL O1  HO1  sing N N 133 
GOL C2  O2   sing N N 134 
GOL C2  C3   sing N N 135 
GOL C2  H2   sing N N 136 
GOL O2  HO2  sing N N 137 
GOL C3  O3   sing N N 138 
GOL C3  H31  sing N N 139 
GOL C3  H32  sing N N 140 
GOL O3  HO3  sing N N 141 
HIS N   CA   sing N N 142 
HIS N   H    sing N N 143 
HIS N   H2   sing N N 144 
HIS CA  C    sing N N 145 
HIS CA  CB   sing N N 146 
HIS CA  HA   sing N N 147 
HIS C   O    doub N N 148 
HIS C   OXT  sing N N 149 
HIS CB  CG   sing N N 150 
HIS CB  HB2  sing N N 151 
HIS CB  HB3  sing N N 152 
HIS CG  ND1  sing Y N 153 
HIS CG  CD2  doub Y N 154 
HIS ND1 CE1  doub Y N 155 
HIS ND1 HD1  sing N N 156 
HIS CD2 NE2  sing Y N 157 
HIS CD2 HD2  sing N N 158 
HIS CE1 NE2  sing Y N 159 
HIS CE1 HE1  sing N N 160 
HIS NE2 HE2  sing N N 161 
HIS OXT HXT  sing N N 162 
HOH O   H1   sing N N 163 
HOH O   H2   sing N N 164 
ILE N   CA   sing N N 165 
ILE N   H    sing N N 166 
ILE N   H2   sing N N 167 
ILE CA  C    sing N N 168 
ILE CA  CB   sing N N 169 
ILE CA  HA   sing N N 170 
ILE C   O    doub N N 171 
ILE C   OXT  sing N N 172 
ILE CB  CG1  sing N N 173 
ILE CB  CG2  sing N N 174 
ILE CB  HB   sing N N 175 
ILE CG1 CD1  sing N N 176 
ILE CG1 HG12 sing N N 177 
ILE CG1 HG13 sing N N 178 
ILE CG2 HG21 sing N N 179 
ILE CG2 HG22 sing N N 180 
ILE CG2 HG23 sing N N 181 
ILE CD1 HD11 sing N N 182 
ILE CD1 HD12 sing N N 183 
ILE CD1 HD13 sing N N 184 
ILE OXT HXT  sing N N 185 
LEU N   CA   sing N N 186 
LEU N   H    sing N N 187 
LEU N   H2   sing N N 188 
LEU CA  C    sing N N 189 
LEU CA  CB   sing N N 190 
LEU CA  HA   sing N N 191 
LEU C   O    doub N N 192 
LEU C   OXT  sing N N 193 
LEU CB  CG   sing N N 194 
LEU CB  HB2  sing N N 195 
LEU CB  HB3  sing N N 196 
LEU CG  CD1  sing N N 197 
LEU CG  CD2  sing N N 198 
LEU CG  HG   sing N N 199 
LEU CD1 HD11 sing N N 200 
LEU CD1 HD12 sing N N 201 
LEU CD1 HD13 sing N N 202 
LEU CD2 HD21 sing N N 203 
LEU CD2 HD22 sing N N 204 
LEU CD2 HD23 sing N N 205 
LEU OXT HXT  sing N N 206 
LYS N   CA   sing N N 207 
LYS N   H    sing N N 208 
LYS N   H2   sing N N 209 
LYS CA  C    sing N N 210 
LYS CA  CB   sing N N 211 
LYS CA  HA   sing N N 212 
LYS C   O    doub N N 213 
LYS C   OXT  sing N N 214 
LYS CB  CG   sing N N 215 
LYS CB  HB2  sing N N 216 
LYS CB  HB3  sing N N 217 
LYS CG  CD   sing N N 218 
LYS CG  HG2  sing N N 219 
LYS CG  HG3  sing N N 220 
LYS CD  CE   sing N N 221 
LYS CD  HD2  sing N N 222 
LYS CD  HD3  sing N N 223 
LYS CE  NZ   sing N N 224 
LYS CE  HE2  sing N N 225 
LYS CE  HE3  sing N N 226 
LYS NZ  HZ1  sing N N 227 
LYS NZ  HZ2  sing N N 228 
LYS NZ  HZ3  sing N N 229 
LYS OXT HXT  sing N N 230 
MET N   CA   sing N N 231 
MET N   H    sing N N 232 
MET N   H2   sing N N 233 
MET CA  C    sing N N 234 
MET CA  CB   sing N N 235 
MET CA  HA   sing N N 236 
MET C   O    doub N N 237 
MET C   OXT  sing N N 238 
MET CB  CG   sing N N 239 
MET CB  HB2  sing N N 240 
MET CB  HB3  sing N N 241 
MET CG  SD   sing N N 242 
MET CG  HG2  sing N N 243 
MET CG  HG3  sing N N 244 
MET SD  CE   sing N N 245 
MET CE  HE1  sing N N 246 
MET CE  HE2  sing N N 247 
MET CE  HE3  sing N N 248 
MET OXT HXT  sing N N 249 
PHE N   CA   sing N N 250 
PHE N   H    sing N N 251 
PHE N   H2   sing N N 252 
PHE CA  C    sing N N 253 
PHE CA  CB   sing N N 254 
PHE CA  HA   sing N N 255 
PHE C   O    doub N N 256 
PHE C   OXT  sing N N 257 
PHE CB  CG   sing N N 258 
PHE CB  HB2  sing N N 259 
PHE CB  HB3  sing N N 260 
PHE CG  CD1  doub Y N 261 
PHE CG  CD2  sing Y N 262 
PHE CD1 CE1  sing Y N 263 
PHE CD1 HD1  sing N N 264 
PHE CD2 CE2  doub Y N 265 
PHE CD2 HD2  sing N N 266 
PHE CE1 CZ   doub Y N 267 
PHE CE1 HE1  sing N N 268 
PHE CE2 CZ   sing Y N 269 
PHE CE2 HE2  sing N N 270 
PHE CZ  HZ   sing N N 271 
PHE OXT HXT  sing N N 272 
PRO N   CA   sing N N 273 
PRO N   CD   sing N N 274 
PRO N   H    sing N N 275 
PRO CA  C    sing N N 276 
PRO CA  CB   sing N N 277 
PRO CA  HA   sing N N 278 
PRO C   O    doub N N 279 
PRO C   OXT  sing N N 280 
PRO CB  CG   sing N N 281 
PRO CB  HB2  sing N N 282 
PRO CB  HB3  sing N N 283 
PRO CG  CD   sing N N 284 
PRO CG  HG2  sing N N 285 
PRO CG  HG3  sing N N 286 
PRO CD  HD2  sing N N 287 
PRO CD  HD3  sing N N 288 
PRO OXT HXT  sing N N 289 
SER N   CA   sing N N 290 
SER N   H    sing N N 291 
SER N   H2   sing N N 292 
SER CA  C    sing N N 293 
SER CA  CB   sing N N 294 
SER CA  HA   sing N N 295 
SER C   O    doub N N 296 
SER C   OXT  sing N N 297 
SER CB  OG   sing N N 298 
SER CB  HB2  sing N N 299 
SER CB  HB3  sing N N 300 
SER OG  HG   sing N N 301 
SER OXT HXT  sing N N 302 
THR N   CA   sing N N 303 
THR N   H    sing N N 304 
THR N   H2   sing N N 305 
THR CA  C    sing N N 306 
THR CA  CB   sing N N 307 
THR CA  HA   sing N N 308 
THR C   O    doub N N 309 
THR C   OXT  sing N N 310 
THR CB  OG1  sing N N 311 
THR CB  CG2  sing N N 312 
THR CB  HB   sing N N 313 
THR OG1 HG1  sing N N 314 
THR CG2 HG21 sing N N 315 
THR CG2 HG22 sing N N 316 
THR CG2 HG23 sing N N 317 
THR OXT HXT  sing N N 318 
TRP N   CA   sing N N 319 
TRP N   H    sing N N 320 
TRP N   H2   sing N N 321 
TRP CA  C    sing N N 322 
TRP CA  CB   sing N N 323 
TRP CA  HA   sing N N 324 
TRP C   O    doub N N 325 
TRP C   OXT  sing N N 326 
TRP CB  CG   sing N N 327 
TRP CB  HB2  sing N N 328 
TRP CB  HB3  sing N N 329 
TRP CG  CD1  doub Y N 330 
TRP CG  CD2  sing Y N 331 
TRP CD1 NE1  sing Y N 332 
TRP CD1 HD1  sing N N 333 
TRP CD2 CE2  doub Y N 334 
TRP CD2 CE3  sing Y N 335 
TRP NE1 CE2  sing Y N 336 
TRP NE1 HE1  sing N N 337 
TRP CE2 CZ2  sing Y N 338 
TRP CE3 CZ3  doub Y N 339 
TRP CE3 HE3  sing N N 340 
TRP CZ2 CH2  doub Y N 341 
TRP CZ2 HZ2  sing N N 342 
TRP CZ3 CH2  sing Y N 343 
TRP CZ3 HZ3  sing N N 344 
TRP CH2 HH2  sing N N 345 
TRP OXT HXT  sing N N 346 
TYR N   CA   sing N N 347 
TYR N   H    sing N N 348 
TYR N   H2   sing N N 349 
TYR CA  C    sing N N 350 
TYR CA  CB   sing N N 351 
TYR CA  HA   sing N N 352 
TYR C   O    doub N N 353 
TYR C   OXT  sing N N 354 
TYR CB  CG   sing N N 355 
TYR CB  HB2  sing N N 356 
TYR CB  HB3  sing N N 357 
TYR CG  CD1  doub Y N 358 
TYR CG  CD2  sing Y N 359 
TYR CD1 CE1  sing Y N 360 
TYR CD1 HD1  sing N N 361 
TYR CD2 CE2  doub Y N 362 
TYR CD2 HD2  sing N N 363 
TYR CE1 CZ   doub Y N 364 
TYR CE1 HE1  sing N N 365 
TYR CE2 CZ   sing Y N 366 
TYR CE2 HE2  sing N N 367 
TYR CZ  OH   sing N N 368 
TYR OH  HH   sing N N 369 
TYR OXT HXT  sing N N 370 
VAL N   CA   sing N N 371 
VAL N   H    sing N N 372 
VAL N   H2   sing N N 373 
VAL CA  C    sing N N 374 
VAL CA  CB   sing N N 375 
VAL CA  HA   sing N N 376 
VAL C   O    doub N N 377 
VAL C   OXT  sing N N 378 
VAL CB  CG1  sing N N 379 
VAL CB  CG2  sing N N 380 
VAL CB  HB   sing N N 381 
VAL CG1 HG11 sing N N 382 
VAL CG1 HG12 sing N N 383 
VAL CG1 HG13 sing N N 384 
VAL CG2 HG21 sing N N 385 
VAL CG2 HG22 sing N N 386 
VAL CG2 HG23 sing N N 387 
VAL OXT HXT  sing N N 388 
# 
_pdbx_initial_refinement_model.id               1 
_pdbx_initial_refinement_model.entity_id_list   ? 
_pdbx_initial_refinement_model.type             'experimental model' 
_pdbx_initial_refinement_model.source_name      PDB 
_pdbx_initial_refinement_model.accession_code   2AYT 
_pdbx_initial_refinement_model.details          'pdb entry 2AYT' 
# 
_atom_sites.entry_id                    4MNN 
_atom_sites.fract_transf_matrix[1][1]   -0.00337339 
_atom_sites.fract_transf_matrix[1][2]   0.01411330 
_atom_sites.fract_transf_matrix[1][3]   -0.00018211 
_atom_sites.fract_transf_matrix[2][1]   0.01057254 
_atom_sites.fract_transf_matrix[2][2]   0.00260740 
_atom_sites.fract_transf_matrix[2][3]   0.00622493 
_atom_sites.fract_transf_matrix[3][1]   0.00717313 
_atom_sites.fract_transf_matrix[3][2]   0.00154896 
_atom_sites.fract_transf_matrix[3][3]   -0.01283178 
_atom_sites.fract_transf_vector[1]      0.233625 
_atom_sites.fract_transf_vector[2]      0.387214 
_atom_sites.fract_transf_vector[3]      0.267502 
# 
loop_
_atom_type.symbol 
C 
N 
O 
S 
# 
loop_
_atom_site.group_PDB 
_atom_site.id 
_atom_site.type_symbol 
_atom_site.label_atom_id 
_atom_site.label_alt_id 
_atom_site.label_comp_id 
_atom_site.label_asym_id 
_atom_site.label_entity_id 
_atom_site.label_seq_id 
_atom_site.pdbx_PDB_ins_code 
_atom_site.Cartn_x 
_atom_site.Cartn_y 
_atom_site.Cartn_z 
_atom_site.occupancy 
_atom_site.B_iso_or_equiv 
_atom_site.pdbx_formal_charge 
_atom_site.auth_seq_id 
_atom_site.auth_comp_id 
_atom_site.auth_asym_id 
_atom_site.auth_atom_id 
_atom_site.pdbx_PDB_model_num 
ATOM   1    N N   . SER A 1 2   ? -8.297  -19.469 4.559   1.00 36.77 ? 2   SER A N   1 
ATOM   2    C CA  . SER A 1 2   ? -8.475  -18.352 5.528   1.00 35.62 ? 2   SER A CA  1 
ATOM   3    C C   . SER A 1 2   ? -7.138  -17.632 5.717   1.00 35.38 ? 2   SER A C   1 
ATOM   4    O O   . SER A 1 2   ? -6.061  -18.220 5.538   1.00 34.62 ? 2   SER A O   1 
ATOM   5    C CB  . SER A 1 2   ? -9.016  -18.890 6.866   1.00 37.93 ? 2   SER A CB  1 
ATOM   6    O OG  . SER A 1 2   ? -8.076  -18.776 7.936   1.00 37.25 ? 2   SER A OG  1 
ATOM   7    N N   . TYR A 1 3   ? -7.206  -16.354 6.073   1.00 33.78 ? 3   TYR A N   1 
ATOM   8    C CA  . TYR A 1 3   ? -5.987  -15.558 6.237   1.00 31.97 ? 3   TYR A CA  1 
ATOM   9    C C   . TYR A 1 3   ? -5.384  -15.527 7.644   1.00 28.77 ? 3   TYR A C   1 
ATOM   10   O O   . TYR A 1 3   ? -4.272  -15.019 7.825   1.00 27.66 ? 3   TYR A O   1 
ATOM   11   C CB  . TYR A 1 3   ? -6.250  -14.106 5.765   1.00 33.41 ? 3   TYR A CB  1 
ATOM   12   C CG  . TYR A 1 3   ? -6.550  -13.957 4.267   1.00 35.37 ? 3   TYR A CG  1 
ATOM   13   C CD1 . TYR A 1 3   ? -7.458  -13.000 3.806   1.00 37.33 ? 3   TYR A CD1 1 
ATOM   14   C CD2 . TYR A 1 3   ? -5.876  -14.724 3.314   1.00 36.48 ? 3   TYR A CD2 1 
ATOM   15   C CE1 . TYR A 1 3   ? -7.685  -12.797 2.418   1.00 38.19 ? 3   TYR A CE1 1 
ATOM   16   C CE2 . TYR A 1 3   ? -6.088  -14.529 1.927   1.00 38.16 ? 3   TYR A CE2 1 
ATOM   17   C CZ  . TYR A 1 3   ? -6.990  -13.559 1.484   1.00 39.54 ? 3   TYR A CZ  1 
ATOM   18   O OH  . TYR A 1 3   ? -7.146  -13.321 0.112   1.00 40.41 ? 3   TYR A OH  1 
ATOM   19   N N   . ASP A 1 4   ? -6.087  -16.069 8.636   1.00 27.95 ? 4   ASP A N   1 
ATOM   20   C CA  . ASP A 1 4   ? -5.597  -16.026 10.020  1.00 27.34 ? 4   ASP A CA  1 
ATOM   21   C C   . ASP A 1 4   ? -4.165  -16.494 10.264  1.00 26.13 ? 4   ASP A C   1 
ATOM   22   O O   . ASP A 1 4   ? -3.382  -15.823 10.970  1.00 22.66 ? 4   ASP A O   1 
ATOM   23   C CB  . ASP A 1 4   ? -6.537  -16.809 10.929  1.00 29.41 ? 4   ASP A CB  1 
ATOM   24   C CG  . ASP A 1 4   ? -7.930  -16.222 10.947  1.00 31.86 ? 4   ASP A CG  1 
ATOM   25   O OD1 . ASP A 1 4   ? -8.174  -15.283 10.160  1.00 32.59 ? 4   ASP A OD1 1 
ATOM   26   O OD2 . ASP A 1 4   ? -8.773  -16.700 11.732  1.00 32.44 ? 4   ASP A OD2 1 
ATOM   27   N N   . TYR A 1 5   ? -3.812  -17.651 9.708   1.00 25.06 ? 5   TYR A N   1 
ATOM   28   C CA  . TYR A 1 5   ? -2.456  -18.153 9.936   1.00 25.03 ? 5   TYR A CA  1 
ATOM   29   C C   . TYR A 1 5   ? -1.405  -17.257 9.326   1.00 24.39 ? 5   TYR A C   1 
ATOM   30   O O   . TYR A 1 5   ? -0.425  -16.913 9.994   1.00 24.22 ? 5   TYR A O   1 
ATOM   31   C CB  . TYR A 1 5   ? -2.290  -19.585 9.398   1.00 27.25 ? 5   TYR A CB  1 
ATOM   32   C CG  . TYR A 1 5   ? -0.929  -20.189 9.708   1.00 30.20 ? 5   TYR A CG  1 
ATOM   33   C CD1 . TYR A 1 5   ? -0.434  -20.217 11.016  1.00 30.26 ? 5   TYR A CD1 1 
ATOM   34   C CD2 . TYR A 1 5   ? -0.139  -20.726 8.693   1.00 29.78 ? 5   TYR A CD2 1 
ATOM   35   C CE1 . TYR A 1 5   ? 0.832   -20.782 11.300  1.00 30.68 ? 5   TYR A CE1 1 
ATOM   36   C CE2 . TYR A 1 5   ? 1.112   -21.285 8.961   1.00 29.54 ? 5   TYR A CE2 1 
ATOM   37   C CZ  . TYR A 1 5   ? 1.586   -21.310 10.263  1.00 31.00 ? 5   TYR A CZ  1 
ATOM   38   O OH  . TYR A 1 5   ? 2.815   -21.886 10.516  1.00 31.35 ? 5   TYR A OH  1 
ATOM   39   N N   . VAL A 1 6   ? -1.598  -16.863 8.071   1.00 21.80 ? 6   VAL A N   1 
ATOM   40   C CA  . VAL A 1 6   ? -0.597  -16.021 7.439   1.00 23.58 ? 6   VAL A CA  1 
ATOM   41   C C   . VAL A 1 6   ? -0.486  -14.659 8.130   1.00 21.48 ? 6   VAL A C   1 
ATOM   42   O O   . VAL A 1 6   ? 0.612   -14.100 8.263   1.00 21.95 ? 6   VAL A O   1 
ATOM   43   C CB  . VAL A 1 6   ? -0.863  -15.837 5.928   1.00 24.24 ? 6   VAL A CB  1 
ATOM   44   C CG1 . VAL A 1 6   ? -2.065  -14.944 5.690   1.00 27.39 ? 6   VAL A CG1 1 
ATOM   45   C CG2 . VAL A 1 6   ? 0.384   -15.265 5.260   1.00 25.90 ? 6   VAL A CG2 1 
ATOM   46   N N   . ILE A 1 7   ? -1.599  -14.137 8.616   1.00 21.70 ? 7   ILE A N   1 
ATOM   47   C CA  . ILE A 1 7   ? -1.522  -12.837 9.298   1.00 21.27 ? 7   ILE A CA  1 
ATOM   48   C C   . ILE A 1 7   ? -0.690  -13.008 10.554  1.00 22.51 ? 7   ILE A C   1 
ATOM   49   O O   . ILE A 1 7   ? 0.182   -12.189 10.854  1.00 22.60 ? 7   ILE A O   1 
ATOM   50   C CB  . ILE A 1 7   ? -2.923  -12.332 9.659   1.00 21.61 ? 7   ILE A CB  1 
ATOM   51   C CG1 . ILE A 1 7   ? -3.667  -12.005 8.358   1.00 19.14 ? 7   ILE A CG1 1 
ATOM   52   C CG2 . ILE A 1 7   ? -2.831  -11.093 10.644  1.00 20.26 ? 7   ILE A CG2 1 
ATOM   53   C CD1 . ILE A 1 7   ? -5.180  -11.729 8.557   1.00 22.36 ? 7   ILE A CD1 1 
ATOM   54   N N   . LYS A 1 8   ? -0.928  -14.094 11.285  1.00 22.05 ? 8   LYS A N   1 
ATOM   55   C CA  . LYS A 1 8   ? -0.154  -14.323 12.497  1.00 23.20 ? 8   LYS A CA  1 
ATOM   56   C C   . LYS A 1 8   ? 1.327   -14.503 12.195  1.00 23.39 ? 8   LYS A C   1 
ATOM   57   O O   . LYS A 1 8   ? 2.208   -13.944 12.873  1.00 23.53 ? 8   LYS A O   1 
ATOM   58   C CB  . LYS A 1 8   ? -0.653  -15.569 13.235  1.00 25.53 ? 8   LYS A CB  1 
ATOM   59   C CG  . LYS A 1 8   ? 0.097   -15.821 14.555  1.00 27.83 ? 8   LYS A CG  1 
ATOM   60   C CD  . LYS A 1 8   ? -0.395  -17.068 15.284  1.00 30.53 ? 8   LYS A CD  1 
ATOM   61   C CE  . LYS A 1 8   ? 0.182   -17.111 16.708  1.00 32.26 ? 8   LYS A CE  1 
ATOM   62   N NZ  . LYS A 1 8   ? -0.615  -17.965 17.653  1.00 36.17 ? 8   LYS A NZ  1 
ATOM   63   N N   . GLU A 1 9   ? 1.617   -15.320 11.193  1.00 22.60 ? 9   GLU A N   1 
ATOM   64   C CA  . GLU A 1 9   ? 2.998   -15.600 10.888  1.00 23.93 ? 9   GLU A CA  1 
ATOM   65   C C   . GLU A 1 9   ? 3.785   -14.364 10.511  1.00 24.77 ? 9   GLU A C   1 
ATOM   66   O O   . GLU A 1 9   ? 4.977   -14.252 10.836  1.00 23.66 ? 9   GLU A O   1 
ATOM   67   C CB  . GLU A 1 9   ? 3.085   -16.665 9.809   1.00 25.21 ? 9   GLU A CB  1 
ATOM   68   C CG  . GLU A 1 9   ? 2.720   -18.052 10.355  1.00 28.11 ? 9   GLU A CG  1 
ATOM   69   C CD  . GLU A 1 9   ? 3.657   -18.504 11.465  1.00 30.00 ? 9   GLU A CD  1 
ATOM   70   O OE1 . GLU A 1 9   ? 3.176   -18.781 12.585  1.00 30.14 ? 9   GLU A OE1 1 
ATOM   71   O OE2 . GLU A 1 9   ? 4.880   -18.574 11.217  1.00 29.72 ? 9   GLU A OE2 1 
ATOM   72   N N   . TYR A 1 10  ? 3.119   -13.422 9.862   1.00 23.22 ? 10  TYR A N   1 
ATOM   73   C CA  . TYR A 1 10  ? 3.806   -12.198 9.483   1.00 22.90 ? 10  TYR A CA  1 
ATOM   74   C C   . TYR A 1 10  ? 3.812   -11.145 10.563  1.00 22.21 ? 10  TYR A C   1 
ATOM   75   O O   . TYR A 1 10  ? 4.807   -10.468 10.755  1.00 23.92 ? 10  TYR A O   1 
ATOM   76   C CB  . TYR A 1 10  ? 3.167   -11.566 8.244   1.00 22.64 ? 10  TYR A CB  1 
ATOM   77   C CG  . TYR A 1 10  ? 3.667   -12.149 6.951   1.00 25.04 ? 10  TYR A CG  1 
ATOM   78   C CD1 . TYR A 1 10  ? 3.211   -13.374 6.498   1.00 25.95 ? 10  TYR A CD1 1 
ATOM   79   C CD2 . TYR A 1 10  ? 4.653   -11.484 6.197   1.00 27.17 ? 10  TYR A CD2 1 
ATOM   80   C CE1 . TYR A 1 10  ? 3.714   -13.947 5.328   1.00 27.41 ? 10  TYR A CE1 1 
ATOM   81   C CE2 . TYR A 1 10  ? 5.159   -12.046 5.028   1.00 29.14 ? 10  TYR A CE2 1 
ATOM   82   C CZ  . TYR A 1 10  ? 4.686   -13.280 4.602   1.00 29.26 ? 10  TYR A CZ  1 
ATOM   83   O OH  . TYR A 1 10  ? 5.199   -13.847 3.452   1.00 32.02 ? 10  TYR A OH  1 
ATOM   84   N N   . LEU A 1 11  ? 2.708   -11.032 11.292  1.00 22.21 ? 11  LEU A N   1 
ATOM   85   C CA  . LEU A 1 11  ? 2.586   -9.955  12.253  1.00 23.00 ? 11  LEU A CA  1 
ATOM   86   C C   . LEU A 1 11  ? 2.836   -10.208 13.718  1.00 25.76 ? 11  LEU A C   1 
ATOM   87   O O   . LEU A 1 11  ? 3.161   -9.270  14.461  1.00 24.81 ? 11  LEU A O   1 
ATOM   88   C CB  . LEU A 1 11  ? 1.216   -9.322  12.082  1.00 22.03 ? 11  LEU A CB  1 
ATOM   89   C CG  . LEU A 1 11  ? 0.899   -8.926  10.630  1.00 21.69 ? 11  LEU A CG  1 
ATOM   90   C CD1 . LEU A 1 11  ? -0.417  -8.164  10.600  1.00 19.88 ? 11  LEU A CD1 1 
ATOM   91   C CD2 . LEU A 1 11  ? 2.032   -8.067  10.039  1.00 18.79 ? 11  LEU A CD2 1 
ATOM   92   N N   . ASN A 1 12  ? 2.700   -11.454 14.141  1.00 27.99 ? 12  ASN A N   1 
ATOM   93   C CA  . ASN A 1 12  ? 2.882   -11.743 15.552  1.00 31.57 ? 12  ASN A CA  1 
ATOM   94   C C   . ASN A 1 12  ? 4.201   -11.222 16.121  1.00 32.16 ? 12  ASN A C   1 
ATOM   95   O O   . ASN A 1 12  ? 4.220   -10.767 17.246  1.00 34.16 ? 12  ASN A O   1 
ATOM   96   C CB  . ASN A 1 12  ? 2.740   -13.248 15.835  1.00 32.08 ? 12  ASN A CB  1 
ATOM   97   C CG  . ASN A 1 12  ? 2.654   -13.546 17.326  1.00 35.26 ? 12  ASN A CG  1 
ATOM   98   O OD1 . ASN A 1 12  ? 2.006   -12.808 18.084  1.00 34.01 ? 12  ASN A OD1 1 
ATOM   99   N ND2 . ASN A 1 12  ? 3.293   -14.631 17.755  1.00 35.28 ? 12  ASN A ND2 1 
ATOM   100  N N   . ALA A 1 13  ? 5.283   -11.262 15.360  1.00 33.86 ? 13  ALA A N   1 
ATOM   101  C CA  . ALA A 1 13  ? 6.571   -10.787 15.879  1.00 36.35 ? 13  ALA A CA  1 
ATOM   102  C C   . ALA A 1 13  ? 6.601   -9.260  15.999  1.00 38.12 ? 13  ALA A C   1 
ATOM   103  O O   . ALA A 1 13  ? 6.946   -8.701  17.063  1.00 38.48 ? 13  ALA A O   1 
ATOM   104  C CB  . ALA A 1 13  ? 7.705   -11.254 14.976  1.00 36.34 ? 13  ALA A CB  1 
ATOM   105  N N   . ILE A 1 14  ? 6.214   -8.590  14.913  1.00 37.34 ? 14  ILE A N   1 
ATOM   106  C CA  . ILE A 1 14  ? 6.239   -7.138  14.890  1.00 37.30 ? 14  ILE A CA  1 
ATOM   107  C C   . ILE A 1 14  ? 5.292   -6.510  15.886  1.00 37.51 ? 14  ILE A C   1 
ATOM   108  O O   . ILE A 1 14  ? 5.090   -5.298  15.870  1.00 39.07 ? 14  ILE A O   1 
ATOM   109  C CB  . ILE A 1 14  ? 5.937   -6.582  13.479  1.00 36.27 ? 14  ILE A CB  1 
ATOM   110  C CG1 . ILE A 1 14  ? 4.474   -6.806  13.129  1.00 34.50 ? 14  ILE A CG1 1 
ATOM   111  C CG2 . ILE A 1 14  ? 6.859   -7.245  12.447  1.00 37.12 ? 14  ILE A CG2 1 
ATOM   112  C CD1 . ILE A 1 14  ? 4.028   -6.043  11.925  1.00 32.97 ? 14  ILE A CD1 1 
ATOM   113  N N   . LYS A 1 15  ? 4.720   -7.330  16.765  1.00 37.79 ? 15  LYS A N   1 
ATOM   114  C CA  . LYS A 1 15  ? 3.791   -6.842  17.773  1.00 35.99 ? 15  LYS A CA  1 
ATOM   115  C C   . LYS A 1 15  ? 4.445   -5.782  18.651  1.00 36.79 ? 15  LYS A C   1 
ATOM   116  O O   . LYS A 1 15  ? 3.762   -4.910  19.211  1.00 34.96 ? 15  LYS A O   1 
ATOM   117  C CB  . LYS A 1 15  ? 3.284   -8.011  18.657  1.00 39.41 ? 15  LYS A CB  1 
ATOM   118  C CG  . LYS A 1 15  ? 4.291   -8.552  19.701  1.00 43.72 ? 15  LYS A CG  1 
ATOM   119  C CD  . LYS A 1 15  ? 5.128   -9.742  19.202  1.00 46.72 ? 15  LYS A CD  1 
ATOM   120  C CE  . LYS A 1 15  ? 5.930   -10.443 20.304  1.00 48.55 ? 15  LYS A CE  1 
ATOM   121  N NZ  . LYS A 1 15  ? 6.566   -11.703 19.755  1.00 51.73 ? 15  LYS A NZ  1 
ATOM   122  N N   . LYS A 1 16  ? 5.772   -5.849  18.770  1.00 35.97 ? 16  LYS A N   1 
ATOM   123  C CA  . LYS A 1 16  ? 6.518   -4.907  19.614  1.00 36.93 ? 16  LYS A CA  1 
ATOM   124  C C   . LYS A 1 16  ? 6.675   -3.527  19.005  1.00 35.85 ? 16  LYS A C   1 
ATOM   125  O O   . LYS A 1 16  ? 7.008   -2.574  19.707  1.00 36.42 ? 16  LYS A O   1 
ATOM   126  C CB  . LYS A 1 16  ? 7.899   -5.482  19.937  1.00 37.29 ? 16  LYS A CB  1 
ATOM   127  C CG  . LYS A 1 16  ? 8.902   -4.466  20.444  1.00 41.73 ? 16  LYS A CG  1 
ATOM   128  C CD  . LYS A 1 16  ? 10.239  -5.123  20.734  1.00 43.97 ? 16  LYS A CD  1 
ATOM   129  C CE  . LYS A 1 16  ? 11.312  -4.100  21.061  1.00 45.20 ? 16  LYS A CE  1 
ATOM   130  N NZ  . LYS A 1 16  ? 12.558  -4.783  21.495  1.00 48.61 ? 16  LYS A NZ  1 
ATOM   131  N N   . GLY A 1 17  ? 6.432   -3.417  17.703  1.00 35.81 ? 17  GLY A N   1 
ATOM   132  C CA  . GLY A 1 17  ? 6.569   -2.130  17.024  1.00 35.96 ? 17  GLY A CA  1 
ATOM   133  C C   . GLY A 1 17  ? 5.393   -1.179  17.258  1.00 36.26 ? 17  GLY A C   1 
ATOM   134  O O   . GLY A 1 17  ? 4.638   -1.360  18.211  1.00 33.56 ? 17  GLY A O   1 
ATOM   135  N N   . ASP A 1 18  ? 5.236   -0.177  16.393  1.00 33.52 ? 18  ASP A N   1 
ATOM   136  C CA  . ASP A 1 18  ? 4.148   0.785   16.538  1.00 34.22 ? 18  ASP A CA  1 
ATOM   137  C C   . ASP A 1 18  ? 3.488   1.051   15.176  1.00 33.56 ? 18  ASP A C   1 
ATOM   138  O O   . ASP A 1 18  ? 3.107   2.192   14.857  1.00 33.90 ? 18  ASP A O   1 
ATOM   139  C CB  . ASP A 1 18  ? 4.658   2.089   17.133  1.00 38.20 ? 18  ASP A CB  1 
ATOM   140  C CG  . ASP A 1 18  ? 5.522   2.863   16.175  1.00 41.86 ? 18  ASP A CG  1 
ATOM   141  O OD1 . ASP A 1 18  ? 6.143   2.218   15.303  1.00 44.32 ? 18  ASP A OD1 1 
ATOM   142  O OD2 . ASP A 1 18  ? 5.591   4.114   16.298  1.00 44.26 ? 18  ASP A OD2 1 
ATOM   143  N N   . ILE A 1 19  ? 3.372   -0.004  14.369  1.00 29.33 ? 19  ILE A N   1 
ATOM   144  C CA  . ILE A 1 19  ? 2.689   0.129   13.092  1.00 27.90 ? 19  ILE A CA  1 
ATOM   145  C C   . ILE A 1 19  ? 1.227   0.372   13.484  1.00 25.17 ? 19  ILE A C   1 
ATOM   146  O O   . ILE A 1 19  ? 0.722   -0.213  14.460  1.00 21.85 ? 19  ILE A O   1 
ATOM   147  C CB  . ILE A 1 19  ? 2.789   -1.180  12.263  1.00 29.98 ? 19  ILE A CB  1 
ATOM   148  C CG1 . ILE A 1 19  ? 3.953   -1.109  11.284  1.00 32.85 ? 19  ILE A CG1 1 
ATOM   149  C CG2 . ILE A 1 19  ? 1.489   -1.411  11.481  1.00 34.36 ? 19  ILE A CG2 1 
ATOM   150  C CD1 . ILE A 1 19  ? 3.688   -0.256  10.035  1.00 30.60 ? 19  ILE A CD1 1 
ATOM   151  N N   . THR A 1 20  ? 0.559   1.274   12.765  1.00 22.77 ? 20  THR A N   1 
ATOM   152  C CA  . THR A 1 20  ? -0.846  1.547   13.028  1.00 21.26 ? 20  THR A CA  1 
ATOM   153  C C   . THR A 1 20  ? -1.565  1.524   11.676  1.00 20.24 ? 20  THR A C   1 
ATOM   154  O O   . THR A 1 20  ? -1.092  2.146   10.736  1.00 18.89 ? 20  THR A O   1 
ATOM   155  C CB  . THR A 1 20  ? -1.081  2.932   13.647  1.00 24.34 ? 20  THR A CB  1 
ATOM   156  O OG1 . THR A 1 20  ? -0.476  2.993   14.947  1.00 26.33 ? 20  THR A OG1 1 
ATOM   157  C CG2 . THR A 1 20  ? -2.591  3.178   13.821  1.00 23.39 ? 20  THR A CG2 1 
ATOM   158  N N   . ILE A 1 21  ? -2.683  0.802   11.596  1.00 17.69 ? 21  ILE A N   1 
ATOM   159  C CA  . ILE A 1 21  ? -3.465  0.722   10.367  1.00 17.97 ? 21  ILE A CA  1 
ATOM   160  C C   . ILE A 1 21  ? -4.782  1.449   10.586  1.00 17.39 ? 21  ILE A C   1 
ATOM   161  O O   . ILE A 1 21  ? -5.426  1.224   11.613  1.00 17.36 ? 21  ILE A O   1 
ATOM   162  C CB  . ILE A 1 21  ? -3.796  -0.756  10.030  1.00 18.14 ? 21  ILE A CB  1 
ATOM   163  C CG1 . ILE A 1 21  ? -2.560  -1.446  9.467   1.00 21.61 ? 21  ILE A CG1 1 
ATOM   164  C CG2 . ILE A 1 21  ? -4.985  -0.856  9.080   1.00 22.64 ? 21  ILE A CG2 1 
ATOM   165  C CD1 . ILE A 1 21  ? -2.725  -2.940  9.361   1.00 22.58 ? 21  ILE A CD1 1 
ATOM   166  N N   . GLN A 1 22  ? -5.162  2.342   9.670   1.00 15.75 ? 22  GLN A N   1 
ATOM   167  C CA  . GLN A 1 22  ? -6.464  2.984   9.787   1.00 17.94 ? 22  GLN A CA  1 
ATOM   168  C C   . GLN A 1 22  ? -7.238  2.415   8.615   1.00 17.52 ? 22  GLN A C   1 
ATOM   169  O O   . GLN A 1 22  ? -6.766  2.438   7.482   1.00 19.18 ? 22  GLN A O   1 
ATOM   170  C CB  . GLN A 1 22  ? -6.387  4.496   9.627   1.00 17.30 ? 22  GLN A CB  1 
ATOM   171  C CG  . GLN A 1 22  ? -5.487  5.173   10.632  1.00 23.45 ? 22  GLN A CG  1 
ATOM   172  C CD  . GLN A 1 22  ? -5.583  6.682   10.510  1.00 24.79 ? 22  GLN A CD  1 
ATOM   173  O OE1 . GLN A 1 22  ? -5.636  7.210   9.406   1.00 25.18 ? 22  GLN A OE1 1 
ATOM   174  N NE2 . GLN A 1 22  ? -5.608  7.372   11.636  1.00 26.35 ? 22  GLN A NE2 1 
ATOM   175  N N   . GLN A 1 23  ? -8.442  1.926   8.851   1.00 17.21 ? 23  GLN A N   1 
ATOM   176  C CA  . GLN A 1 23  ? -9.153  1.344   7.723   1.00 16.38 ? 23  GLN A CA  1 
ATOM   177  C C   . GLN A 1 23  ? -10.635 1.552   7.811   1.00 16.84 ? 23  GLN A C   1 
ATOM   178  O O   . GLN A 1 23  ? -11.124 1.883   8.872   1.00 16.96 ? 23  GLN A O   1 
ATOM   179  C CB  . GLN A 1 23  ? -8.929  -0.171  7.720   1.00 15.55 ? 23  GLN A CB  1 
ATOM   180  C CG  . GLN A 1 23  ? -9.590  -0.909  8.912   1.00 16.82 ? 23  GLN A CG  1 
ATOM   181  C CD  . GLN A 1 23  ? -11.047 -1.338  8.635   1.00 17.49 ? 23  GLN A CD  1 
ATOM   182  O OE1 . GLN A 1 23  ? -11.412 -1.678  7.496   1.00 15.55 ? 23  GLN A OE1 1 
ATOM   183  N NE2 . GLN A 1 23  ? -11.870 -1.345  9.675   1.00 16.81 ? 23  GLN A NE2 1 
ATOM   184  N N   . CYS A 1 24  ? -11.328 1.368   6.689   1.00 15.14 ? 24  CYS A N   1 
ATOM   185  C CA  . CYS A 1 24  ? -12.779 1.348   6.739   1.00 16.78 ? 24  CYS A CA  1 
ATOM   186  C C   . CYS A 1 24  ? -13.300 0.445   5.644   1.00 16.85 ? 24  CYS A C   1 
ATOM   187  O O   . CYS A 1 24  ? -12.675 0.266   4.584   1.00 15.39 ? 24  CYS A O   1 
ATOM   188  C CB  . CYS A 1 24  ? -13.410 2.728   6.642   1.00 18.97 ? 24  CYS A CB  1 
ATOM   189  S SG  . CYS A 1 24  ? -12.724 3.690   5.296   1.00 22.85 ? 24  CYS A SG  1 
ATOM   190  N N   . ASN A 1 25  ? -14.440 -0.166  5.934   1.00 14.14 ? 25  ASN A N   1 
ATOM   191  C CA  . ASN A 1 25  ? -15.118 -1.066  5.030   1.00 16.36 ? 25  ASN A CA  1 
ATOM   192  C C   . ASN A 1 25  ? -14.368 -2.370  4.748   1.00 15.97 ? 25  ASN A C   1 
ATOM   193  O O   . ASN A 1 25  ? -14.621 -3.036  3.759   1.00 15.93 ? 25  ASN A O   1 
ATOM   194  C CB  . ASN A 1 25  ? -15.485 -0.325  3.735   1.00 17.81 ? 25  ASN A CB  1 
ATOM   195  C CG  . ASN A 1 25  ? -16.474 0.838   3.974   1.00 22.91 ? 25  ASN A CG  1 
ATOM   196  O OD1 . ASN A 1 25  ? -16.777 1.208   5.126   1.00 23.15 ? 25  ASN A OD1 1 
ATOM   197  N ND2 . ASN A 1 25  ? -16.971 1.428   2.878   1.00 23.97 ? 25  ASN A ND2 1 
ATOM   198  N N   . GLY A 1 26  ? -13.443 -2.728  5.628   1.00 17.24 ? 26  GLY A N   1 
ATOM   199  C CA  . GLY A 1 26  ? -12.756 -3.994  5.456   1.00 17.07 ? 26  GLY A CA  1 
ATOM   200  C C   . GLY A 1 26  ? -12.699 -4.608  6.835   1.00 16.76 ? 26  GLY A C   1 
ATOM   201  O O   . GLY A 1 26  ? -11.757 -5.329  7.158   1.00 15.21 ? 26  GLY A O   1 
ATOM   202  N N   . ASP A 1 27  ? -13.749 -4.358  7.631   1.00 16.20 ? 27  ASP A N   1 
ATOM   203  C CA  . ASP A 1 27  ? -13.766 -4.795  9.033   1.00 16.68 ? 27  ASP A CA  1 
ATOM   204  C C   . ASP A 1 27  ? -13.488 -6.265  9.271   1.00 16.98 ? 27  ASP A C   1 
ATOM   205  O O   . ASP A 1 27  ? -12.714 -6.598  10.154  1.00 15.61 ? 27  ASP A O   1 
ATOM   206  C CB  . ASP A 1 27  ? -15.121 -4.497  9.727   1.00 15.93 ? 27  ASP A CB  1 
ATOM   207  C CG  . ASP A 1 27  ? -15.453 -3.012  9.821   1.00 17.53 ? 27  ASP A CG  1 
ATOM   208  O OD1 . ASP A 1 27  ? -14.654 -2.173  9.349   1.00 16.99 ? 27  ASP A OD1 1 
ATOM   209  O OD2 . ASP A 1 27  ? -16.541 -2.685  10.380  1.00 16.83 ? 27  ASP A OD2 1 
ATOM   210  N N   . SER A 1 28  ? -14.124 -7.151  8.504   1.00 16.60 ? 28  SER A N   1 
ATOM   211  C CA  . SER A 1 28  ? -13.962 -8.569  8.797   1.00 17.09 ? 28  SER A CA  1 
ATOM   212  C C   . SER A 1 28  ? -12.561 -9.074  8.565   1.00 17.21 ? 28  SER A C   1 
ATOM   213  O O   . SER A 1 28  ? -12.169 -10.096 9.132   1.00 18.57 ? 28  SER A O   1 
ATOM   214  C CB  . SER A 1 28  ? -15.000 -9.400  8.023   1.00 17.67 ? 28  SER A CB  1 
ATOM   215  O OG  . SER A 1 28  ? -14.855 -9.197  6.642   1.00 17.73 ? 28  SER A OG  1 
ATOM   216  N N   . LEU A 1 29  ? -11.787 -8.358  7.753   1.00 16.53 ? 29  LEU A N   1 
ATOM   217  C CA  . LEU A 1 29  ? -10.404 -8.749  7.511   1.00 14.64 ? 29  LEU A CA  1 
ATOM   218  C C   . LEU A 1 29  ? -9.504  -8.178  8.614   1.00 16.67 ? 29  LEU A C   1 
ATOM   219  O O   . LEU A 1 29  ? -8.740  -8.907  9.287   1.00 14.26 ? 29  LEU A O   1 
ATOM   220  C CB  . LEU A 1 29  ? -9.911  -8.238  6.147   1.00 18.64 ? 29  LEU A CB  1 
ATOM   221  C CG  . LEU A 1 29  ? -8.385  -8.406  5.922   1.00 18.92 ? 29  LEU A CG  1 
ATOM   222  C CD1 . LEU A 1 29  ? -8.036  -9.898  5.703   1.00 18.28 ? 29  LEU A CD1 1 
ATOM   223  C CD2 . LEU A 1 29  ? -7.965  -7.598  4.663   1.00 21.34 ? 29  LEU A CD2 1 
ATOM   224  N N   . PHE A 1 30  ? -9.613  -6.872  8.817   1.00 14.66 ? 30  PHE A N   1 
ATOM   225  C CA  . PHE A 1 30  ? -8.760  -6.204  9.778   1.00 15.48 ? 30  PHE A CA  1 
ATOM   226  C C   . PHE A 1 30  ? -9.007  -6.476  11.254  1.00 15.84 ? 30  PHE A C   1 
ATOM   227  O O   . PHE A 1 30  ? -8.133  -6.213  12.086  1.00 16.17 ? 30  PHE A O   1 
ATOM   228  C CB  . PHE A 1 30  ? -8.790  -4.720  9.455   1.00 14.94 ? 30  PHE A CB  1 
ATOM   229  C CG  . PHE A 1 30  ? -8.055  -4.396  8.204   1.00 13.43 ? 30  PHE A CG  1 
ATOM   230  C CD1 . PHE A 1 30  ? -8.726  -3.944  7.077   1.00 13.90 ? 30  PHE A CD1 1 
ATOM   231  C CD2 . PHE A 1 30  ? -6.665  -4.634  8.130   1.00 13.73 ? 30  PHE A CD2 1 
ATOM   232  C CE1 . PHE A 1 30  ? -8.029  -3.732  5.845   1.00 15.26 ? 30  PHE A CE1 1 
ATOM   233  C CE2 . PHE A 1 30  ? -5.983  -4.430  6.933   1.00 14.38 ? 30  PHE A CE2 1 
ATOM   234  C CZ  . PHE A 1 30  ? -6.653  -3.986  5.797   1.00 17.32 ? 30  PHE A CZ  1 
ATOM   235  N N   . HIS A 1 31  ? -10.182 -7.008  11.586  1.00 16.12 ? 31  HIS A N   1 
ATOM   236  C CA  . HIS A 1 31  ? -10.487 -7.365  12.984  1.00 17.22 ? 31  HIS A CA  1 
ATOM   237  C C   . HIS A 1 31  ? -9.380  -8.351  13.455  1.00 17.98 ? 31  HIS A C   1 
ATOM   238  O O   . HIS A 1 31  ? -8.909  -8.284  14.590  1.00 16.92 ? 31  HIS A O   1 
ATOM   239  C CB  . HIS A 1 31  ? -11.873 -8.025  13.049  1.00 15.81 ? 31  HIS A CB  1 
ATOM   240  C CG  . HIS A 1 31  ? -12.308 -8.431  14.428  1.00 17.22 ? 31  HIS A CG  1 
ATOM   241  N ND1 . HIS A 1 31  ? -11.941 -9.622  15.000  1.00 15.86 ? 31  HIS A ND1 1 
ATOM   242  C CD2 . HIS A 1 31  ? -13.092 -7.799  15.341  1.00 16.98 ? 31  HIS A CD2 1 
ATOM   243  C CE1 . HIS A 1 31  ? -12.466 -9.717  16.210  1.00 16.51 ? 31  HIS A CE1 1 
ATOM   244  N NE2 . HIS A 1 31  ? -13.169 -8.619  16.440  1.00 17.93 ? 31  HIS A NE2 1 
ATOM   245  N N   . GLU A 1 32  ? -8.956  -9.244  12.568  1.00 18.88 ? 32  GLU A N   1 
ATOM   246  C CA  . GLU A 1 32  ? -7.892  -10.208 12.901  1.00 20.81 ? 32  GLU A CA  1 
ATOM   247  C C   . GLU A 1 32  ? -6.531  -9.509  13.101  1.00 21.14 ? 32  GLU A C   1 
ATOM   248  O O   . GLU A 1 32  ? -5.729  -9.917  13.953  1.00 20.87 ? 32  GLU A O   1 
ATOM   249  C CB  . GLU A 1 32  ? -7.758  -11.250 11.770  1.00 23.33 ? 32  GLU A CB  1 
ATOM   250  C CG  . GLU A 1 32  ? -6.865  -12.462 12.081  1.00 27.33 ? 32  GLU A CG  1 
ATOM   251  C CD  . GLU A 1 32  ? -7.386  -13.285 13.256  1.00 30.77 ? 32  GLU A CD  1 
ATOM   252  O OE1 . GLU A 1 32  ? -8.551  -13.090 13.648  1.00 31.49 ? 32  GLU A OE1 1 
ATOM   253  O OE2 . GLU A 1 32  ? -6.633  -14.136 13.786  1.00 33.32 ? 32  GLU A OE2 1 
ATOM   254  N N   . PHE A 1 33  ? -6.267  -8.457  12.327  1.00 20.73 ? 33  PHE A N   1 
ATOM   255  C CA  . PHE A 1 33  ? -4.991  -7.717  12.449  1.00 21.26 ? 33  PHE A CA  1 
ATOM   256  C C   . PHE A 1 33  ? -4.863  -7.090  13.833  1.00 21.75 ? 33  PHE A C   1 
ATOM   257  O O   . PHE A 1 33  ? -3.772  -6.898  14.357  1.00 19.63 ? 33  PHE A O   1 
ATOM   258  C CB  . PHE A 1 33  ? -4.927  -6.584  11.408  1.00 21.07 ? 33  PHE A CB  1 
ATOM   259  C CG  . PHE A 1 33  ? -4.599  -7.034  10.016  1.00 20.40 ? 33  PHE A CG  1 
ATOM   260  C CD1 . PHE A 1 33  ? -5.456  -7.869  9.300   1.00 20.74 ? 33  PHE A CD1 1 
ATOM   261  C CD2 . PHE A 1 33  ? -3.426  -6.611  9.411   1.00 18.53 ? 33  PHE A CD2 1 
ATOM   262  C CE1 . PHE A 1 33  ? -5.163  -8.264  8.010   1.00 21.08 ? 33  PHE A CE1 1 
ATOM   263  C CE2 . PHE A 1 33  ? -3.118  -7.015  8.084   1.00 22.64 ? 33  PHE A CE2 1 
ATOM   264  C CZ  . PHE A 1 33  ? -3.989  -7.841  7.391   1.00 19.90 ? 33  PHE A CZ  1 
ATOM   265  N N   . LYS A 1 34  ? -5.999  -6.730  14.405  1.00 23.37 ? 34  LYS A N   1 
ATOM   266  C CA  . LYS A 1 34  ? -6.043  -6.097  15.701  1.00 25.67 ? 34  LYS A CA  1 
ATOM   267  C C   . LYS A 1 34  ? -5.383  -6.958  16.781  1.00 27.73 ? 34  LYS A C   1 
ATOM   268  O O   . LYS A 1 34  ? -4.929  -6.452  17.811  1.00 25.74 ? 34  LYS A O   1 
ATOM   269  C CB  . LYS A 1 34  ? -7.514  -5.803  16.043  1.00 29.09 ? 34  LYS A CB  1 
ATOM   270  C CG  . LYS A 1 34  ? -7.763  -4.451  16.631  1.00 29.42 ? 34  LYS A CG  1 
ATOM   271  C CD  . LYS A 1 34  ? -9.243  -4.232  16.838  1.00 29.81 ? 34  LYS A CD  1 
ATOM   272  C CE  . LYS A 1 34  ? -9.488  -3.126  17.855  1.00 34.39 ? 34  LYS A CE  1 
ATOM   273  N NZ  . LYS A 1 34  ? -8.836  -1.862  17.418  1.00 36.43 ? 34  LYS A NZ  1 
ATOM   274  N N   . ASN A 1 35  ? -5.283  -8.262  16.525  1.00 29.20 ? 35  ASN A N   1 
ATOM   275  C CA  . ASN A 1 35  ? -4.678  -9.153  17.502  1.00 31.54 ? 35  ASN A CA  1 
ATOM   276  C C   . ASN A 1 35  ? -3.196  -8.873  17.556  1.00 30.35 ? 35  ASN A C   1 
ATOM   277  O O   . ASN A 1 35  ? -2.546  -9.186  18.545  1.00 32.98 ? 35  ASN A O   1 
ATOM   278  C CB  . ASN A 1 35  ? -4.907  -10.642 17.145  1.00 34.41 ? 35  ASN A CB  1 
ATOM   279  C CG  . ASN A 1 35  ? -6.375  -10.994 16.962  1.00 36.27 ? 35  ASN A CG  1 
ATOM   280  O OD1 . ASN A 1 35  ? -7.246  -10.548 17.714  1.00 40.61 ? 35  ASN A OD1 1 
ATOM   281  N ND2 . ASN A 1 35  ? -6.659  -11.811 15.960  1.00 38.89 ? 35  ASN A ND2 1 
ATOM   282  N N   . TYR A 1 36  ? -2.656  -8.233  16.511  1.00 27.15 ? 36  TYR A N   1 
ATOM   283  C CA  . TYR A 1 36  ? -1.221  -7.962  16.434  1.00 24.80 ? 36  TYR A CA  1 
ATOM   284  C C   . TYR A 1 36  ? -0.740  -6.535  16.326  1.00 23.33 ? 36  TYR A C   1 
ATOM   285  O O   . TYR A 1 36  ? 0.378   -6.243  16.738  1.00 24.76 ? 36  TYR A O   1 
ATOM   286  C CB  . TYR A 1 36  ? -0.584  -8.740  15.255  1.00 26.49 ? 36  TYR A CB  1 
ATOM   287  C CG  . TYR A 1 36  ? -1.039  -10.169 15.196  1.00 28.44 ? 36  TYR A CG  1 
ATOM   288  C CD1 . TYR A 1 36  ? -2.057  -10.559 14.343  1.00 27.44 ? 36  TYR A CD1 1 
ATOM   289  C CD2 . TYR A 1 36  ? -0.551  -11.102 16.106  1.00 30.63 ? 36  TYR A CD2 1 
ATOM   290  C CE1 . TYR A 1 36  ? -2.592  -11.831 14.404  1.00 28.68 ? 36  TYR A CE1 1 
ATOM   291  C CE2 . TYR A 1 36  ? -1.075  -12.376 16.177  1.00 30.84 ? 36  TYR A CE2 1 
ATOM   292  C CZ  . TYR A 1 36  ? -2.095  -12.738 15.336  1.00 29.60 ? 36  TYR A CZ  1 
ATOM   293  O OH  . TYR A 1 36  ? -2.650  -13.998 15.441  1.00 31.13 ? 36  TYR A OH  1 
ATOM   294  N N   . VAL A 1 37  ? -1.534  -5.647  15.727  1.00 19.61 ? 37  VAL A N   1 
ATOM   295  C CA  . VAL A 1 37  ? -1.128  -4.246  15.566  1.00 16.59 ? 37  VAL A CA  1 
ATOM   296  C C   . VAL A 1 37  ? -2.302  -3.340  15.908  1.00 16.87 ? 37  VAL A C   1 
ATOM   297  O O   . VAL A 1 37  ? -3.429  -3.813  16.035  1.00 14.90 ? 37  VAL A O   1 
ATOM   298  C CB  . VAL A 1 37  ? -0.674  -3.911  14.127  1.00 17.31 ? 37  VAL A CB  1 
ATOM   299  C CG1 . VAL A 1 37  ? 0.564   -4.740  13.748  1.00 19.50 ? 37  VAL A CG1 1 
ATOM   300  C CG2 . VAL A 1 37  ? -1.858  -4.182  13.111  1.00 16.94 ? 37  VAL A CG2 1 
ATOM   301  N N   . ASN A 1 38  ? -2.049  -2.044  16.054  1.00 16.51 ? 38  ASN A N   1 
ATOM   302  C CA  . ASN A 1 38  ? -3.157  -1.142  16.377  1.00 17.42 ? 38  ASN A CA  1 
ATOM   303  C C   . ASN A 1 38  ? -3.961  -0.964  15.118  1.00 17.35 ? 38  ASN A C   1 
ATOM   304  O O   . ASN A 1 38  ? -3.385  -0.720  14.052  1.00 17.67 ? 38  ASN A O   1 
ATOM   305  C CB  . ASN A 1 38  ? -2.617  0.225   16.811  1.00 21.56 ? 38  ASN A CB  1 
ATOM   306  C CG  . ASN A 1 38  ? -1.711  0.126   18.049  1.00 26.25 ? 38  ASN A CG  1 
ATOM   307  O OD1 . ASN A 1 38  ? -2.049  -0.540  19.013  1.00 29.08 ? 38  ASN A OD1 1 
ATOM   308  N ND2 . ASN A 1 38  ? -0.578  0.805   18.018  1.00 27.67 ? 38  ASN A ND2 1 
ATOM   309  N N   . VAL A 1 39  ? -5.280  -1.081  15.240  1.00 16.84 ? 39  VAL A N   1 
ATOM   310  C CA  . VAL A 1 39  ? -6.171  -0.876  14.100  1.00 15.76 ? 39  VAL A CA  1 
ATOM   311  C C   . VAL A 1 39  ? -7.224  0.185   14.476  1.00 17.07 ? 39  VAL A C   1 
ATOM   312  O O   . VAL A 1 39  ? -7.907  0.037   15.480  1.00 17.91 ? 39  VAL A O   1 
ATOM   313  C CB  . VAL A 1 39  ? -6.911  -2.186  13.716  1.00 16.38 ? 39  VAL A CB  1 
ATOM   314  C CG1 . VAL A 1 39  ? -7.857  -1.930  12.546  1.00 12.92 ? 39  VAL A CG1 1 
ATOM   315  C CG2 . VAL A 1 39  ? -5.896  -3.283  13.329  1.00 14.17 ? 39  VAL A CG2 1 
ATOM   316  N N   . GLU A 1 40  ? -7.320  1.251   13.692  1.00 16.77 ? 40  GLU A N   1 
ATOM   317  C CA  . GLU A 1 40  ? -8.322  2.294   13.896  1.00 17.26 ? 40  GLU A CA  1 
ATOM   318  C C   . GLU A 1 40  ? -9.315  2.159   12.765  1.00 17.90 ? 40  GLU A C   1 
ATOM   319  O O   . GLU A 1 40  ? -8.916  2.011   11.614  1.00 17.80 ? 40  GLU A O   1 
ATOM   320  C CB  . GLU A 1 40  ? -7.683  3.679   13.803  1.00 19.52 ? 40  GLU A CB  1 
ATOM   321  C CG  . GLU A 1 40  ? -6.713  3.984   14.909  1.00 25.65 ? 40  GLU A CG  1 
ATOM   322  C CD  . GLU A 1 40  ? -6.021  5.316   14.682  1.00 28.88 ? 40  GLU A CD  1 
ATOM   323  O OE1 . GLU A 1 40  ? -6.594  6.188   13.977  1.00 31.66 ? 40  GLU A OE1 1 
ATOM   324  O OE2 . GLU A 1 40  ? -4.921  5.486   15.223  1.00 32.10 ? 40  GLU A OE2 1 
ATOM   325  N N   . THR A 1 41  ? -10.607 2.196   13.069  1.00 16.61 ? 41  THR A N   1 
ATOM   326  C CA  . THR A 1 41  ? -11.604 2.059   12.033  1.00 17.58 ? 41  THR A CA  1 
ATOM   327  C C   . THR A 1 41  ? -12.194 3.431   11.792  1.00 19.46 ? 41  THR A C   1 
ATOM   328  O O   . THR A 1 41  ? -12.728 4.057   12.704  1.00 18.68 ? 41  THR A O   1 
ATOM   329  C CB  . THR A 1 41  ? -12.707 1.023   12.431  1.00 16.64 ? 41  THR A CB  1 
ATOM   330  O OG1 . THR A 1 41  ? -12.115 -0.294  12.497  1.00 18.07 ? 41  THR A OG1 1 
ATOM   331  C CG2 . THR A 1 41  ? -13.839 0.992   11.376  1.00 17.31 ? 41  THR A CG2 1 
ATOM   332  N N   . LEU A 1 42  ? -12.077 3.897   10.558  1.00 20.81 ? 42  LEU A N   1 
ATOM   333  C CA  . LEU A 1 42  ? -12.549 5.226   10.184  1.00 21.38 ? 42  LEU A CA  1 
ATOM   334  C C   . LEU A 1 42  ? -14.043 5.162   9.920   1.00 22.38 ? 42  LEU A C   1 
ATOM   335  O O   . LEU A 1 42  ? -14.596 4.087   9.650   1.00 20.15 ? 42  LEU A O   1 
ATOM   336  C CB  . LEU A 1 42  ? -11.832 5.703   8.919   1.00 22.10 ? 42  LEU A CB  1 
ATOM   337  C CG  . LEU A 1 42  ? -10.304 5.744   8.966   1.00 22.53 ? 42  LEU A CG  1 
ATOM   338  C CD1 . LEU A 1 42  ? -9.765  6.134   7.605   1.00 23.33 ? 42  LEU A CD1 1 
ATOM   339  C CD2 . LEU A 1 42  ? -9.828  6.694   10.019  1.00 23.40 ? 42  LEU A CD2 1 
ATOM   340  N N   . ASN A 1 43  ? -14.675 6.329   9.974   1.00 22.94 ? 43  ASN A N   1 
ATOM   341  C CA  . ASN A 1 43  ? -16.106 6.440   9.761   1.00 25.85 ? 43  ASN A CA  1 
ATOM   342  C C   . ASN A 1 43  ? -16.484 7.117   8.449   1.00 27.05 ? 43  ASN A C   1 
ATOM   343  O O   . ASN A 1 43  ? -15.687 7.845   7.851   1.00 27.14 ? 43  ASN A O   1 
ATOM   344  C CB  . ASN A 1 43  ? -16.759 7.254   10.896  1.00 25.57 ? 43  ASN A CB  1 
ATOM   345  C CG  . ASN A 1 43  ? -16.498 6.671   12.270  1.00 28.04 ? 43  ASN A CG  1 
ATOM   346  O OD1 . ASN A 1 43  ? -16.852 5.535   12.543  1.00 27.80 ? 43  ASN A OD1 1 
ATOM   347  N ND2 . ASN A 1 43  ? -15.880 7.450   13.143  1.00 28.41 ? 43  ASN A ND2 1 
ATOM   348  N N   . ASN A 1 44  ? -17.720 6.845   8.031   1.00 28.65 ? 44  ASN A N   1 
ATOM   349  C CA  . ASN A 1 44  ? -18.360 7.424   6.860   1.00 31.27 ? 44  ASN A CA  1 
ATOM   350  C C   . ASN A 1 44  ? -17.682 7.208   5.505   1.00 30.97 ? 44  ASN A C   1 
ATOM   351  O O   . ASN A 1 44  ? -17.606 8.141   4.694   1.00 31.03 ? 44  ASN A O   1 
ATOM   352  C CB  . ASN A 1 44  ? -18.565 8.938   7.114   1.00 33.82 ? 44  ASN A CB  1 
ATOM   353  C CG  . ASN A 1 44  ? -19.308 9.225   8.419   1.00 35.59 ? 44  ASN A CG  1 
ATOM   354  O OD1 . ASN A 1 44  ? -20.408 8.715   8.641   1.00 36.57 ? 44  ASN A OD1 1 
ATOM   355  N ND2 . ASN A 1 44  ? -18.701 10.053  9.300   1.00 35.99 ? 44  ASN A ND2 1 
ATOM   356  N N   . CYS A 1 45  ? -17.192 5.992   5.250   1.00 28.79 ? 45  CYS A N   1 
ATOM   357  C CA  . CYS A 1 45  ? -16.520 5.700   3.987   1.00 26.95 ? 45  CYS A CA  1 
ATOM   358  C C   . CYS A 1 45  ? -17.451 5.099   2.941   1.00 27.36 ? 45  CYS A C   1 
ATOM   359  O O   . CYS A 1 45  ? -18.154 4.120   3.206   1.00 28.03 ? 45  CYS A O   1 
ATOM   360  C CB  . CYS A 1 45  ? -15.341 4.723   4.193   1.00 23.60 ? 45  CYS A CB  1 
ATOM   361  S SG  . CYS A 1 45  ? -13.981 5.304   5.252   1.00 25.43 ? 45  CYS A SG  1 
ATOM   362  N N   . LYS A 1 46  ? -17.438 5.658   1.733   1.00 28.90 ? 46  LYS A N   1 
ATOM   363  C CA  . LYS A 1 46  ? -18.273 5.131   0.657   1.00 28.17 ? 46  LYS A CA  1 
ATOM   364  C C   . LYS A 1 46  ? -17.607 3.916   0.020   1.00 27.12 ? 46  LYS A C   1 
ATOM   365  O O   . LYS A 1 46  ? -18.283 3.017   -0.519  1.00 27.14 ? 46  LYS A O   1 
ATOM   366  C CB  . LYS A 1 46  ? -18.508 6.220   -0.389  1.00 31.41 ? 46  LYS A CB  1 
ATOM   367  C CG  . LYS A 1 46  ? -19.076 7.487   0.228   1.00 34.79 ? 46  LYS A CG  1 
ATOM   368  C CD  . LYS A 1 46  ? -19.352 8.575   -0.806  1.00 37.50 ? 46  LYS A CD  1 
ATOM   369  C CE  . LYS A 1 46  ? -20.078 9.740   -0.147  1.00 38.00 ? 46  LYS A CE  1 
ATOM   370  N NZ  . LYS A 1 46  ? -20.097 10.967  -1.012  1.00 42.89 ? 46  LYS A NZ  1 
ATOM   371  N N   . LYS A 1 47  ? -16.272 3.889   0.070   1.00 24.33 ? 47  LYS A N   1 
ATOM   372  C CA  . LYS A 1 47  ? -15.519 2.767   -0.485  1.00 22.22 ? 47  LYS A CA  1 
ATOM   373  C C   . LYS A 1 47  ? -14.412 2.414   0.518   1.00 19.85 ? 47  LYS A C   1 
ATOM   374  O O   . LYS A 1 47  ? -13.994 3.230   1.308   1.00 18.51 ? 47  LYS A O   1 
ATOM   375  C CB  . LYS A 1 47  ? -14.916 3.136   -1.841  1.00 23.95 ? 47  LYS A CB  1 
ATOM   376  C CG  . LYS A 1 47  ? -15.939 3.289   -3.007  1.00 24.74 ? 47  LYS A CG  1 
ATOM   377  C CD  . LYS A 1 47  ? -15.187 3.712   -4.271  1.00 26.11 ? 47  LYS A CD  1 
ATOM   378  C CE  . LYS A 1 47  ? -16.052 3.704   -5.525  1.00 26.62 ? 47  LYS A CE  1 
ATOM   379  N NZ  . LYS A 1 47  ? -16.739 2.409   -5.710  1.00 28.72 ? 47  LYS A NZ  1 
ATOM   380  N N   . PRO A 1 48  ? -13.930 1.189   0.476   1.00 19.54 ? 48  PRO A N   1 
ATOM   381  C CA  . PRO A 1 48  ? -12.884 0.780   1.417   1.00 18.14 ? 48  PRO A CA  1 
ATOM   382  C C   . PRO A 1 48  ? -11.515 1.425   1.234   1.00 19.04 ? 48  PRO A C   1 
ATOM   383  O O   . PRO A 1 48  ? -11.130 1.834   0.117   1.00 17.66 ? 48  PRO A O   1 
ATOM   384  C CB  . PRO A 1 48  ? -12.827 -0.748  1.217   1.00 19.21 ? 48  PRO A CB  1 
ATOM   385  C CG  . PRO A 1 48  ? -13.270 -0.946  -0.198  1.00 21.96 ? 48  PRO A CG  1 
ATOM   386  C CD  . PRO A 1 48  ? -14.378 0.066   -0.371  1.00 20.04 ? 48  PRO A CD  1 
ATOM   387  N N   . LEU A 1 49  ? -10.782 1.540   2.336   1.00 17.85 ? 49  LEU A N   1 
ATOM   388  C CA  . LEU A 1 49  ? -9.422  2.015   2.222   1.00 18.12 ? 49  LEU A CA  1 
ATOM   389  C C   . LEU A 1 49  ? -8.663  1.600   3.446   1.00 17.80 ? 49  LEU A C   1 
ATOM   390  O O   . LEU A 1 49  ? -9.263  1.243   4.464   1.00 17.17 ? 49  LEU A O   1 
ATOM   391  C CB  . LEU A 1 49  ? -9.319  3.531   1.985   1.00 21.86 ? 49  LEU A CB  1 
ATOM   392  C CG  . LEU A 1 49  ? -9.283  4.741   2.937   1.00 25.90 ? 49  LEU A CG  1 
ATOM   393  C CD1 . LEU A 1 49  ? -10.631 5.412   2.853   1.00 27.73 ? 49  LEU A CD1 1 
ATOM   394  C CD2 . LEU A 1 49  ? -8.820  4.394   4.345   1.00 26.50 ? 49  LEU A CD2 1 
ATOM   395  N N   A VAL A 1 50  ? -7.339  1.610   3.352   0.50 15.85 ? 50  VAL A N   1 
ATOM   396  N N   B VAL A 1 50  ? -7.341  1.630   3.309   0.50 16.09 ? 50  VAL A N   1 
ATOM   397  C CA  A VAL A 1 50  ? -6.495  1.285   4.489   0.50 15.52 ? 50  VAL A CA  1 
ATOM   398  C CA  B VAL A 1 50  ? -6.407  1.250   4.349   0.50 15.99 ? 50  VAL A CA  1 
ATOM   399  C C   A VAL A 1 50  ? -5.249  2.148   4.397   0.50 16.37 ? 50  VAL A C   1 
ATOM   400  C C   B VAL A 1 50  ? -5.237  2.230   4.345   0.50 16.59 ? 50  VAL A C   1 
ATOM   401  O O   A VAL A 1 50  ? -4.616  2.232   3.343   0.50 16.46 ? 50  VAL A O   1 
ATOM   402  O O   B VAL A 1 50  ? -4.646  2.487   3.291   0.50 16.41 ? 50  VAL A O   1 
ATOM   403  C CB  A VAL A 1 50  ? -6.086  -0.218  4.539   0.50 15.62 ? 50  VAL A CB  1 
ATOM   404  C CB  B VAL A 1 50  ? -5.837  -0.176  4.076   0.50 16.09 ? 50  VAL A CB  1 
ATOM   405  C CG1 A VAL A 1 50  ? -5.238  -0.579  3.354   0.50 14.24 ? 50  VAL A CG1 1 
ATOM   406  C CG1 B VAL A 1 50  ? -4.967  -0.639  5.231   0.50 15.78 ? 50  VAL A CG1 1 
ATOM   407  C CG2 A VAL A 1 50  ? -5.333  -0.501  5.852   0.50 14.41 ? 50  VAL A CG2 1 
ATOM   408  C CG2 B VAL A 1 50  ? -6.981  -1.136  3.815   0.50 16.22 ? 50  VAL A CG2 1 
ATOM   409  N N   . LYS A 1 51  ? -4.934  2.813   5.506   1.00 16.96 ? 51  LYS A N   1 
ATOM   410  C CA  . LYS A 1 51  ? -3.782  3.710   5.625   1.00 18.03 ? 51  LYS A CA  1 
ATOM   411  C C   . LYS A 1 51  ? -2.800  3.051   6.571   1.00 17.58 ? 51  LYS A C   1 
ATOM   412  O O   . LYS A 1 51  ? -3.197  2.536   7.643   1.00 17.97 ? 51  LYS A O   1 
ATOM   413  C CB  . LYS A 1 51  ? -4.169  5.061   6.225   1.00 20.40 ? 51  LYS A CB  1 
ATOM   414  C CG  . LYS A 1 51  ? -4.967  5.909   5.287   1.00 25.23 ? 51  LYS A CG  1 
ATOM   415  C CD  . LYS A 1 51  ? -5.299  7.253   5.916   1.00 28.49 ? 51  LYS A CD  1 
ATOM   416  C CE  . LYS A 1 51  ? -5.601  8.271   4.833   1.00 33.24 ? 51  LYS A CE  1 
ATOM   417  N NZ  . LYS A 1 51  ? -6.384  9.413   5.419   1.00 37.08 ? 51  LYS A NZ  1 
ATOM   418  N N   . VAL A 1 52  ? -1.523  3.082   6.206   1.00 16.82 ? 52  VAL A N   1 
ATOM   419  C CA  . VAL A 1 52  ? -0.507  2.442   7.039   1.00 16.43 ? 52  VAL A CA  1 
ATOM   420  C C   . VAL A 1 52  ? 0.347   3.562   7.594   1.00 17.37 ? 52  VAL A C   1 
ATOM   421  O O   . VAL A 1 52  ? 0.860   4.359   6.838   1.00 15.09 ? 52  VAL A O   1 
ATOM   422  C CB  . VAL A 1 52  ? 0.312   1.482   6.193   1.00 18.78 ? 52  VAL A CB  1 
ATOM   423  C CG1 . VAL A 1 52  ? 1.529   0.977   6.986   1.00 16.76 ? 52  VAL A CG1 1 
ATOM   424  C CG2 . VAL A 1 52  ? -0.607  0.295   5.779   1.00 17.54 ? 52  VAL A CG2 1 
ATOM   425  N N   . LYS A 1 53  ? 0.463   3.609   8.926   1.00 17.30 ? 53  LYS A N   1 
ATOM   426  C CA  . LYS A 1 53  ? 1.209   4.649   9.625   1.00 18.54 ? 53  LYS A CA  1 
ATOM   427  C C   . LYS A 1 53  ? 2.126   4.100   10.693  1.00 21.00 ? 53  LYS A C   1 
ATOM   428  O O   . LYS A 1 53  ? 2.050   2.930   11.095  1.00 19.40 ? 53  LYS A O   1 
ATOM   429  C CB  . LYS A 1 53  ? 0.229   5.594   10.347  1.00 18.92 ? 53  LYS A CB  1 
ATOM   430  C CG  . LYS A 1 53  ? -0.869  6.152   9.446   1.00 20.46 ? 53  LYS A CG  1 
ATOM   431  C CD  . LYS A 1 53  ? -1.917  6.935   10.262  1.00 23.30 ? 53  LYS A CD  1 
ATOM   432  C CE  . LYS A 1 53  ? -1.241  8.021   11.131  1.00 26.83 ? 53  LYS A CE  1 
ATOM   433  N NZ  . LYS A 1 53  ? -2.304  8.852   11.815  1.00 29.41 ? 53  LYS A NZ  1 
ATOM   434  N N   . ARG A 1 54  ? 3.018   4.969   11.138  1.00 23.04 ? 54  ARG A N   1 
ATOM   435  C CA  . ARG A 1 54  ? 3.916   4.647   12.239  1.00 26.06 ? 54  ARG A CA  1 
ATOM   436  C C   . ARG A 1 54  ? 3.970   6.041   12.849  1.00 27.13 ? 54  ARG A C   1 
ATOM   437  O O   . ARG A 1 54  ? 4.488   6.980   12.241  1.00 26.07 ? 54  ARG A O   1 
ATOM   438  C CB  . ARG A 1 54  ? 5.271   4.140   11.740  1.00 27.16 ? 54  ARG A CB  1 
ATOM   439  C CG  . ARG A 1 54  ? 6.090   3.502   12.844  1.00 32.65 ? 54  ARG A CG  1 
ATOM   440  C CD  . ARG A 1 54  ? 7.428   2.910   12.396  1.00 34.97 ? 54  ARG A CD  1 
ATOM   441  N NE  . ARG A 1 54  ? 8.304   2.783   13.562  1.00 39.21 ? 54  ARG A NE  1 
ATOM   442  C CZ  . ARG A 1 54  ? 9.370   1.984   13.650  1.00 41.14 ? 54  ARG A CZ  1 
ATOM   443  N NH1 . ARG A 1 54  ? 9.732   1.200   12.629  1.00 39.58 ? 54  ARG A NH1 1 
ATOM   444  N NH2 . ARG A 1 54  ? 10.079  1.970   14.781  1.00 41.80 ? 54  ARG A NH2 1 
ATOM   445  N N   . GLY A 1 55  ? 3.368   6.181   14.029  1.00 27.72 ? 55  GLY A N   1 
ATOM   446  C CA  . GLY A 1 55  ? 3.286   7.488   14.655  1.00 27.68 ? 55  GLY A CA  1 
ATOM   447  C C   . GLY A 1 55  ? 2.396   8.374   13.800  1.00 27.89 ? 55  GLY A C   1 
ATOM   448  O O   . GLY A 1 55  ? 1.344   7.937   13.325  1.00 28.93 ? 55  GLY A O   1 
ATOM   449  N N   . ASP A 1 56  ? 2.795   9.622   13.574  1.00 26.73 ? 56  ASP A N   1 
ATOM   450  C CA  . ASP A 1 56  ? 1.975   10.511  12.748  1.00 26.59 ? 56  ASP A CA  1 
ATOM   451  C C   . ASP A 1 56  ? 2.291   10.332  11.265  1.00 24.55 ? 56  ASP A C   1 
ATOM   452  O O   . ASP A 1 56  ? 1.638   10.938  10.415  1.00 23.63 ? 56  ASP A O   1 
ATOM   453  C CB  . ASP A 1 56  ? 2.248   11.986  13.080  1.00 31.51 ? 56  ASP A CB  1 
ATOM   454  C CG  . ASP A 1 56  ? 1.696   12.398  14.422  1.00 36.60 ? 56  ASP A CG  1 
ATOM   455  O OD1 . ASP A 1 56  ? 0.560   11.974  14.739  1.00 37.94 ? 56  ASP A OD1 1 
ATOM   456  O OD2 . ASP A 1 56  ? 2.396   13.157  15.142  1.00 38.96 ? 56  ASP A OD2 1 
ATOM   457  N N   . ARG A 1 57  ? 3.302   9.530   10.940  1.00 22.09 ? 57  ARG A N   1 
ATOM   458  C CA  . ARG A 1 57  ? 3.657   9.402   9.519   1.00 21.30 ? 57  ARG A CA  1 
ATOM   459  C C   . ARG A 1 57  ? 2.806   8.425   8.714   1.00 20.55 ? 57  ARG A C   1 
ATOM   460  O O   . ARG A 1 57  ? 2.696   7.275   9.090   1.00 21.24 ? 57  ARG A O   1 
ATOM   461  C CB  . ARG A 1 57  ? 5.116   8.991   9.360   1.00 20.01 ? 57  ARG A CB  1 
ATOM   462  C CG  . ARG A 1 57  ? 5.538   8.756   7.907   1.00 19.18 ? 57  ARG A CG  1 
ATOM   463  C CD  . ARG A 1 57  ? 7.074   8.581   7.846   1.00 21.74 ? 57  ARG A CD  1 
ATOM   464  N NE  . ARG A 1 57  ? 7.530   8.166   6.509   1.00 20.00 ? 57  ARG A NE  1 
ATOM   465  C CZ  . ARG A 1 57  ? 8.793   7.889   6.194   1.00 22.73 ? 57  ARG A CZ  1 
ATOM   466  N NH1 . ARG A 1 57  ? 9.742   7.973   7.120   1.00 20.70 ? 57  ARG A NH1 1 
ATOM   467  N NH2 . ARG A 1 57  ? 9.109   7.541   4.951   1.00 20.58 ? 57  ARG A NH2 1 
ATOM   468  N N   . VAL A 1 58  ? 2.250   8.889   7.595   1.00 19.80 ? 58  VAL A N   1 
ATOM   469  C CA  . VAL A 1 58  ? 1.455   8.022   6.705   1.00 19.73 ? 58  VAL A CA  1 
ATOM   470  C C   . VAL A 1 58  ? 2.385   7.533   5.586   1.00 18.75 ? 58  VAL A C   1 
ATOM   471  O O   . VAL A 1 58  ? 2.923   8.332   4.813   1.00 20.84 ? 58  VAL A O   1 
ATOM   472  C CB  . VAL A 1 58  ? 0.260   8.790   6.059   1.00 21.63 ? 58  VAL A CB  1 
ATOM   473  C CG1 . VAL A 1 58  ? -0.500  7.873   5.072   1.00 19.63 ? 58  VAL A CG1 1 
ATOM   474  C CG2 . VAL A 1 58  ? -0.701  9.306   7.159   1.00 19.75 ? 58  VAL A CG2 1 
ATOM   475  N N   . TYR A 1 59  ? 2.612   6.223   5.527   1.00 16.86 ? 59  TYR A N   1 
ATOM   476  C CA  . TYR A 1 59  ? 3.459   5.643   4.507   1.00 14.19 ? 59  TYR A CA  1 
ATOM   477  C C   . TYR A 1 59  ? 2.736   5.535   3.192   1.00 15.34 ? 59  TYR A C   1 
ATOM   478  O O   . TYR A 1 59  ? 3.316   5.793   2.136   1.00 15.80 ? 59  TYR A O   1 
ATOM   479  C CB  . TYR A 1 59  ? 3.968   4.281   4.961   1.00 17.01 ? 59  TYR A CB  1 
ATOM   480  C CG  . TYR A 1 59  ? 5.033   4.436   6.022   1.00 17.42 ? 59  TYR A CG  1 
ATOM   481  C CD1 . TYR A 1 59  ? 4.689   4.723   7.341   1.00 17.36 ? 59  TYR A CD1 1 
ATOM   482  C CD2 . TYR A 1 59  ? 6.391   4.363   5.685   1.00 18.19 ? 59  TYR A CD2 1 
ATOM   483  C CE1 . TYR A 1 59  ? 5.681   4.947   8.326   1.00 19.82 ? 59  TYR A CE1 1 
ATOM   484  C CE2 . TYR A 1 59  ? 7.385   4.581   6.653   1.00 19.72 ? 59  TYR A CE2 1 
ATOM   485  C CZ  . TYR A 1 59  ? 7.013   4.872   7.966   1.00 19.53 ? 59  TYR A CZ  1 
ATOM   486  O OH  . TYR A 1 59  ? 7.985   5.079   8.942   1.00 21.16 ? 59  TYR A OH  1 
ATOM   487  N N   . TYR A 1 60  ? 1.465   5.159   3.248   1.00 13.72 ? 60  TYR A N   1 
ATOM   488  C CA  . TYR A 1 60  ? 0.665   5.119   2.030   1.00 13.72 ? 60  TYR A CA  1 
ATOM   489  C C   . TYR A 1 60  ? -0.778  4.834   2.370   1.00 14.50 ? 60  TYR A C   1 
ATOM   490  O O   . TYR A 1 60  ? -1.106  4.485   3.510   1.00 14.65 ? 60  TYR A O   1 
ATOM   491  C CB  . TYR A 1 60  ? 1.208   4.036   1.074   1.00 15.34 ? 60  TYR A CB  1 
ATOM   492  C CG  . TYR A 1 60  ? 1.154   2.627   1.626   1.00 16.63 ? 60  TYR A CG  1 
ATOM   493  C CD1 . TYR A 1 60  ? -0.030  1.892   1.599   1.00 17.93 ? 60  TYR A CD1 1 
ATOM   494  C CD2 . TYR A 1 60  ? 2.287   2.033   2.197   1.00 17.31 ? 60  TYR A CD2 1 
ATOM   495  C CE1 . TYR A 1 60  ? -0.084  0.595   2.121   1.00 18.46 ? 60  TYR A CE1 1 
ATOM   496  C CE2 . TYR A 1 60  ? 2.240   0.728   2.742   1.00 16.85 ? 60  TYR A CE2 1 
ATOM   497  C CZ  . TYR A 1 60  ? 1.063   0.023   2.697   1.00 19.25 ? 60  TYR A CZ  1 
ATOM   498  O OH  . TYR A 1 60  ? 0.955   -1.266  3.228   1.00 20.60 ? 60  TYR A OH  1 
ATOM   499  N N   . THR A 1 61  ? -1.639  4.987   1.370   1.00 14.90 ? 61  THR A N   1 
ATOM   500  C CA  . THR A 1 61  ? -3.054  4.664   1.503   1.00 14.24 ? 61  THR A CA  1 
ATOM   501  C C   . THR A 1 61  ? -3.319  3.738   0.322   1.00 15.44 ? 61  THR A C   1 
ATOM   502  O O   . THR A 1 61  ? -2.877  4.020   -0.805  1.00 15.91 ? 61  THR A O   1 
ATOM   503  C CB  . THR A 1 61  ? -3.991  5.863   1.285   1.00 15.67 ? 61  THR A CB  1 
ATOM   504  O OG1 . THR A 1 61  ? -3.749  6.847   2.278   1.00 20.39 ? 61  THR A OG1 1 
ATOM   505  C CG2 . THR A 1 61  ? -5.468  5.411   1.403   1.00 16.00 ? 61  THR A CG2 1 
ATOM   506  N N   . TYR A 1 62  ? -4.023  2.650   0.599   1.00 13.02 ? 62  TYR A N   1 
ATOM   507  C CA  . TYR A 1 62  ? -4.414  1.688   -0.404  1.00 13.64 ? 62  TYR A CA  1 
ATOM   508  C C   . TYR A 1 62  ? -5.936  1.846   -0.495  1.00 13.61 ? 62  TYR A C   1 
ATOM   509  O O   . TYR A 1 62  ? -6.657  1.604   0.511   1.00 14.27 ? 62  TYR A O   1 
ATOM   510  C CB  . TYR A 1 62  ? -4.088  0.279   0.096   1.00 13.08 ? 62  TYR A CB  1 
ATOM   511  C CG  . TYR A 1 62  ? -4.301  -0.787  -0.941  1.00 13.52 ? 62  TYR A CG  1 
ATOM   512  C CD1 . TYR A 1 62  ? -3.218  -1.403  -1.586  1.00 11.22 ? 62  TYR A CD1 1 
ATOM   513  C CD2 . TYR A 1 62  ? -5.602  -1.212  -1.277  1.00 15.92 ? 62  TYR A CD2 1 
ATOM   514  C CE1 . TYR A 1 62  ? -3.426  -2.418  -2.537  1.00 12.57 ? 62  TYR A CE1 1 
ATOM   515  C CE2 . TYR A 1 62  ? -5.822  -2.222  -2.223  1.00 13.85 ? 62  TYR A CE2 1 
ATOM   516  C CZ  . TYR A 1 62  ? -4.742  -2.816  -2.851  1.00 13.38 ? 62  TYR A CZ  1 
ATOM   517  O OH  . TYR A 1 62  ? -4.982  -3.786  -3.813  1.00 16.93 ? 62  TYR A OH  1 
ATOM   518  N N   . TYR A 1 63  ? -6.407  2.268   -1.663  1.00 14.30 ? 63  TYR A N   1 
ATOM   519  C CA  . TYR A 1 63  ? -7.824  2.443   -1.923  1.00 16.03 ? 63  TYR A CA  1 
ATOM   520  C C   . TYR A 1 63  ? -8.391  1.154   -2.521  1.00 14.13 ? 63  TYR A C   1 
ATOM   521  O O   . TYR A 1 63  ? -8.227  0.874   -3.708  1.00 12.17 ? 63  TYR A O   1 
ATOM   522  C CB  . TYR A 1 63  ? -8.020  3.636   -2.856  1.00 17.92 ? 63  TYR A CB  1 
ATOM   523  C CG  . TYR A 1 63  ? -7.582  4.939   -2.195  1.00 19.36 ? 63  TYR A CG  1 
ATOM   524  C CD1 . TYR A 1 63  ? -6.326  5.510   -2.472  1.00 19.10 ? 63  TYR A CD1 1 
ATOM   525  C CD2 . TYR A 1 63  ? -8.454  5.628   -1.330  1.00 20.00 ? 63  TYR A CD2 1 
ATOM   526  C CE1 . TYR A 1 63  ? -5.959  6.722   -1.923  1.00 19.89 ? 63  TYR A CE1 1 
ATOM   527  C CE2 . TYR A 1 63  ? -8.099  6.858   -0.772  1.00 22.07 ? 63  TYR A CE2 1 
ATOM   528  C CZ  . TYR A 1 63  ? -6.854  7.397   -1.072  1.00 22.86 ? 63  TYR A CZ  1 
ATOM   529  O OH  . TYR A 1 63  ? -6.489  8.609   -0.513  1.00 26.72 ? 63  TYR A OH  1 
ATOM   530  N N   . GLY A 1 64  ? -9.057  0.389   -1.646  1.00 15.25 ? 64  GLY A N   1 
ATOM   531  C CA  . GLY A 1 64  ? -9.641  -0.900  -1.964  1.00 16.37 ? 64  GLY A CA  1 
ATOM   532  C C   . GLY A 1 64  ? -9.277  -1.756  -0.771  1.00 16.80 ? 64  GLY A C   1 
ATOM   533  O O   . GLY A 1 64  ? -9.002  -1.203  0.310   1.00 17.02 ? 64  GLY A O   1 
ATOM   534  N N   . ILE A 1 65  ? -9.239  -3.075  -0.943  1.00 15.81 ? 65  ILE A N   1 
ATOM   535  C CA  . ILE A 1 65  ? -8.847  -3.959  0.169   1.00 16.38 ? 65  ILE A CA  1 
ATOM   536  C C   . ILE A 1 65  ? -7.733  -4.823  -0.400  1.00 16.35 ? 65  ILE A C   1 
ATOM   537  O O   . ILE A 1 65  ? -7.901  -5.502  -1.410  1.00 16.52 ? 65  ILE A O   1 
ATOM   538  C CB  . ILE A 1 65  ? -10.037 -4.837  0.663   1.00 18.80 ? 65  ILE A CB  1 
ATOM   539  C CG1 . ILE A 1 65  ? -11.174 -3.919  1.147   1.00 19.42 ? 65  ILE A CG1 1 
ATOM   540  C CG2 . ILE A 1 65  ? -9.558  -5.780  1.770   1.00 17.29 ? 65  ILE A CG2 1 
ATOM   541  C CD1 . ILE A 1 65  ? -12.439 -4.679  1.569   1.00 24.11 ? 65  ILE A CD1 1 
ATOM   542  N N   . PRO A 1 66  ? -6.557  -4.809  0.244   1.00 15.62 ? 66  PRO A N   1 
ATOM   543  C CA  . PRO A 1 66  ? -5.455  -5.602  -0.295  1.00 18.44 ? 66  PRO A CA  1 
ATOM   544  C C   . PRO A 1 66  ? -5.505  -7.112  -0.116  1.00 20.16 ? 66  PRO A C   1 
ATOM   545  O O   . PRO A 1 66  ? -4.667  -7.673  0.582   1.00 22.86 ? 66  PRO A O   1 
ATOM   546  C CB  . PRO A 1 66  ? -4.236  -4.976  0.377   1.00 16.32 ? 66  PRO A CB  1 
ATOM   547  C CG  . PRO A 1 66  ? -4.751  -4.629  1.725   1.00 15.94 ? 66  PRO A CG  1 
ATOM   548  C CD  . PRO A 1 66  ? -6.145  -4.054  1.442   1.00 14.92 ? 66  PRO A CD  1 
ATOM   549  N N   . ILE A 1 67  ? -6.467  -7.771  -0.757  1.00 22.09 ? 67  ILE A N   1 
ATOM   550  C CA  . ILE A 1 67  ? -6.556  -9.230  -0.655  1.00 22.59 ? 67  ILE A CA  1 
ATOM   551  C C   . ILE A 1 67  ? -6.041  -9.903  -1.929  1.00 22.08 ? 67  ILE A C   1 
ATOM   552  O O   . ILE A 1 67  ? -5.398  -9.245  -2.748  1.00 19.25 ? 67  ILE A O   1 
ATOM   553  C CB  . ILE A 1 67  ? -8.001  -9.698  -0.334  1.00 25.44 ? 67  ILE A CB  1 
ATOM   554  C CG1 . ILE A 1 67  ? -9.025  -8.818  -1.054  1.00 26.82 ? 67  ILE A CG1 1 
ATOM   555  C CG2 . ILE A 1 67  ? -8.237  -9.610  1.202   1.00 27.77 ? 67  ILE A CG2 1 
ATOM   556  C CD1 . ILE A 1 67  ? -8.910  -8.796  -2.551  1.00 30.18 ? 67  ILE A CD1 1 
ATOM   557  N N   . ALA A 1 68  ? -6.315  -11.202 -2.090  1.00 19.93 ? 68  ALA A N   1 
ATOM   558  C CA  . ALA A 1 68  ? -5.820  -11.952 -3.259  1.00 19.19 ? 68  ALA A CA  1 
ATOM   559  C C   . ALA A 1 68  ? -4.306  -11.778 -3.374  1.00 16.97 ? 68  ALA A C   1 
ATOM   560  O O   . ALA A 1 68  ? -3.612  -11.831 -2.351  1.00 18.02 ? 68  ALA A O   1 
ATOM   561  C CB  . ALA A 1 68  ? -6.525  -11.512 -4.556  1.00 17.07 ? 68  ALA A CB  1 
ATOM   562  N N   . ASN A 1 69  ? -3.764  -11.549 -4.569  1.00 18.76 ? 69  ASN A N   1 
ATOM   563  C CA  . ASN A 1 69  ? -2.300  -11.444 -4.649  1.00 18.48 ? 69  ASN A CA  1 
ATOM   564  C C   . ASN A 1 69  ? -1.661  -10.155 -4.089  1.00 18.39 ? 69  ASN A C   1 
ATOM   565  O O   . ASN A 1 69  ? -0.422  -10.008 -4.076  1.00 18.82 ? 69  ASN A O   1 
ATOM   566  C CB  . ASN A 1 69  ? -1.798  -11.788 -6.084  1.00 21.44 ? 69  ASN A CB  1 
ATOM   567  C CG  . ASN A 1 69  ? -2.003  -10.670 -7.104  1.00 22.45 ? 69  ASN A CG  1 
ATOM   568  O OD1 . ASN A 1 69  ? -1.632  -10.812 -8.285  1.00 23.90 ? 69  ASN A OD1 1 
ATOM   569  N ND2 . ASN A 1 69  ? -2.594  -9.577  -6.675  1.00 22.56 ? 69  ASN A ND2 1 
ATOM   570  N N   . GLU A 1 70  ? -2.494  -9.237  -3.596  1.00 17.86 ? 70  GLU A N   1 
ATOM   571  C CA  . GLU A 1 70  ? -1.974  -7.999  -2.992  1.00 16.43 ? 70  GLU A CA  1 
ATOM   572  C C   . GLU A 1 70  ? -1.780  -8.170  -1.482  1.00 18.36 ? 70  GLU A C   1 
ATOM   573  O O   . GLU A 1 70  ? -1.152  -7.341  -0.806  1.00 14.81 ? 70  GLU A O   1 
ATOM   574  C CB  . GLU A 1 70  ? -2.934  -6.822  -3.262  1.00 17.27 ? 70  GLU A CB  1 
ATOM   575  C CG  . GLU A 1 70  ? -2.967  -6.404  -4.740  1.00 15.28 ? 70  GLU A CG  1 
ATOM   576  C CD  . GLU A 1 70  ? -1.613  -5.869  -5.258  1.00 17.86 ? 70  GLU A CD  1 
ATOM   577  O OE1 . GLU A 1 70  ? -0.792  -5.374  -4.458  1.00 16.52 ? 70  GLU A OE1 1 
ATOM   578  O OE2 . GLU A 1 70  ? -1.369  -5.908  -6.497  1.00 17.88 ? 70  GLU A OE2 1 
ATOM   579  N N   . LEU A 1 71  ? -2.291  -9.259  -0.922  1.00 18.54 ? 71  LEU A N   1 
ATOM   580  C CA  . LEU A 1 71  ? -2.132  -9.427  0.518   1.00 18.64 ? 71  LEU A CA  1 
ATOM   581  C C   . LEU A 1 71  ? -0.675  -9.680  0.940   1.00 19.15 ? 71  LEU A C   1 
ATOM   582  O O   . LEU A 1 71  ? -0.217  -9.144  1.949   1.00 18.65 ? 71  LEU A O   1 
ATOM   583  C CB  . LEU A 1 71  ? -3.013  -10.586 1.036   1.00 21.89 ? 71  LEU A CB  1 
ATOM   584  C CG  . LEU A 1 71  ? -2.879  -10.828 2.555   1.00 22.05 ? 71  LEU A CG  1 
ATOM   585  C CD1 . LEU A 1 71  ? -3.403  -9.612  3.326   1.00 21.24 ? 71  LEU A CD1 1 
ATOM   586  C CD2 . LEU A 1 71  ? -3.687  -12.069 2.957   1.00 24.06 ? 71  LEU A CD2 1 
ATOM   587  N N   . TRP A 1 72  ? 0.041   -10.506 0.185   1.00 19.92 ? 72  TRP A N   1 
ATOM   588  C CA  . TRP A 1 72  ? 1.404   -10.835 0.549   1.00 22.27 ? 72  TRP A CA  1 
ATOM   589  C C   . TRP A 1 72  ? 2.288   -9.587  0.591   1.00 20.92 ? 72  TRP A C   1 
ATOM   590  O O   . TRP A 1 72  ? 3.017   -9.371  1.581   1.00 21.04 ? 72  TRP A O   1 
ATOM   591  C CB  . TRP A 1 72  ? 1.927   -11.905 -0.417  1.00 26.82 ? 72  TRP A CB  1 
ATOM   592  C CG  . TRP A 1 72  ? 3.379   -12.243 -0.256  1.00 33.00 ? 72  TRP A CG  1 
ATOM   593  C CD1 . TRP A 1 72  ? 4.042   -12.544 0.908   1.00 34.78 ? 72  TRP A CD1 1 
ATOM   594  C CD2 . TRP A 1 72  ? 4.350   -12.312 -1.302  1.00 36.09 ? 72  TRP A CD2 1 
ATOM   595  N NE1 . TRP A 1 72  ? 5.375   -12.794 0.643   1.00 37.33 ? 72  TRP A NE1 1 
ATOM   596  C CE2 . TRP A 1 72  ? 5.590   -12.659 -0.707  1.00 36.90 ? 72  TRP A CE2 1 
ATOM   597  C CE3 . TRP A 1 72  ? 4.295   -12.119 -2.695  1.00 37.69 ? 72  TRP A CE3 1 
ATOM   598  C CZ2 . TRP A 1 72  ? 6.765   -12.807 -1.449  1.00 38.74 ? 72  TRP A CZ2 1 
ATOM   599  C CZ3 . TRP A 1 72  ? 5.473   -12.269 -3.433  1.00 39.57 ? 72  TRP A CZ3 1 
ATOM   600  C CH2 . TRP A 1 72  ? 6.688   -12.613 -2.803  1.00 38.76 ? 72  TRP A CH2 1 
ATOM   601  N N   . PRO A 1 73  ? 2.261   -8.760  -0.476  1.00 19.33 ? 73  PRO A N   1 
ATOM   602  C CA  . PRO A 1 73  ? 3.075   -7.537  -0.493  1.00 18.16 ? 73  PRO A CA  1 
ATOM   603  C C   . PRO A 1 73  ? 2.649   -6.607  0.647   1.00 17.95 ? 73  PRO A C   1 
ATOM   604  O O   . PRO A 1 73  ? 3.470   -5.962  1.268   1.00 17.18 ? 73  PRO A O   1 
ATOM   605  C CB  . PRO A 1 73  ? 2.763   -6.905  -1.842  1.00 20.07 ? 73  PRO A CB  1 
ATOM   606  C CG  . PRO A 1 73  ? 2.335   -8.029  -2.676  1.00 21.20 ? 73  PRO A CG  1 
ATOM   607  C CD  . PRO A 1 73  ? 1.631   -9.004  -1.785  1.00 19.62 ? 73  PRO A CD  1 
ATOM   608  N N   . PHE A 1 74  ? 1.351   -6.560  0.925   1.00 17.79 ? 74  PHE A N   1 
ATOM   609  C CA  . PHE A 1 74  ? 0.840   -5.678  1.978   1.00 17.71 ? 74  PHE A CA  1 
ATOM   610  C C   . PHE A 1 74  ? 1.400   -6.092  3.354   1.00 17.06 ? 74  PHE A C   1 
ATOM   611  O O   . PHE A 1 74  ? 1.929   -5.260  4.097   1.00 17.51 ? 74  PHE A O   1 
ATOM   612  C CB  . PHE A 1 74  ? -0.703  -5.719  1.963   1.00 18.65 ? 74  PHE A CB  1 
ATOM   613  C CG  . PHE A 1 74  ? -1.342  -4.940  3.087   1.00 18.87 ? 74  PHE A CG  1 
ATOM   614  C CD1 . PHE A 1 74  ? -1.327  -3.543  3.084   1.00 20.12 ? 74  PHE A CD1 1 
ATOM   615  C CD2 . PHE A 1 74  ? -1.954  -5.602  4.140   1.00 18.07 ? 74  PHE A CD2 1 
ATOM   616  C CE1 . PHE A 1 74  ? -1.928  -2.813  4.136   1.00 18.04 ? 74  PHE A CE1 1 
ATOM   617  C CE2 . PHE A 1 74  ? -2.554  -4.874  5.201   1.00 19.04 ? 74  PHE A CE2 1 
ATOM   618  C CZ  . PHE A 1 74  ? -2.530  -3.481  5.183   1.00 18.23 ? 74  PHE A CZ  1 
ATOM   619  N N   . LEU A 1 75  ? 1.317   -7.377  3.679   1.00 15.03 ? 75  LEU A N   1 
ATOM   620  C CA  . LEU A 1 75  ? 1.862   -7.875  4.937   1.00 17.49 ? 75  LEU A CA  1 
ATOM   621  C C   . LEU A 1 75  ? 3.364   -7.660  4.987   1.00 16.02 ? 75  LEU A C   1 
ATOM   622  O O   . LEU A 1 75  ? 3.907   -7.317  6.032   1.00 17.45 ? 75  LEU A O   1 
ATOM   623  C CB  . LEU A 1 75  ? 1.573   -9.379  5.107   1.00 16.06 ? 75  LEU A CB  1 
ATOM   624  C CG  . LEU A 1 75  ? 0.104   -9.691  5.351   1.00 20.87 ? 75  LEU A CG  1 
ATOM   625  C CD1 . LEU A 1 75  ? -0.095  -11.174 5.336   1.00 19.65 ? 75  LEU A CD1 1 
ATOM   626  C CD2 . LEU A 1 75  ? -0.344  -9.046  6.666   1.00 17.46 ? 75  LEU A CD2 1 
ATOM   627  N N   . ASN A 1 76  ? 4.050   -7.873  3.873   1.00 16.86 ? 76  ASN A N   1 
ATOM   628  C CA  . ASN A 1 76  ? 5.482   -7.648  3.849   1.00 18.88 ? 76  ASN A CA  1 
ATOM   629  C C   . ASN A 1 76  ? 5.813   -6.198  4.160   1.00 17.28 ? 76  ASN A C   1 
ATOM   630  O O   . ASN A 1 76  ? 6.828   -5.901  4.808   1.00 15.64 ? 76  ASN A O   1 
ATOM   631  C CB  . ASN A 1 76  ? 6.053   -7.953  2.473   1.00 24.38 ? 76  ASN A CB  1 
ATOM   632  C CG  . ASN A 1 76  ? 6.819   -9.241  2.431   1.00 29.33 ? 76  ASN A CG  1 
ATOM   633  O OD1 . ASN A 1 76  ? 6.419   -10.224 3.022   1.00 32.53 ? 76  ASN A OD1 1 
ATOM   634  N ND2 . ASN A 1 76  ? 7.915   -9.252  1.678   1.00 33.99 ? 76  ASN A ND2 1 
ATOM   635  N N   . SER A 1 77  ? 5.002   -5.275  3.661   1.00 14.21 ? 77  SER A N   1 
ATOM   636  C CA  . SER A 1 77  ? 5.304   -3.884  3.902   1.00 14.50 ? 77  SER A CA  1 
ATOM   637  C C   . SER A 1 77  ? 5.148   -3.569  5.364   1.00 14.23 ? 77  SER A C   1 
ATOM   638  O O   . SER A 1 77  ? 5.880   -2.750  5.908   1.00 16.22 ? 77  SER A O   1 
ATOM   639  C CB  . SER A 1 77  ? 4.410   -2.928  3.086   1.00 13.70 ? 77  SER A CB  1 
ATOM   640  O OG  . SER A 1 77  ? 3.051   -2.930  3.525   1.00 16.83 ? 77  SER A OG  1 
ATOM   641  N N   . LEU A 1 78  ? 4.162   -4.178  6.020   1.00 13.86 ? 78  LEU A N   1 
ATOM   642  C CA  . LEU A 1 78  ? 3.981   -3.898  7.446   1.00 14.46 ? 78  LEU A CA  1 
ATOM   643  C C   . LEU A 1 78  ? 5.240   -4.287  8.238   1.00 15.98 ? 78  LEU A C   1 
ATOM   644  O O   . LEU A 1 78  ? 5.705   -3.554  9.122   1.00 13.72 ? 78  LEU A O   1 
ATOM   645  C CB  . LEU A 1 78  ? 2.790   -4.706  7.967   1.00 14.93 ? 78  LEU A CB  1 
ATOM   646  C CG  . LEU A 1 78  ? 1.401   -4.018  8.062   1.00 20.95 ? 78  LEU A CG  1 
ATOM   647  C CD1 . LEU A 1 78  ? 1.248   -2.881  7.137   1.00 15.17 ? 78  LEU A CD1 1 
ATOM   648  C CD2 . LEU A 1 78  ? 0.299   -5.059  7.908   1.00 18.99 ? 78  LEU A CD2 1 
ATOM   649  N N   . VAL A 1 79  ? 5.757   -5.471  7.941   1.00 15.72 ? 79  VAL A N   1 
ATOM   650  C CA  . VAL A 1 79  ? 6.946   -5.950  8.645   1.00 16.56 ? 79  VAL A CA  1 
ATOM   651  C C   . VAL A 1 79  ? 8.154   -5.064  8.342   1.00 17.54 ? 79  VAL A C   1 
ATOM   652  O O   . VAL A 1 79  ? 8.909   -4.716  9.242   1.00 17.88 ? 79  VAL A O   1 
ATOM   653  C CB  . VAL A 1 79  ? 7.235   -7.410  8.235   1.00 18.53 ? 79  VAL A CB  1 
ATOM   654  C CG1 . VAL A 1 79  ? 8.563   -7.905  8.874   1.00 21.05 ? 79  VAL A CG1 1 
ATOM   655  C CG2 . VAL A 1 79  ? 6.045   -8.289  8.636   1.00 18.52 ? 79  VAL A CG2 1 
ATOM   656  N N   . ARG A 1 80  ? 8.346   -4.701  7.072   1.00 17.96 ? 80  ARG A N   1 
ATOM   657  C CA  . ARG A 1 80  ? 9.497   -3.869  6.702   1.00 17.75 ? 80  ARG A CA  1 
ATOM   658  C C   . ARG A 1 80  ? 9.435   -2.503  7.369   1.00 18.43 ? 80  ARG A C   1 
ATOM   659  O O   . ARG A 1 80  ? 10.431  -2.015  7.905   1.00 18.43 ? 80  ARG A O   1 
ATOM   660  C CB  . ARG A 1 80  ? 9.587   -3.697  5.178   1.00 18.05 ? 80  ARG A CB  1 
ATOM   661  C CG  . ARG A 1 80  ? 9.894   -4.957  4.382   1.00 21.19 ? 80  ARG A CG  1 
ATOM   662  C CD  . ARG A 1 80  ? 10.671  -4.602  3.079   1.00 23.64 ? 80  ARG A CD  1 
ATOM   663  N NE  . ARG A 1 80  ? 11.118  -5.825  2.424   1.00 26.53 ? 80  ARG A NE  1 
ATOM   664  C CZ  . ARG A 1 80  ? 10.449  -6.452  1.459   1.00 27.78 ? 80  ARG A CZ  1 
ATOM   665  N NH1 . ARG A 1 80  ? 9.289   -5.957  1.009   1.00 26.04 ? 80  ARG A NH1 1 
ATOM   666  N NH2 . ARG A 1 80  ? 10.910  -7.609  0.987   1.00 28.58 ? 80  ARG A NH2 1 
ATOM   667  N N   . ILE A 1 81  ? 8.252   -1.893  7.349   1.00 17.70 ? 81  ILE A N   1 
ATOM   668  C CA  . ILE A 1 81  ? 8.082   -0.590  7.962   1.00 18.68 ? 81  ILE A CA  1 
ATOM   669  C C   . ILE A 1 81  ? 8.282   -0.685  9.498   1.00 20.01 ? 81  ILE A C   1 
ATOM   670  O O   . ILE A 1 81  ? 8.964   0.159   10.092  1.00 19.96 ? 81  ILE A O   1 
ATOM   671  C CB  . ILE A 1 81  ? 6.678   -0.020  7.624   1.00 17.72 ? 81  ILE A CB  1 
ATOM   672  C CG1 . ILE A 1 81  ? 6.634   0.379   6.150   1.00 15.27 ? 81  ILE A CG1 1 
ATOM   673  C CG2 . ILE A 1 81  ? 6.355   1.217   8.472   1.00 19.14 ? 81  ILE A CG2 1 
ATOM   674  C CD1 . ILE A 1 81  ? 5.202   0.527   5.616   1.00 16.18 ? 81  ILE A CD1 1 
ATOM   675  N N   A SER A 1 82  ? 7.722   -1.717  10.119  0.50 20.02 ? 82  SER A N   1 
ATOM   676  N N   B SER A 1 82  ? 7.719   -1.712  10.131  0.50 19.66 ? 82  SER A N   1 
ATOM   677  C CA  A SER A 1 82  ? 7.836   -1.850  11.566  0.50 20.34 ? 82  SER A CA  1 
ATOM   678  C CA  B SER A 1 82  ? 7.845   -1.827  11.585  0.50 19.60 ? 82  SER A CA  1 
ATOM   679  C C   A SER A 1 82  ? 9.276   -2.092  12.039  0.50 21.03 ? 82  SER A C   1 
ATOM   680  C C   B SER A 1 82  ? 9.283   -2.093  12.048  0.50 20.60 ? 82  SER A C   1 
ATOM   681  O O   A SER A 1 82  ? 9.646   -1.680  13.141  0.50 20.87 ? 82  SER A O   1 
ATOM   682  O O   B SER A 1 82  ? 9.658   -1.707  13.156  0.50 20.45 ? 82  SER A O   1 
ATOM   683  C CB  A SER A 1 82  ? 6.934   -2.976  12.063  0.50 20.27 ? 82  SER A CB  1 
ATOM   684  C CB  B SER A 1 82  ? 6.912   -2.917  12.127  0.50 18.98 ? 82  SER A CB  1 
ATOM   685  O OG  A SER A 1 82  ? 6.912   -3.000  13.478  0.50 19.60 ? 82  SER A OG  1 
ATOM   686  O OG  B SER A 1 82  ? 7.343   -4.212  11.750  0.50 16.01 ? 82  SER A OG  1 
ATOM   687  N N   . ASN A 1 83  ? 10.072  -2.757  11.207  1.00 21.40 ? 83  ASN A N   1 
ATOM   688  C CA  . ASN A 1 83  ? 11.478  -3.058  11.524  1.00 23.88 ? 83  ASN A CA  1 
ATOM   689  C C   . ASN A 1 83  ? 12.422  -2.024  10.913  1.00 25.02 ? 83  ASN A C   1 
ATOM   690  O O   . ASN A 1 83  ? 13.636  -2.033  11.169  1.00 24.11 ? 83  ASN A O   1 
ATOM   691  C CB  . ASN A 1 83  ? 11.859  -4.435  10.995  1.00 23.60 ? 83  ASN A CB  1 
ATOM   692  C CG  . ASN A 1 83  ? 11.259  -5.558  11.812  1.00 27.22 ? 83  ASN A CG  1 
ATOM   693  O OD1 . ASN A 1 83  ? 11.043  -6.648  11.308  1.00 29.80 ? 83  ASN A OD1 1 
ATOM   694  N ND2 . ASN A 1 83  ? 10.997  -5.298  13.078  1.00 23.38 ? 83  ASN A ND2 1 
ATOM   695  N N   . ASN A 1 84  ? 11.864  -1.117  10.123  1.00 26.12 ? 84  ASN A N   1 
ATOM   696  C CA  . ASN A 1 84  ? 12.657  -0.073  9.470   1.00 27.50 ? 84  ASN A CA  1 
ATOM   697  C C   . ASN A 1 84  ? 13.744  -0.676  8.594   1.00 27.95 ? 84  ASN A C   1 
ATOM   698  O O   . ASN A 1 84  ? 14.918  -0.256  8.624   1.00 29.53 ? 84  ASN A O   1 
ATOM   699  C CB  . ASN A 1 84  ? 13.275  0.877   10.496  1.00 30.44 ? 84  ASN A CB  1 
ATOM   700  C CG  . ASN A 1 84  ? 13.947  2.075   9.837   1.00 33.61 ? 84  ASN A CG  1 
ATOM   701  O OD1 . ASN A 1 84  ? 13.557  2.477   8.739   1.00 34.72 ? 84  ASN A OD1 1 
ATOM   702  N ND2 . ASN A 1 84  ? 14.947  2.655   10.505  1.00 34.11 ? 84  ASN A ND2 1 
ATOM   703  N N   . VAL A 1 85  ? 13.359  -1.681  7.818   1.00 26.32 ? 85  VAL A N   1 
ATOM   704  C CA  . VAL A 1 85  ? 14.281  -2.305  6.892   1.00 27.71 ? 85  VAL A CA  1 
ATOM   705  C C   . VAL A 1 85  ? 13.780  -2.186  5.448   1.00 27.36 ? 85  VAL A C   1 
ATOM   706  O O   . VAL A 1 85  ? 12.589  -2.252  5.186   1.00 26.47 ? 85  VAL A O   1 
ATOM   707  C CB  . VAL A 1 85  ? 14.494  -3.790  7.204   1.00 28.61 ? 85  VAL A CB  1 
ATOM   708  C CG1 . VAL A 1 85  ? 13.258  -4.600  6.874   1.00 29.18 ? 85  VAL A CG1 1 
ATOM   709  C CG2 . VAL A 1 85  ? 15.673  -4.306  6.400   1.00 30.54 ? 85  VAL A CG2 1 
ATOM   710  N N   . VAL A 1 86  ? 14.705  -1.985  4.519   1.00 28.47 ? 86  VAL A N   1 
ATOM   711  C CA  . VAL A 1 86  ? 14.357  -1.910  3.107   1.00 30.12 ? 86  VAL A CA  1 
ATOM   712  C C   . VAL A 1 86  ? 15.268  -2.906  2.379   1.00 29.56 ? 86  VAL A C   1 
ATOM   713  O O   . VAL A 1 86  ? 16.428  -3.095  2.760   1.00 27.11 ? 86  VAL A O   1 
ATOM   714  C CB  . VAL A 1 86  ? 14.552  -0.460  2.599   1.00 33.42 ? 86  VAL A CB  1 
ATOM   715  C CG1 . VAL A 1 86  ? 14.962  -0.451  1.137   1.00 34.65 ? 86  VAL A CG1 1 
ATOM   716  C CG2 . VAL A 1 86  ? 13.225  0.331   2.795   1.00 32.00 ? 86  VAL A CG2 1 
ATOM   717  N N   . ASN A 1 87  ? 14.752  -3.560  1.349   1.00 28.52 ? 87  ASN A N   1 
ATOM   718  C CA  . ASN A 1 87  ? 15.576  -4.522  0.639   1.00 30.15 ? 87  ASN A CA  1 
ATOM   719  C C   . ASN A 1 87  ? 16.001  -4.097  -0.774  1.00 30.35 ? 87  ASN A C   1 
ATOM   720  O O   . ASN A 1 87  ? 16.601  -4.884  -1.504  1.00 31.42 ? 87  ASN A O   1 
ATOM   721  C CB  . ASN A 1 87  ? 14.880  -5.890  0.634   1.00 31.00 ? 87  ASN A CB  1 
ATOM   722  C CG  . ASN A 1 87  ? 14.765  -6.482  2.053   1.00 33.30 ? 87  ASN A CG  1 
ATOM   723  O OD1 . ASN A 1 87  ? 15.785  -6.728  2.720   1.00 33.60 ? 87  ASN A OD1 1 
ATOM   724  N ND2 . ASN A 1 87  ? 13.532  -6.690  2.524   1.00 31.65 ? 87  ASN A ND2 1 
ATOM   725  N N   . LEU A 1 88  ? 15.691  -2.860  -1.163  1.00 27.43 ? 88  LEU A N   1 
ATOM   726  C CA  . LEU A 1 88  ? 16.120  -2.377  -2.477  1.00 26.30 ? 88  LEU A CA  1 
ATOM   727  C C   . LEU A 1 88  ? 17.651  -2.178  -2.380  1.00 25.82 ? 88  LEU A C   1 
ATOM   728  O O   . LEU A 1 88  ? 18.179  -1.907  -1.295  1.00 23.88 ? 88  LEU A O   1 
ATOM   729  C CB  . LEU A 1 88  ? 15.427  -1.048  -2.798  1.00 27.74 ? 88  LEU A CB  1 
ATOM   730  C CG  . LEU A 1 88  ? 13.904  -1.143  -2.900  1.00 27.96 ? 88  LEU A CG  1 
ATOM   731  C CD1 . LEU A 1 88  ? 13.339  0.201   -3.250  1.00 30.72 ? 88  LEU A CD1 1 
ATOM   732  C CD2 . LEU A 1 88  ? 13.519  -2.144  -3.952  1.00 29.31 ? 88  LEU A CD2 1 
ATOM   733  N N   . ASP A 1 89  ? 18.370  -2.305  -3.491  1.00 24.72 ? 89  ASP A N   1 
ATOM   734  C CA  . ASP A 1 89  ? 19.829  -2.144  -3.440  1.00 26.10 ? 89  ASP A CA  1 
ATOM   735  C C   . ASP A 1 89  ? 20.211  -0.662  -3.307  1.00 26.04 ? 89  ASP A C   1 
ATOM   736  O O   . ASP A 1 89  ? 19.366  0.215   -3.494  1.00 25.09 ? 89  ASP A O   1 
ATOM   737  C CB  . ASP A 1 89  ? 20.487  -2.775  -4.684  1.00 27.71 ? 89  ASP A CB  1 
ATOM   738  C CG  . ASP A 1 89  ? 20.165  -2.028  -5.970  1.00 29.45 ? 89  ASP A CG  1 
ATOM   739  O OD1 . ASP A 1 89  ? 19.645  -2.681  -6.900  1.00 31.06 ? 89  ASP A OD1 1 
ATOM   740  O OD2 . ASP A 1 89  ? 20.431  -0.794  -6.066  1.00 29.66 ? 89  ASP A OD2 1 
ATOM   741  N N   . GLU A 1 90  ? 21.475  -0.391  -2.998  1.00 25.01 ? 90  GLU A N   1 
ATOM   742  C CA  . GLU A 1 90  ? 21.941  0.979   -2.786  1.00 27.10 ? 90  GLU A CA  1 
ATOM   743  C C   . GLU A 1 90  ? 21.701  1.944   -3.943  1.00 24.78 ? 90  GLU A C   1 
ATOM   744  O O   . GLU A 1 90  ? 21.436  3.109   -3.715  1.00 26.02 ? 90  GLU A O   1 
ATOM   745  C CB  . GLU A 1 90  ? 23.434  0.984   -2.443  1.00 29.51 ? 90  GLU A CB  1 
ATOM   746  C CG  . GLU A 1 90  ? 23.824  -0.005  -1.357  1.00 34.16 ? 90  GLU A CG  1 
ATOM   747  C CD  . GLU A 1 90  ? 25.313  0.084   -0.954  1.00 37.68 ? 90  GLU A CD  1 
ATOM   748  O OE1 . GLU A 1 90  ? 25.765  -0.794  -0.183  1.00 40.74 ? 90  GLU A OE1 1 
ATOM   749  O OE2 . GLU A 1 90  ? 26.022  1.020   -1.387  1.00 36.52 ? 90  GLU A OE2 1 
ATOM   750  N N   . ARG A 1 91  ? 21.807  1.476   -5.174  1.00 24.75 ? 91  ARG A N   1 
ATOM   751  C CA  . ARG A 1 91  ? 21.597  2.367   -6.303  1.00 25.04 ? 91  ARG A CA  1 
ATOM   752  C C   . ARG A 1 91  ? 20.134  2.751   -6.397  1.00 23.35 ? 91  ARG A C   1 
ATOM   753  O O   . ARG A 1 91  ? 19.827  3.918   -6.594  1.00 23.25 ? 91  ARG A O   1 
ATOM   754  C CB  . ARG A 1 91  ? 22.045  1.735   -7.616  1.00 26.56 ? 91  ARG A CB  1 
ATOM   755  C CG  . ARG A 1 91  ? 23.533  1.462   -7.715  1.00 29.80 ? 91  ARG A CG  1 
ATOM   756  C CD  . ARG A 1 91  ? 23.776  -0.027  -7.507  1.00 31.85 ? 91  ARG A CD  1 
ATOM   757  N NE  . ARG A 1 91  ? 24.685  -0.190  -6.404  1.00 35.10 ? 91  ARG A NE  1 
ATOM   758  C CZ  . ARG A 1 91  ? 24.869  -1.315  -5.740  1.00 32.73 ? 91  ARG A CZ  1 
ATOM   759  N NH1 . ARG A 1 91  ? 24.189  -2.399  -6.059  1.00 33.63 ? 91  ARG A NH1 1 
ATOM   760  N NH2 . ARG A 1 91  ? 25.758  -1.338  -4.772  1.00 35.20 ? 91  ARG A NH2 1 
ATOM   761  N N   . GLU A 1 92  ? 19.243  1.769   -6.275  1.00 22.35 ? 92  GLU A N   1 
ATOM   762  C CA  . GLU A 1 92  ? 17.811  2.028   -6.308  1.00 22.81 ? 92  GLU A CA  1 
ATOM   763  C C   . GLU A 1 92  ? 17.435  2.970   -5.175  1.00 22.20 ? 92  GLU A C   1 
ATOM   764  O O   . GLU A 1 92  ? 16.621  3.876   -5.366  1.00 23.27 ? 92  GLU A O   1 
ATOM   765  C CB  . GLU A 1 92  ? 16.993  0.723   -6.172  1.00 24.52 ? 92  GLU A CB  1 
ATOM   766  C CG  . GLU A 1 92  ? 17.197  -0.266  -7.305  1.00 27.93 ? 92  GLU A CG  1 
ATOM   767  C CD  . GLU A 1 92  ? 16.571  -1.630  -7.017  1.00 31.98 ? 92  GLU A CD  1 
ATOM   768  O OE1 . GLU A 1 92  ? 16.723  -2.112  -5.863  1.00 32.60 ? 92  GLU A OE1 1 
ATOM   769  O OE2 . GLU A 1 92  ? 15.953  -2.227  -7.944  1.00 32.40 ? 92  GLU A OE2 1 
ATOM   770  N N   . VAL A 1 93  ? 17.998  2.765   -3.985  1.00 20.61 ? 93  VAL A N   1 
ATOM   771  C CA  . VAL A 1 93  ? 17.689  3.665   -2.876  1.00 20.66 ? 93  VAL A CA  1 
ATOM   772  C C   . VAL A 1 93  ? 18.060  5.121   -3.170  1.00 21.41 ? 93  VAL A C   1 
ATOM   773  O O   . VAL A 1 93  ? 17.266  6.038   -2.955  1.00 20.58 ? 93  VAL A O   1 
ATOM   774  C CB  . VAL A 1 93  ? 18.411  3.207   -1.592  1.00 23.52 ? 93  VAL A CB  1 
ATOM   775  C CG1 . VAL A 1 93  ? 18.259  4.267   -0.481  1.00 24.89 ? 93  VAL A CG1 1 
ATOM   776  C CG2 . VAL A 1 93  ? 17.826  1.889   -1.149  1.00 22.01 ? 93  VAL A CG2 1 
ATOM   777  N N   . GLU A 1 94  ? 19.286  5.352   -3.644  1.00 21.01 ? 94  GLU A N   1 
ATOM   778  C CA  . GLU A 1 94  ? 19.705  6.707   -3.962  1.00 22.30 ? 94  GLU A CA  1 
ATOM   779  C C   . GLU A 1 94  ? 18.798  7.338   -4.979  1.00 22.53 ? 94  GLU A C   1 
ATOM   780  O O   . GLU A 1 94  ? 18.442  8.522   -4.874  1.00 20.87 ? 94  GLU A O   1 
ATOM   781  C CB  . GLU A 1 94  ? 21.128  6.719   -4.531  1.00 24.88 ? 94  GLU A CB  1 
ATOM   782  C CG  . GLU A 1 94  ? 22.176  6.588   -3.470  1.00 30.40 ? 94  GLU A CG  1 
ATOM   783  C CD  . GLU A 1 94  ? 22.024  7.681   -2.410  1.00 34.03 ? 94  GLU A CD  1 
ATOM   784  O OE1 . GLU A 1 94  ? 22.366  8.855   -2.702  1.00 34.67 ? 94  GLU A OE1 1 
ATOM   785  O OE2 . GLU A 1 94  ? 21.548  7.353   -1.300  1.00 34.98 ? 94  GLU A OE2 1 
ATOM   786  N N   . LEU A 1 95  ? 18.457  6.549   -5.992  1.00 22.25 ? 95  LEU A N   1 
ATOM   787  C CA  . LEU A 1 95  ? 17.597  7.009   -7.071  1.00 25.14 ? 95  LEU A CA  1 
ATOM   788  C C   . LEU A 1 95  ? 16.197  7.290   -6.564  1.00 25.41 ? 95  LEU A C   1 
ATOM   789  O O   . LEU A 1 95  ? 15.587  8.308   -6.930  1.00 25.43 ? 95  LEU A O   1 
ATOM   790  C CB  . LEU A 1 95  ? 17.525  5.949   -8.179  1.00 30.16 ? 95  LEU A CB  1 
ATOM   791  C CG  . LEU A 1 95  ? 16.879  6.416   -9.485  1.00 35.44 ? 95  LEU A CG  1 
ATOM   792  C CD1 . LEU A 1 95  ? 17.811  7.453   -10.108 1.00 36.97 ? 95  LEU A CD1 1 
ATOM   793  C CD2 . LEU A 1 95  ? 16.681  5.247   -10.469 1.00 35.72 ? 95  LEU A CD2 1 
ATOM   794  N N   . ALA A 1 96  ? 15.677  6.380   -5.740  1.00 23.68 ? 96  ALA A N   1 
ATOM   795  C CA  . ALA A 1 96  ? 14.329  6.553   -5.190  1.00 24.38 ? 96  ALA A CA  1 
ATOM   796  C C   . ALA A 1 96  ? 14.193  7.809   -4.352  1.00 22.51 ? 96  ALA A C   1 
ATOM   797  O O   . ALA A 1 96  ? 13.122  8.395   -4.312  1.00 22.89 ? 96  ALA A O   1 
ATOM   798  C CB  . ALA A 1 96  ? 13.929  5.340   -4.346  1.00 22.93 ? 96  ALA A CB  1 
ATOM   799  N N   . LYS A 1 97  ? 15.267  8.215   -3.663  1.00 22.03 ? 97  LYS A N   1 
ATOM   800  C CA  . LYS A 1 97  ? 15.242  9.413   -2.814  1.00 20.57 ? 97  LYS A CA  1 
ATOM   801  C C   . LYS A 1 97  ? 15.102  10.730  -3.582  1.00 22.28 ? 97  LYS A C   1 
ATOM   802  O O   . LYS A 1 97  ? 14.848  11.788  -2.968  1.00 20.18 ? 97  LYS A O   1 
ATOM   803  C CB  . LYS A 1 97  ? 16.532  9.493   -1.975  1.00 24.38 ? 97  LYS A CB  1 
ATOM   804  C CG  . LYS A 1 97  ? 16.675  8.375   -0.961  1.00 28.06 ? 97  LYS A CG  1 
ATOM   805  C CD  . LYS A 1 97  ? 17.991  8.512   -0.200  1.00 32.56 ? 97  LYS A CD  1 
ATOM   806  C CE  . LYS A 1 97  ? 18.058  7.545   0.954   1.00 34.17 ? 97  LYS A CE  1 
ATOM   807  N NZ  . LYS A 1 97  ? 19.317  7.755   1.766   1.00 37.69 ? 97  LYS A NZ  1 
ATOM   808  N N   . GLN A 1 98  ? 15.272  10.665  -4.909  1.00 20.71 ? 98  GLN A N   1 
ATOM   809  C CA  . GLN A 1 98  ? 15.205  11.845  -5.748  1.00 23.04 ? 98  GLN A CA  1 
ATOM   810  C C   . GLN A 1 98  ? 13.794  12.218  -6.114  1.00 23.16 ? 98  GLN A C   1 
ATOM   811  O O   . GLN A 1 98  ? 13.504  13.359  -6.463  1.00 24.56 ? 98  GLN A O   1 
ATOM   812  C CB  . GLN A 1 98  ? 15.983  11.625  -7.041  1.00 23.73 ? 98  GLN A CB  1 
ATOM   813  C CG  . GLN A 1 98  ? 17.461  11.463  -6.818  1.00 23.96 ? 98  GLN A CG  1 
ATOM   814  C CD  . GLN A 1 98  ? 17.989  12.432  -5.798  1.00 25.81 ? 98  GLN A CD  1 
ATOM   815  O OE1 . GLN A 1 98  ? 17.913  13.667  -5.965  1.00 28.12 ? 98  GLN A OE1 1 
ATOM   816  N NE2 . GLN A 1 98  ? 18.534  11.892  -4.725  1.00 26.36 ? 98  GLN A NE2 1 
ATOM   817  N N   . VAL A 1 99  ? 12.912  11.235  -6.077  1.00 23.21 ? 99  VAL A N   1 
ATOM   818  C CA  . VAL A 1 99  ? 11.545  11.499  -6.463  1.00 21.98 ? 99  VAL A CA  1 
ATOM   819  C C   . VAL A 1 99  ? 10.834  12.409  -5.463  1.00 21.84 ? 99  VAL A C   1 
ATOM   820  O O   . VAL A 1 99  ? 11.164  12.443  -4.266  1.00 21.30 ? 99  VAL A O   1 
ATOM   821  C CB  . VAL A 1 99  ? 10.786  10.152  -6.663  1.00 21.80 ? 99  VAL A CB  1 
ATOM   822  C CG1 . VAL A 1 99  ? 9.411   10.392  -7.260  1.00 22.37 ? 99  VAL A CG1 1 
ATOM   823  C CG2 . VAL A 1 99  ? 11.590  9.265   -7.633  1.00 22.81 ? 99  VAL A CG2 1 
ATOM   824  N N   . ARG A 1 100 ? 9.881   13.176  -5.985  1.00 21.69 ? 100 ARG A N   1 
ATOM   825  C CA  . ARG A 1 100 ? 9.065   14.068  -5.166  1.00 22.58 ? 100 ARG A CA  1 
ATOM   826  C C   . ARG A 1 100 ? 7.618   14.074  -5.649  1.00 21.75 ? 100 ARG A C   1 
ATOM   827  O O   . ARG A 1 100 ? 7.340   13.879  -6.843  1.00 20.24 ? 100 ARG A O   1 
ATOM   828  C CB  . ARG A 1 100 ? 9.603   15.495  -5.226  1.00 27.54 ? 100 ARG A CB  1 
ATOM   829  C CG  . ARG A 1 100 ? 10.862  15.727  -4.386  1.00 32.50 ? 100 ARG A CG  1 
ATOM   830  C CD  . ARG A 1 100 ? 11.183  17.209  -4.283  1.00 37.88 ? 100 ARG A CD  1 
ATOM   831  N NE  . ARG A 1 100 ? 12.143  17.500  -3.210  1.00 42.49 ? 100 ARG A NE  1 
ATOM   832  C CZ  . ARG A 1 100 ? 11.810  17.752  -1.946  1.00 43.86 ? 100 ARG A CZ  1 
ATOM   833  N NH1 . ARG A 1 100 ? 12.756  18.010  -1.051  1.00 47.87 ? 100 ARG A NH1 1 
ATOM   834  N NH2 . ARG A 1 100 ? 10.534  17.765  -1.575  1.00 46.51 ? 100 ARG A NH2 1 
ATOM   835  N N   . GLY A 1 101 ? 6.705   14.280  -4.711  1.00 20.05 ? 101 GLY A N   1 
ATOM   836  C CA  . GLY A 1 101 ? 5.312   14.383  -5.082  1.00 19.86 ? 101 GLY A CA  1 
ATOM   837  C C   . GLY A 1 101 ? 4.440   13.152  -5.107  1.00 16.85 ? 101 GLY A C   1 
ATOM   838  O O   . GLY A 1 101 ? 4.761   12.090  -4.591  1.00 16.33 ? 101 GLY A O   1 
ATOM   839  N N   . SER A 1 102 ? 3.314   13.312  -5.763  1.00 15.94 ? 102 SER A N   1 
ATOM   840  C CA  . SER A 1 102 ? 2.334   12.241  -5.840  1.00 16.12 ? 102 SER A CA  1 
ATOM   841  C C   . SER A 1 102 ? 2.796   11.088  -6.713  1.00 13.14 ? 102 SER A C   1 
ATOM   842  O O   . SER A 1 102 ? 3.355   11.292  -7.790  1.00 11.74 ? 102 SER A O   1 
ATOM   843  C CB  . SER A 1 102 ? 1.032   12.801  -6.404  1.00 16.44 ? 102 SER A CB  1 
ATOM   844  O OG  . SER A 1 102 ? 0.093   11.768  -6.671  1.00 17.20 ? 102 SER A OG  1 
ATOM   845  N N   . VAL A 1 103 ? 2.563   9.882   -6.217  1.00 12.81 ? 103 VAL A N   1 
ATOM   846  C CA  . VAL A 1 103 ? 2.852   8.666   -6.963  1.00 11.59 ? 103 VAL A CA  1 
ATOM   847  C C   . VAL A 1 103 ? 1.594   7.820   -6.757  1.00 12.28 ? 103 VAL A C   1 
ATOM   848  O O   . VAL A 1 103 ? 1.265   7.463   -5.620  1.00 14.89 ? 103 VAL A O   1 
ATOM   849  C CB  . VAL A 1 103 ? 4.087   7.887   -6.404  1.00 12.93 ? 103 VAL A CB  1 
ATOM   850  C CG1 . VAL A 1 103 ? 4.307   6.576   -7.229  1.00 13.15 ? 103 VAL A CG1 1 
ATOM   851  C CG2 . VAL A 1 103 ? 5.328   8.768   -6.478  1.00 15.16 ? 103 VAL A CG2 1 
ATOM   852  N N   . LYS A 1 104 ? 0.861   7.538   -7.834  1.00 12.74 ? 104 LYS A N   1 
ATOM   853  C CA  . LYS A 1 104 ? -0.329  6.704   -7.748  1.00 14.13 ? 104 LYS A CA  1 
ATOM   854  C C   . LYS A 1 104 ? -0.142  5.455   -8.564  1.00 13.67 ? 104 LYS A C   1 
ATOM   855  O O   . LYS A 1 104 ? 0.197   5.516   -9.750  1.00 15.01 ? 104 LYS A O   1 
ATOM   856  C CB  . LYS A 1 104 ? -1.567  7.428   -8.268  1.00 14.57 ? 104 LYS A CB  1 
ATOM   857  C CG  . LYS A 1 104 ? -1.878  8.650   -7.419  1.00 17.24 ? 104 LYS A CG  1 
ATOM   858  C CD  . LYS A 1 104 ? -3.040  9.465   -7.968  1.00 19.17 ? 104 LYS A CD  1 
ATOM   859  C CE  . LYS A 1 104 ? -3.297  10.621  -6.972  1.00 21.34 ? 104 LYS A CE  1 
ATOM   860  N NZ  . LYS A 1 104 ? -4.558  11.302  -7.238  1.00 24.91 ? 104 LYS A NZ  1 
ATOM   861  N N   . LEU A 1 105 ? -0.396  4.326   -7.926  1.00 12.98 ? 105 LEU A N   1 
ATOM   862  C CA  . LEU A 1 105 ? -0.278  3.034   -8.591  1.00 11.13 ? 105 LEU A CA  1 
ATOM   863  C C   . LEU A 1 105 ? -1.671  2.431   -8.721  1.00 12.59 ? 105 LEU A C   1 
ATOM   864  O O   . LEU A 1 105 ? -2.378  2.325   -7.729  1.00 12.02 ? 105 LEU A O   1 
ATOM   865  C CB  . LEU A 1 105 ? 0.591   2.079   -7.753  1.00 13.12 ? 105 LEU A CB  1 
ATOM   866  C CG  . LEU A 1 105 ? 0.563   0.628   -8.273  1.00 12.97 ? 105 LEU A CG  1 
ATOM   867  C CD1 . LEU A 1 105 ? 1.212   0.570   -9.652  1.00 13.85 ? 105 LEU A CD1 1 
ATOM   868  C CD2 . LEU A 1 105 ? 1.316   -0.336  -7.307  1.00 13.94 ? 105 LEU A CD2 1 
ATOM   869  N N   . PHE A 1 106 ? -2.071  2.084   -9.938  1.00 12.14 ? 106 PHE A N   1 
ATOM   870  C CA  . PHE A 1 106 ? -3.337  1.416   -10.169 1.00 12.88 ? 106 PHE A CA  1 
ATOM   871  C C   . PHE A 1 106 ? -3.072  -0.065  -10.354 1.00 13.76 ? 106 PHE A C   1 
ATOM   872  O O   . PHE A 1 106 ? -2.179  -0.450  -11.104 1.00 15.13 ? 106 PHE A O   1 
ATOM   873  C CB  . PHE A 1 106 ? -4.024  1.992   -11.410 1.00 12.38 ? 106 PHE A CB  1 
ATOM   874  C CG  . PHE A 1 106 ? -4.494  3.424   -11.191 1.00 14.68 ? 106 PHE A CG  1 
ATOM   875  C CD1 . PHE A 1 106 ? -5.790  3.679   -10.771 1.00 16.88 ? 106 PHE A CD1 1 
ATOM   876  C CD2 . PHE A 1 106 ? -3.594  4.481   -11.271 1.00 12.41 ? 106 PHE A CD2 1 
ATOM   877  C CE1 . PHE A 1 106 ? -6.187  4.962   -10.426 1.00 16.25 ? 106 PHE A CE1 1 
ATOM   878  C CE2 . PHE A 1 106 ? -3.973  5.780   -10.926 1.00 17.20 ? 106 PHE A CE2 1 
ATOM   879  C CZ  . PHE A 1 106 ? -5.278  6.011   -10.503 1.00 14.22 ? 106 PHE A CZ  1 
ATOM   880  N N   . VAL A 1 107 ? -3.874  -0.882  -9.675  1.00 15.02 ? 107 VAL A N   1 
ATOM   881  C CA  . VAL A 1 107 ? -3.772  -2.330  -9.773  1.00 16.62 ? 107 VAL A CA  1 
ATOM   882  C C   . VAL A 1 107 ? -5.175  -2.942  -9.834  1.00 16.43 ? 107 VAL A C   1 
ATOM   883  O O   . VAL A 1 107 ? -6.182  -2.235  -9.728  1.00 16.41 ? 107 VAL A O   1 
ATOM   884  C CB  . VAL A 1 107 ? -3.094  -2.944  -8.486  1.00 15.32 ? 107 VAL A CB  1 
ATOM   885  C CG1 . VAL A 1 107 ? -1.714  -2.318  -8.237  1.00 15.16 ? 107 VAL A CG1 1 
ATOM   886  C CG2 . VAL A 1 107 ? -4.009  -2.720  -7.241  1.00 13.97 ? 107 VAL A CG2 1 
ATOM   887  N N   . THR A 1 108 ? -5.216  -4.257  -10.050 1.00 17.37 ? 108 THR A N   1 
ATOM   888  C CA  . THR A 1 108 ? -6.449  -5.048  -9.951  1.00 18.89 ? 108 THR A CA  1 
ATOM   889  C C   . THR A 1 108 ? -5.980  -6.401  -9.408  1.00 21.51 ? 108 THR A C   1 
ATOM   890  O O   . THR A 1 108 ? -4.791  -6.704  -9.459  1.00 21.02 ? 108 THR A O   1 
ATOM   891  C CB  . THR A 1 108 ? -7.176  -5.272  -11.307 1.00 18.77 ? 108 THR A CB  1 
ATOM   892  O OG1 . THR A 1 108 ? -6.359  -6.083  -12.176 1.00 21.29 ? 108 THR A OG1 1 
ATOM   893  C CG2 . THR A 1 108 ? -7.448  -3.931  -11.960 1.00 19.59 ? 108 THR A CG2 1 
ATOM   894  N N   . PRO A 1 109 ? -6.894  -7.210  -8.840  1.00 23.79 ? 109 PRO A N   1 
ATOM   895  C CA  . PRO A 1 109 ? -6.544  -8.528  -8.296  1.00 26.29 ? 109 PRO A CA  1 
ATOM   896  C C   . PRO A 1 109 ? -5.988  -9.454  -9.382  1.00 28.57 ? 109 PRO A C   1 
ATOM   897  O O   . PRO A 1 109 ? -4.974  -10.122 -9.178  1.00 29.04 ? 109 PRO A O   1 
ATOM   898  C CB  . PRO A 1 109 ? -7.874  -9.036  -7.738  1.00 26.60 ? 109 PRO A CB  1 
ATOM   899  C CG  . PRO A 1 109 ? -8.501  -7.790  -7.223  1.00 26.57 ? 109 PRO A CG  1 
ATOM   900  C CD  . PRO A 1 109 ? -8.228  -6.791  -8.370  1.00 25.13 ? 109 PRO A CD  1 
ATOM   901  N N   . ASP A 1 110 ? -6.644  -9.481  -10.545 1.00 29.51 ? 110 ASP A N   1 
ATOM   902  C CA  . ASP A 1 110 ? -6.190  -10.336 -11.647 1.00 30.63 ? 110 ASP A CA  1 
ATOM   903  C C   . ASP A 1 110 ? -5.051  -9.618  -12.336 1.00 29.44 ? 110 ASP A C   1 
ATOM   904  O O   . ASP A 1 110 ? -5.204  -9.105  -13.453 1.00 28.90 ? 110 ASP A O   1 
ATOM   905  C CB  . ASP A 1 110 ? -7.328  -10.566 -12.649 1.00 34.49 ? 110 ASP A CB  1 
ATOM   906  C CG  . ASP A 1 110 ? -6.970  -11.589 -13.728 1.00 38.37 ? 110 ASP A CG  1 
ATOM   907  O OD1 . ASP A 1 110 ? -7.710  -11.651 -14.731 1.00 41.15 ? 110 ASP A OD1 1 
ATOM   908  O OD2 . ASP A 1 110 ? -5.960  -12.334 -13.583 1.00 41.11 ? 110 ASP A OD2 1 
ATOM   909  N N   . CYS A 1 111 ? -3.896  -9.569  -11.673 1.00 27.26 ? 111 CYS A N   1 
ATOM   910  C CA  . CYS A 1 111 ? -2.772  -8.863  -12.257 1.00 25.46 ? 111 CYS A CA  1 
ATOM   911  C C   . CYS A 1 111 ? -1.455  -9.445  -11.776 1.00 24.82 ? 111 CYS A C   1 
ATOM   912  O O   . CYS A 1 111 ? -1.114  -9.340  -10.603 1.00 23.37 ? 111 CYS A O   1 
ATOM   913  C CB  . CYS A 1 111 ? -2.870  -7.371  -11.897 1.00 22.68 ? 111 CYS A CB  1 
ATOM   914  S SG  . CYS A 1 111 ? -1.478  -6.353  -12.467 1.00 22.77 ? 111 CYS A SG  1 
ATOM   915  N N   . THR A 1 112 ? -0.714  -10.037 -12.702 1.00 24.65 ? 112 THR A N   1 
ATOM   916  C CA  . THR A 1 112 ? 0.549   -10.659 -12.360 1.00 24.30 ? 112 THR A CA  1 
ATOM   917  C C   . THR A 1 112 ? 1.639   -9.707  -11.943 1.00 24.10 ? 112 THR A C   1 
ATOM   918  O O   . THR A 1 112 ? 2.310   -9.958  -10.953 1.00 22.38 ? 112 THR A O   1 
ATOM   919  C CB  . THR A 1 112 ? 1.071   -11.533 -13.529 1.00 26.99 ? 112 THR A CB  1 
ATOM   920  O OG1 . THR A 1 112 ? 0.156   -12.610 -13.747 1.00 30.27 ? 112 THR A OG1 1 
ATOM   921  C CG2 . THR A 1 112 ? 2.445   -12.104 -13.203 1.00 25.68 ? 112 THR A CG2 1 
ATOM   922  N N   . LYS A 1 113 ? 1.823   -8.606  -12.671 1.00 21.02 ? 113 LYS A N   1 
ATOM   923  C CA  . LYS A 1 113 ? 2.895   -7.712  -12.297 1.00 21.75 ? 113 LYS A CA  1 
ATOM   924  C C   . LYS A 1 113 ? 2.552   -6.694  -11.236 1.00 19.81 ? 113 LYS A C   1 
ATOM   925  O O   . LYS A 1 113 ? 3.430   -5.995  -10.779 1.00 21.03 ? 113 LYS A O   1 
ATOM   926  C CB  . LYS A 1 113 ? 3.467   -6.971  -13.525 1.00 23.29 ? 113 LYS A CB  1 
ATOM   927  C CG  . LYS A 1 113 ? 4.268   -7.832  -14.480 1.00 26.45 ? 113 LYS A CG  1 
ATOM   928  C CD  . LYS A 1 113 ? 4.887   -7.018  -15.598 1.00 29.97 ? 113 LYS A CD  1 
ATOM   929  C CE  . LYS A 1 113 ? 3.824   -6.330  -16.452 1.00 35.21 ? 113 LYS A CE  1 
ATOM   930  N NZ  . LYS A 1 113 ? 2.836   -7.266  -17.086 1.00 39.07 ? 113 LYS A NZ  1 
ATOM   931  N N   . CYS A 1 114 ? 1.305   -6.617  -10.804 1.00 19.46 ? 114 CYS A N   1 
ATOM   932  C CA  . CYS A 1 114 ? 0.970   -5.586  -9.825  1.00 17.44 ? 114 CYS A CA  1 
ATOM   933  C C   . CYS A 1 114 ? 1.625   -5.758  -8.460  1.00 17.57 ? 114 CYS A C   1 
ATOM   934  O O   . CYS A 1 114 ? 2.120   -4.801  -7.906  1.00 16.78 ? 114 CYS A O   1 
ATOM   935  C CB  . CYS A 1 114 ? -0.546  -5.468  -9.653  1.00 18.24 ? 114 CYS A CB  1 
ATOM   936  S SG  . CYS A 1 114 ? -1.438  -4.780  -11.110 1.00 17.83 ? 114 CYS A SG  1 
ATOM   937  N N   . PRO A 1 115 ? 1.627   -6.982  -7.907  1.00 18.57 ? 115 PRO A N   1 
ATOM   938  C CA  . PRO A 1 115 ? 2.258   -7.131  -6.593  1.00 17.80 ? 115 PRO A CA  1 
ATOM   939  C C   . PRO A 1 115 ? 3.734   -6.794  -6.589  1.00 17.42 ? 115 PRO A C   1 
ATOM   940  O O   . PRO A 1 115 ? 4.249   -6.327  -5.589  1.00 17.18 ? 115 PRO A O   1 
ATOM   941  C CB  . PRO A 1 115 ? 1.939   -8.585  -6.200  1.00 20.13 ? 115 PRO A CB  1 
ATOM   942  C CG  . PRO A 1 115 ? 1.646   -9.269  -7.523  1.00 20.43 ? 115 PRO A CG  1 
ATOM   943  C CD  . PRO A 1 115 ? 0.895   -8.199  -8.302  1.00 17.50 ? 115 PRO A CD  1 
ATOM   944  N N   A ILE A 1 116 ? 4.409   -7.035  -7.709  0.50 17.85 ? 116 ILE A N   1 
ATOM   945  N N   B ILE A 1 116 ? 4.403   -7.026  -7.716  0.50 17.79 ? 116 ILE A N   1 
ATOM   946  C CA  A ILE A 1 116 ? 5.827   -6.734  -7.829  0.50 18.88 ? 116 ILE A CA  1 
ATOM   947  C CA  B ILE A 1 116 ? 5.823   -6.732  -7.872  0.50 18.70 ? 116 ILE A CA  1 
ATOM   948  C C   A ILE A 1 116 ? 5.995   -5.203  -7.755  0.50 18.09 ? 116 ILE A C   1 
ATOM   949  C C   B ILE A 1 116 ? 5.988   -5.206  -7.753  0.50 18.01 ? 116 ILE A C   1 
ATOM   950  O O   A ILE A 1 116 ? 6.879   -4.690  -7.063  0.50 16.66 ? 116 ILE A O   1 
ATOM   951  O O   B ILE A 1 116 ? 6.857   -4.703  -7.034  0.50 16.59 ? 116 ILE A O   1 
ATOM   952  C CB  A ILE A 1 116 ? 6.378   -7.274  -9.178  0.50 20.40 ? 116 ILE A CB  1 
ATOM   953  C CB  B ILE A 1 116 ? 6.329   -7.181  -9.281  0.50 20.13 ? 116 ILE A CB  1 
ATOM   954  C CG1 A ILE A 1 116 ? 5.872   -8.713  -9.398  0.50 22.35 ? 116 ILE A CG1 1 
ATOM   955  C CG1 B ILE A 1 116 ? 6.054   -8.677  -9.496  0.50 21.72 ? 116 ILE A CG1 1 
ATOM   956  C CG2 A ILE A 1 116 ? 7.888   -7.201  -9.189  0.50 23.55 ? 116 ILE A CG2 1 
ATOM   957  C CG2 B ILE A 1 116 ? 7.797   -6.868  -9.443  0.50 22.78 ? 116 ILE A CG2 1 
ATOM   958  C CD1 A ILE A 1 116 ? 6.284   -9.360  -10.717 0.50 21.35 ? 116 ILE A CD1 1 
ATOM   959  C CD1 B ILE A 1 116 ? 4.581   -9.057  -9.465  0.50 20.05 ? 116 ILE A CD1 1 
ATOM   960  N N   . THR A 1 117 ? 5.124   -4.471  -8.446  1.00 16.90 ? 117 THR A N   1 
ATOM   961  C CA  . THR A 1 117 ? 5.214   -3.005  -8.434  1.00 16.52 ? 117 THR A CA  1 
ATOM   962  C C   . THR A 1 117 ? 4.836   -2.408  -7.093  1.00 15.33 ? 117 THR A C   1 
ATOM   963  O O   . THR A 1 117 ? 5.475   -1.469  -6.640  1.00 15.48 ? 117 THR A O   1 
ATOM   964  C CB  . THR A 1 117 ? 4.359   -2.415  -9.547  1.00 15.30 ? 117 THR A CB  1 
ATOM   965  O OG1 . THR A 1 117 ? 4.760   -3.033  -10.778 1.00 16.05 ? 117 THR A OG1 1 
ATOM   966  C CG2 . THR A 1 117 ? 4.620   -0.879  -9.684  1.00 15.10 ? 117 THR A CG2 1 
ATOM   967  N N   . ALA A 1 118 ? 3.782   -2.926  -6.468  1.00 15.11 ? 118 ALA A N   1 
ATOM   968  C CA  . ALA A 1 118 ? 3.412   -2.434  -5.147  1.00 13.95 ? 118 ALA A CA  1 
ATOM   969  C C   . ALA A 1 118 ? 4.559   -2.634  -4.158  1.00 14.28 ? 118 ALA A C   1 
ATOM   970  O O   . ALA A 1 118 ? 4.881   -1.744  -3.372  1.00 13.42 ? 118 ALA A O   1 
ATOM   971  C CB  . ALA A 1 118 ? 2.201   -3.146  -4.644  1.00 11.77 ? 118 ALA A CB  1 
ATOM   972  N N   . GLU A 1 119 ? 5.177   -3.817  -4.163  1.00 17.11 ? 119 GLU A N   1 
ATOM   973  C CA  . GLU A 1 119 ? 6.264   -4.063  -3.204  1.00 16.63 ? 119 GLU A CA  1 
ATOM   974  C C   . GLU A 1 119 ? 7.404   -3.068  -3.343  1.00 15.25 ? 119 GLU A C   1 
ATOM   975  O O   . GLU A 1 119 ? 7.967   -2.573  -2.358  1.00 16.12 ? 119 GLU A O   1 
ATOM   976  C CB  . GLU A 1 119 ? 6.774   -5.480  -3.402  1.00 20.50 ? 119 GLU A CB  1 
ATOM   977  C CG  . GLU A 1 119 ? 7.784   -5.916  -2.347  1.00 22.75 ? 119 GLU A CG  1 
ATOM   978  C CD  . GLU A 1 119 ? 7.524   -7.345  -1.887  1.00 26.80 ? 119 GLU A CD  1 
ATOM   979  O OE1 . GLU A 1 119 ? 7.716   -8.295  -2.693  1.00 26.67 ? 119 GLU A OE1 1 
ATOM   980  O OE2 . GLU A 1 119 ? 7.120   -7.510  -0.719  1.00 25.70 ? 119 GLU A OE2 1 
ATOM   981  N N   . PHE A 1 120 ? 7.738   -2.771  -4.592  1.00 16.07 ? 120 PHE A N   1 
ATOM   982  C CA  . PHE A 1 120 ? 8.801   -1.842  -4.935  1.00 16.14 ? 120 PHE A CA  1 
ATOM   983  C C   . PHE A 1 120 ? 8.405   -0.442  -4.425  1.00 15.29 ? 120 PHE A C   1 
ATOM   984  O O   . PHE A 1 120 ? 9.166   0.202   -3.696  1.00 14.06 ? 120 PHE A O   1 
ATOM   985  C CB  . PHE A 1 120 ? 8.994   -1.842  -6.460  1.00 17.07 ? 120 PHE A CB  1 
ATOM   986  C CG  . PHE A 1 120 ? 10.022  -0.856  -6.946  1.00 21.48 ? 120 PHE A CG  1 
ATOM   987  C CD1 . PHE A 1 120 ? 11.380  -1.148  -6.862  1.00 21.20 ? 120 PHE A CD1 1 
ATOM   988  C CD2 . PHE A 1 120 ? 9.628   0.354   -7.513  1.00 23.54 ? 120 PHE A CD2 1 
ATOM   989  C CE1 . PHE A 1 120 ? 12.350  -0.243  -7.344  1.00 23.06 ? 120 PHE A CE1 1 
ATOM   990  C CE2 . PHE A 1 120 ? 10.571  1.267   -7.994  1.00 24.37 ? 120 PHE A CE2 1 
ATOM   991  C CZ  . PHE A 1 120 ? 11.939  0.966   -7.911  1.00 23.09 ? 120 PHE A CZ  1 
ATOM   992  N N   . LEU A 1 121 ? 7.186   -0.004  -4.734  1.00 14.02 ? 121 LEU A N   1 
ATOM   993  C CA  . LEU A 1 121 ? 6.770   1.330   -4.286  1.00 13.52 ? 121 LEU A CA  1 
ATOM   994  C C   . LEU A 1 121 ? 6.574   1.434   -2.780  1.00 14.40 ? 121 LEU A C   1 
ATOM   995  O O   . LEU A 1 121 ? 6.828   2.493   -2.210  1.00 16.75 ? 121 LEU A O   1 
ATOM   996  C CB  . LEU A 1 121 ? 5.506   1.778   -5.040  1.00 12.95 ? 121 LEU A CB  1 
ATOM   997  C CG  . LEU A 1 121 ? 5.774   2.022   -6.526  1.00 12.13 ? 121 LEU A CG  1 
ATOM   998  C CD1 . LEU A 1 121 ? 4.433   2.368   -7.246  1.00 13.23 ? 121 LEU A CD1 1 
ATOM   999  C CD2 . LEU A 1 121 ? 6.793   3.201   -6.704  1.00 13.12 ? 121 LEU A CD2 1 
ATOM   1000 N N   . TYR A 1 122 ? 6.166   0.344   -2.121  1.00 14.40 ? 122 TYR A N   1 
ATOM   1001 C CA  . TYR A 1 122 ? 6.002   0.384   -0.653  1.00 14.53 ? 122 TYR A CA  1 
ATOM   1002 C C   . TYR A 1 122 ? 7.364   0.702   -0.059  1.00 14.72 ? 122 TYR A C   1 
ATOM   1003 O O   . TYR A 1 122 ? 7.470   1.444   0.924   1.00 14.96 ? 122 TYR A O   1 
ATOM   1004 C CB  . TYR A 1 122 ? 5.538   -0.955  -0.095  1.00 14.66 ? 122 TYR A CB  1 
ATOM   1005 C CG  . TYR A 1 122 ? 4.093   -1.279  -0.379  1.00 14.78 ? 122 TYR A CG  1 
ATOM   1006 C CD1 . TYR A 1 122 ? 3.687   -2.609  -0.588  1.00 15.23 ? 122 TYR A CD1 1 
ATOM   1007 C CD2 . TYR A 1 122 ? 3.120   -0.262  -0.407  1.00 16.14 ? 122 TYR A CD2 1 
ATOM   1008 C CE1 . TYR A 1 122 ? 2.334   -2.930  -0.813  1.00 14.72 ? 122 TYR A CE1 1 
ATOM   1009 C CE2 . TYR A 1 122 ? 1.751   -0.564  -0.636  1.00 15.97 ? 122 TYR A CE2 1 
ATOM   1010 C CZ  . TYR A 1 122 ? 1.377   -1.905  -0.828  1.00 16.00 ? 122 TYR A CZ  1 
ATOM   1011 O OH  . TYR A 1 122 ? 0.057   -2.243  -0.989  1.00 16.94 ? 122 TYR A OH  1 
ATOM   1012 N N   . GLN A 1 123 ? 8.414   0.147   -0.657  1.00 15.00 ? 123 GLN A N   1 
ATOM   1013 C CA  . GLN A 1 123 ? 9.754   0.410   -0.137  1.00 16.55 ? 123 GLN A CA  1 
ATOM   1014 C C   . GLN A 1 123 ? 10.188  1.835   -0.445  1.00 16.35 ? 123 GLN A C   1 
ATOM   1015 O O   . GLN A 1 123 ? 10.856  2.458   0.363   1.00 17.60 ? 123 GLN A O   1 
ATOM   1016 C CB  . GLN A 1 123 ? 10.731  -0.613  -0.683  1.00 19.21 ? 123 GLN A CB  1 
ATOM   1017 C CG  . GLN A 1 123 ? 10.437  -1.987  -0.070  1.00 21.53 ? 123 GLN A CG  1 
ATOM   1018 C CD  . GLN A 1 123 ? 11.305  -3.057  -0.637  1.00 24.88 ? 123 GLN A CD  1 
ATOM   1019 O OE1 . GLN A 1 123 ? 10.952  -3.704  -1.620  1.00 28.34 ? 123 GLN A OE1 1 
ATOM   1020 N NE2 . GLN A 1 123 ? 12.469  -3.249  -0.029  1.00 27.36 ? 123 GLN A NE2 1 
ATOM   1021 N N   . VAL A 1 124 ? 9.813   2.347   -1.612  1.00 16.67 ? 124 VAL A N   1 
ATOM   1022 C CA  . VAL A 1 124 ? 10.127  3.728   -1.936  1.00 16.84 ? 124 VAL A CA  1 
ATOM   1023 C C   . VAL A 1 124 ? 9.440   4.677   -0.909  1.00 16.82 ? 124 VAL A C   1 
ATOM   1024 O O   . VAL A 1 124 ? 10.041  5.669   -0.451  1.00 16.09 ? 124 VAL A O   1 
ATOM   1025 C CB  . VAL A 1 124 ? 9.657   4.066   -3.370  1.00 17.87 ? 124 VAL A CB  1 
ATOM   1026 C CG1 . VAL A 1 124 ? 9.831   5.543   -3.642  1.00 17.00 ? 124 VAL A CG1 1 
ATOM   1027 C CG2 . VAL A 1 124 ? 10.424  3.225   -4.389  1.00 17.37 ? 124 VAL A CG2 1 
ATOM   1028 N N   . SER A 1 125 ? 8.202   4.377   -0.514  1.00 16.09 ? 125 SER A N   1 
ATOM   1029 C CA  . SER A 1 125 ? 7.496   5.247   0.454   1.00 17.63 ? 125 SER A CA  1 
ATOM   1030 C C   . SER A 1 125 ? 8.188   5.247   1.821   1.00 18.07 ? 125 SER A C   1 
ATOM   1031 O O   . SER A 1 125 ? 8.084   6.210   2.586   1.00 19.33 ? 125 SER A O   1 
ATOM   1032 C CB  . SER A 1 125 ? 6.016   4.811   0.608   1.00 19.99 ? 125 SER A CB  1 
ATOM   1033 O OG  . SER A 1 125 ? 5.835   3.671   1.451   1.00 19.98 ? 125 SER A OG  1 
ATOM   1034 N N   . GLN A 1 126 ? 8.897   4.160   2.112   1.00 20.17 ? 126 GLN A N   1 
ATOM   1035 C CA  . GLN A 1 126 ? 9.663   4.037   3.368   1.00 21.40 ? 126 GLN A CA  1 
ATOM   1036 C C   . GLN A 1 126 ? 10.906  4.916   3.353   1.00 23.29 ? 126 GLN A C   1 
ATOM   1037 O O   . GLN A 1 126 ? 11.255  5.548   4.366   1.00 23.22 ? 126 GLN A O   1 
ATOM   1038 C CB  . GLN A 1 126 ? 10.158  2.608   3.530   1.00 25.01 ? 126 GLN A CB  1 
ATOM   1039 C CG  . GLN A 1 126 ? 9.422   1.749   4.477   1.00 25.01 ? 126 GLN A CG  1 
ATOM   1040 C CD  . GLN A 1 126 ? 10.066  0.368   4.554   1.00 22.87 ? 126 GLN A CD  1 
ATOM   1041 O OE1 . GLN A 1 126 ? 9.786   -0.494  3.742   1.00 24.20 ? 126 GLN A OE1 1 
ATOM   1042 N NE2 . GLN A 1 126 ? 10.953  0.181   5.505   1.00 20.78 ? 126 GLN A NE2 1 
ATOM   1043 N N   . ILE A 1 127 ? 11.600  4.909   2.212   1.00 21.34 ? 127 ILE A N   1 
ATOM   1044 C CA  . ILE A 1 127 ? 12.845  5.644   2.015   1.00 25.28 ? 127 ILE A CA  1 
ATOM   1045 C C   . ILE A 1 127 ? 12.672  7.123   1.799   1.00 24.69 ? 127 ILE A C   1 
ATOM   1046 O O   . ILE A 1 127 ? 13.545  7.905   2.152   1.00 24.59 ? 127 ILE A O   1 
ATOM   1047 C CB  . ILE A 1 127 ? 13.587  5.182   0.722   1.00 28.14 ? 127 ILE A CB  1 
ATOM   1048 C CG1 . ILE A 1 127 ? 13.883  3.695   0.758   1.00 29.76 ? 127 ILE A CG1 1 
ATOM   1049 C CG2 . ILE A 1 127 ? 14.870  5.973   0.539   1.00 31.93 ? 127 ILE A CG2 1 
ATOM   1050 C CD1 . ILE A 1 127 ? 14.262  3.187   -0.598  1.00 31.68 ? 127 ILE A CD1 1 
ATOM   1051 N N   . ASN A 1 128 ? 11.544  7.507   1.222   1.00 22.30 ? 128 ASN A N   1 
ATOM   1052 C CA  . ASN A 1 128 ? 11.364  8.894   0.819   1.00 22.38 ? 128 ASN A CA  1 
ATOM   1053 C C   . ASN A 1 128 ? 10.064  9.531   1.303   1.00 23.54 ? 128 ASN A C   1 
ATOM   1054 O O   . ASN A 1 128 ? 8.989   9.278   0.751   1.00 20.34 ? 128 ASN A O   1 
ATOM   1055 C CB  . ASN A 1 128 ? 11.461  8.889   -0.734  1.00 21.24 ? 128 ASN A CB  1 
ATOM   1056 C CG  . ASN A 1 128 ? 11.382  10.267  -1.359  1.00 20.17 ? 128 ASN A CG  1 
ATOM   1057 O OD1 . ASN A 1 128 ? 11.599  10.421  -2.573  1.00 25.49 ? 128 ASN A OD1 1 
ATOM   1058 N ND2 . ASN A 1 128 ? 11.087  11.254  -0.572  1.00 19.65 ? 128 ASN A ND2 1 
ATOM   1059 N N   . GLU A 1 129 ? 10.177  10.367  2.335   1.00 24.55 ? 129 GLU A N   1 
ATOM   1060 C CA  . GLU A 1 129 ? 9.014   11.043  2.896   1.00 26.38 ? 129 GLU A CA  1 
ATOM   1061 C C   . GLU A 1 129 ? 8.460   12.125  1.996   1.00 26.42 ? 129 GLU A C   1 
ATOM   1062 O O   . GLU A 1 129 ? 7.380   12.666  2.269   1.00 27.43 ? 129 GLU A O   1 
ATOM   1063 C CB  . GLU A 1 129 ? 9.378   11.690  4.234   1.00 29.22 ? 129 GLU A CB  1 
ATOM   1064 C CG  . GLU A 1 129 ? 9.935   10.739  5.238   1.00 34.94 ? 129 GLU A CG  1 
ATOM   1065 C CD  . GLU A 1 129 ? 10.386  11.462  6.486   1.00 38.98 ? 129 GLU A CD  1 
ATOM   1066 O OE1 . GLU A 1 129 ? 9.521   12.128  7.116   1.00 40.60 ? 129 GLU A OE1 1 
ATOM   1067 O OE2 . GLU A 1 129 ? 11.593  11.363  6.819   1.00 39.93 ? 129 GLU A OE2 1 
ATOM   1068 N N   . ASN A 1 130 ? 9.196   12.464  0.934   1.00 25.34 ? 130 ASN A N   1 
ATOM   1069 C CA  . ASN A 1 130 ? 8.760   13.522  0.022   1.00 24.90 ? 130 ASN A CA  1 
ATOM   1070 C C   . ASN A 1 130 ? 7.835   12.968  -1.059  1.00 24.69 ? 130 ASN A C   1 
ATOM   1071 O O   . ASN A 1 130 ? 7.355   13.718  -1.918  1.00 25.44 ? 130 ASN A O   1 
ATOM   1072 C CB  . ASN A 1 130 ? 9.983   14.169  -0.636  1.00 28.72 ? 130 ASN A CB  1 
ATOM   1073 C CG  . ASN A 1 130 ? 10.920  14.812  0.373   1.00 30.05 ? 130 ASN A CG  1 
ATOM   1074 O OD1 . ASN A 1 130 ? 12.141  14.599  0.336   1.00 34.86 ? 130 ASN A OD1 1 
ATOM   1075 N ND2 . ASN A 1 130 ? 10.363  15.602  1.269   1.00 28.98 ? 130 ASN A ND2 1 
ATOM   1076 N N   . VAL A 1 131 ? 7.631   11.654  -1.046  1.00 21.12 ? 131 VAL A N   1 
ATOM   1077 C CA  . VAL A 1 131 ? 6.738   11.001  -2.010  1.00 20.72 ? 131 VAL A CA  1 
ATOM   1078 C C   . VAL A 1 131 ? 5.416   10.738  -1.276  1.00 18.79 ? 131 VAL A C   1 
ATOM   1079 O O   . VAL A 1 131 ? 5.432   10.401  -0.106  1.00 20.45 ? 131 VAL A O   1 
ATOM   1080 C CB  . VAL A 1 131 ? 7.334   9.632   -2.501  1.00 21.49 ? 131 VAL A CB  1 
ATOM   1081 C CG1 . VAL A 1 131 ? 6.216   8.692   -2.959  1.00 25.51 ? 131 VAL A CG1 1 
ATOM   1082 C CG2 . VAL A 1 131 ? 8.290   9.862   -3.691  1.00 22.87 ? 131 VAL A CG2 1 
ATOM   1083 N N   . LYS A 1 132 ? 4.285   10.925  -1.950  1.00 16.77 ? 132 LYS A N   1 
ATOM   1084 C CA  . LYS A 1 132 ? 2.992   10.630  -1.329  1.00 16.83 ? 132 LYS A CA  1 
ATOM   1085 C C   . LYS A 1 132 ? 2.421   9.496   -2.172  1.00 15.43 ? 132 LYS A C   1 
ATOM   1086 O O   . LYS A 1 132 ? 1.917   9.729   -3.268  1.00 15.42 ? 132 LYS A O   1 
ATOM   1087 C CB  . LYS A 1 132 ? 2.046   11.831  -1.366  1.00 20.87 ? 132 LYS A CB  1 
ATOM   1088 C CG  . LYS A 1 132 ? 0.712   11.477  -0.685  1.00 24.11 ? 132 LYS A CG  1 
ATOM   1089 C CD  . LYS A 1 132 ? -0.304  12.575  -0.793  1.00 29.16 ? 132 LYS A CD  1 
ATOM   1090 C CE  . LYS A 1 132 ? -1.493  12.242  0.074   1.00 34.16 ? 132 LYS A CE  1 
ATOM   1091 N NZ  . LYS A 1 132 ? -2.541  13.289  0.067   1.00 34.08 ? 132 LYS A NZ  1 
ATOM   1092 N N   . LEU A 1 133 ? 2.563   8.267   -1.657  1.00 13.80 ? 133 LEU A N   1 
ATOM   1093 C CA  . LEU A 1 133 ? 2.117   7.055   -2.347  1.00 12.32 ? 133 LEU A CA  1 
ATOM   1094 C C   . LEU A 1 133 ? 0.666   6.684   -2.075  1.00 12.48 ? 133 LEU A C   1 
ATOM   1095 O O   . LEU A 1 133 ? 0.238   6.593   -0.929  1.00 12.68 ? 133 LEU A O   1 
ATOM   1096 C CB  . LEU A 1 133 ? 3.014   5.852   -1.936  1.00 12.45 ? 133 LEU A CB  1 
ATOM   1097 C CG  . LEU A 1 133 ? 2.617   4.498   -2.565  1.00 12.12 ? 133 LEU A CG  1 
ATOM   1098 C CD1 . LEU A 1 133 ? 2.802   4.600   -4.082  1.00 10.54 ? 133 LEU A CD1 1 
ATOM   1099 C CD2 . LEU A 1 133 ? 3.467   3.361   -1.968  1.00 13.37 ? 133 LEU A CD2 1 
ATOM   1100 N N   . GLU A 1 134 ? -0.089  6.462   -3.136  1.00 13.32 ? 134 GLU A N   1 
ATOM   1101 C CA  . GLU A 1 134 ? -1.481  6.015   -3.015  1.00 14.60 ? 134 GLU A CA  1 
ATOM   1102 C C   . GLU A 1 134 ? -1.633  4.865   -3.980  1.00 15.57 ? 134 GLU A C   1 
ATOM   1103 O O   . GLU A 1 134 ? -1.131  4.949   -5.117  1.00 17.70 ? 134 GLU A O   1 
ATOM   1104 C CB  . GLU A 1 134 ? -2.446  7.152   -3.381  1.00 14.65 ? 134 GLU A CB  1 
ATOM   1105 C CG  . GLU A 1 134 ? -2.409  8.264   -2.294  1.00 18.74 ? 134 GLU A CG  1 
ATOM   1106 C CD  . GLU A 1 134 ? -3.260  9.476   -2.620  1.00 19.55 ? 134 GLU A CD  1 
ATOM   1107 O OE1 . GLU A 1 134 ? -2.985  10.159  -3.625  1.00 24.18 ? 134 GLU A OE1 1 
ATOM   1108 O OE2 . GLU A 1 134 ? -4.200  9.737   -1.856  1.00 25.07 ? 134 GLU A OE2 1 
ATOM   1109 N N   . ILE A 1 135 ? -2.306  3.800   -3.549  1.00 13.10 ? 135 ILE A N   1 
ATOM   1110 C CA  . ILE A 1 135 ? -2.516  2.634   -4.412  1.00 13.37 ? 135 ILE A CA  1 
ATOM   1111 C C   . ILE A 1 135 ? -4.004  2.557   -4.615  1.00 13.47 ? 135 ILE A C   1 
ATOM   1112 O O   . ILE A 1 135 ? -4.743  2.769   -3.677  1.00 14.73 ? 135 ILE A O   1 
ATOM   1113 C CB  . ILE A 1 135 ? -2.103  1.322   -3.722  1.00 14.45 ? 135 ILE A CB  1 
ATOM   1114 C CG1 . ILE A 1 135 ? -0.756  1.499   -3.009  1.00 17.61 ? 135 ILE A CG1 1 
ATOM   1115 C CG2 . ILE A 1 135 ? -2.084  0.185   -4.764  1.00 13.93 ? 135 ILE A CG2 1 
ATOM   1116 C CD1 . ILE A 1 135 ? 0.410   1.798   -3.913  1.00 17.11 ? 135 ILE A CD1 1 
ATOM   1117 N N   . TYR A 1 136 ? -4.440  2.264   -5.838  1.00 14.42 ? 136 TYR A N   1 
ATOM   1118 C CA  . TYR A 1 136 ? -5.872  2.154   -6.125  1.00 14.44 ? 136 TYR A CA  1 
ATOM   1119 C C   . TYR A 1 136 ? -6.220  0.845   -6.790  1.00 13.36 ? 136 TYR A C   1 
ATOM   1120 O O   . TYR A 1 136 ? -5.600  0.492   -7.774  1.00 14.21 ? 136 TYR A O   1 
ATOM   1121 C CB  . TYR A 1 136 ? -6.328  3.242   -7.098  1.00 14.30 ? 136 TYR A CB  1 
ATOM   1122 C CG  . TYR A 1 136 ? -6.211  4.649   -6.569  1.00 15.73 ? 136 TYR A CG  1 
ATOM   1123 C CD1 . TYR A 1 136 ? -4.994  5.350   -6.635  1.00 16.32 ? 136 TYR A CD1 1 
ATOM   1124 C CD2 . TYR A 1 136 ? -7.320  5.280   -6.003  1.00 17.27 ? 136 TYR A CD2 1 
ATOM   1125 C CE1 . TYR A 1 136 ? -4.883  6.658   -6.153  1.00 17.94 ? 136 TYR A CE1 1 
ATOM   1126 C CE2 . TYR A 1 136 ? -7.222  6.590   -5.506  1.00 20.69 ? 136 TYR A CE2 1 
ATOM   1127 C CZ  . TYR A 1 136 ? -6.007  7.269   -5.588  1.00 19.95 ? 136 TYR A CZ  1 
ATOM   1128 O OH  . TYR A 1 136 ? -5.915  8.554   -5.097  1.00 21.11 ? 136 TYR A OH  1 
ATOM   1129 N N   . ASP A 1 137 ? -7.210  0.141   -6.244  1.00 14.56 ? 137 ASP A N   1 
ATOM   1130 C CA  . ASP A 1 137 ? -7.745  -1.069  -6.872  1.00 14.57 ? 137 ASP A CA  1 
ATOM   1131 C C   . ASP A 1 137 ? -8.693  -0.459  -7.942  1.00 16.23 ? 137 ASP A C   1 
ATOM   1132 O O   . ASP A 1 137 ? -9.759  0.100   -7.624  1.00 17.34 ? 137 ASP A O   1 
ATOM   1133 C CB  . ASP A 1 137 ? -8.563  -1.904  -5.888  1.00 15.01 ? 137 ASP A CB  1 
ATOM   1134 C CG  . ASP A 1 137 ? -9.219  -3.141  -6.552  1.00 16.61 ? 137 ASP A CG  1 
ATOM   1135 O OD1 . ASP A 1 137 ? -9.515  -3.119  -7.758  1.00 18.33 ? 137 ASP A OD1 1 
ATOM   1136 O OD2 . ASP A 1 137 ? -9.480  -4.135  -5.857  1.00 17.46 ? 137 ASP A OD2 1 
ATOM   1137 N N   . ALA A 1 138 ? -8.257  -0.529  -9.193  1.00 16.53 ? 138 ALA A N   1 
ATOM   1138 C CA  . ALA A 1 138 ? -8.979  0.040   -10.321 1.00 17.32 ? 138 ALA A CA  1 
ATOM   1139 C C   . ALA A 1 138 ? -10.373 -0.539  -10.552 1.00 19.00 ? 138 ALA A C   1 
ATOM   1140 O O   . ALA A 1 138 ? -11.181 0.086   -11.250 1.00 17.34 ? 138 ALA A O   1 
ATOM   1141 C CB  . ALA A 1 138 ? -8.127  -0.122  -11.584 1.00 16.29 ? 138 ALA A CB  1 
ATOM   1142 N N   . THR A 1 139 ? -10.638 -1.737  -10.013 1.00 18.33 ? 139 THR A N   1 
ATOM   1143 C CA  . THR A 1 139 ? -11.969 -2.352  -10.170 1.00 20.36 ? 139 THR A CA  1 
ATOM   1144 C C   . THR A 1 139 ? -12.949 -1.735  -9.197  1.00 21.06 ? 139 THR A C   1 
ATOM   1145 O O   . THR A 1 139 ? -14.165 -1.675  -9.447  1.00 21.99 ? 139 THR A O   1 
ATOM   1146 C CB  . THR A 1 139 ? -11.939 -3.905  -9.919  1.00 21.79 ? 139 THR A CB  1 
ATOM   1147 O OG1 . THR A 1 139 ? -11.638 -4.193  -8.540  1.00 23.98 ? 139 THR A OG1 1 
ATOM   1148 C CG2 . THR A 1 139 ? -10.907 -4.542  -10.819 1.00 20.15 ? 139 THR A CG2 1 
ATOM   1149 N N   . GLU A 1 140 ? -12.417 -1.251  -8.086  1.00 19.48 ? 140 GLU A N   1 
ATOM   1150 C CA  . GLU A 1 140 ? -13.237 -0.645  -7.038  1.00 19.17 ? 140 GLU A CA  1 
ATOM   1151 C C   . GLU A 1 140 ? -13.315 0.865   -7.247  1.00 17.92 ? 140 GLU A C   1 
ATOM   1152 O O   . GLU A 1 140 ? -14.395 1.461   -7.191  1.00 19.19 ? 140 GLU A O   1 
ATOM   1153 C CB  . GLU A 1 140 ? -12.597 -0.976  -5.671  1.00 19.78 ? 140 GLU A CB  1 
ATOM   1154 C CG  . GLU A 1 140 ? -13.345 -0.459  -4.452  1.00 20.48 ? 140 GLU A CG  1 
ATOM   1155 C CD  . GLU A 1 140 ? -14.732 -1.051  -4.355  1.00 25.32 ? 140 GLU A CD  1 
ATOM   1156 O OE1 . GLU A 1 140 ? -14.860 -2.271  -4.567  1.00 27.63 ? 140 GLU A OE1 1 
ATOM   1157 O OE2 . GLU A 1 140 ? -15.674 -0.299  -4.070  1.00 27.72 ? 140 GLU A OE2 1 
ATOM   1158 N N   . TYR A 1 141 ? -12.174 1.502   -7.499  1.00 16.92 ? 141 TYR A N   1 
ATOM   1159 C CA  . TYR A 1 141 ? -12.160 2.953   -7.718  1.00 15.49 ? 141 TYR A CA  1 
ATOM   1160 C C   . TYR A 1 141 ? -12.147 3.255   -9.217  1.00 18.41 ? 141 TYR A C   1 
ATOM   1161 O O   . TYR A 1 141 ? -11.155 3.772   -9.776  1.00 15.84 ? 141 TYR A O   1 
ATOM   1162 C CB  . TYR A 1 141 ? -10.950 3.568   -7.004  1.00 17.42 ? 141 TYR A CB  1 
ATOM   1163 C CG  . TYR A 1 141 ? -11.157 3.647   -5.502  1.00 16.24 ? 141 TYR A CG  1 
ATOM   1164 C CD1 . TYR A 1 141 ? -11.131 2.501   -4.702  1.00 14.70 ? 141 TYR A CD1 1 
ATOM   1165 C CD2 . TYR A 1 141 ? -11.398 4.870   -4.889  1.00 15.86 ? 141 TYR A CD2 1 
ATOM   1166 C CE1 . TYR A 1 141 ? -11.329 2.589   -3.321  1.00 14.82 ? 141 TYR A CE1 1 
ATOM   1167 C CE2 . TYR A 1 141 ? -11.605 4.979   -3.501  1.00 15.51 ? 141 TYR A CE2 1 
ATOM   1168 C CZ  . TYR A 1 141 ? -11.560 3.850   -2.724  1.00 16.32 ? 141 TYR A CZ  1 
ATOM   1169 O OH  . TYR A 1 141 ? -11.703 3.982   -1.358  1.00 16.03 ? 141 TYR A OH  1 
ATOM   1170 N N   . GLU A 1 142 ? -13.265 2.919   -9.871  1.00 18.08 ? 142 GLU A N   1 
ATOM   1171 C CA  . GLU A 1 142 ? -13.397 3.115   -11.330 1.00 20.27 ? 142 GLU A CA  1 
ATOM   1172 C C   . GLU A 1 142 ? -13.304 4.563   -11.815 1.00 19.22 ? 142 GLU A C   1 
ATOM   1173 O O   . GLU A 1 142 ? -12.796 4.825   -12.905 1.00 18.94 ? 142 GLU A O   1 
ATOM   1174 C CB  . GLU A 1 142 ? -14.717 2.503   -11.806 1.00 22.80 ? 142 GLU A CB  1 
ATOM   1175 C CG  . GLU A 1 142 ? -14.916 1.083   -11.274 1.00 28.83 ? 142 GLU A CG  1 
ATOM   1176 C CD  . GLU A 1 142 ? -16.213 0.447   -11.751 1.00 30.19 ? 142 GLU A CD  1 
ATOM   1177 O OE1 . GLU A 1 142 ? -16.233 -0.101  -12.856 1.00 35.70 ? 142 GLU A OE1 1 
ATOM   1178 O OE2 . GLU A 1 142 ? -17.206 0.501   -11.016 1.00 35.01 ? 142 GLU A OE2 1 
ATOM   1179 N N   . GLU A 1 143 ? -13.786 5.502   -11.022 1.00 19.26 ? 143 GLU A N   1 
ATOM   1180 C CA  . GLU A 1 143 ? -13.710 6.897   -11.434 1.00 20.24 ? 143 GLU A CA  1 
ATOM   1181 C C   . GLU A 1 143 ? -12.267 7.376   -11.500 1.00 19.45 ? 143 GLU A C   1 
ATOM   1182 O O   . GLU A 1 143 ? -11.864 8.096   -12.440 1.00 16.51 ? 143 GLU A O   1 
ATOM   1183 C CB  . GLU A 1 143 ? -14.504 7.771   -10.458 1.00 24.96 ? 143 GLU A CB  1 
ATOM   1184 C CG  . GLU A 1 143 ? -16.009 7.547   -10.544 1.00 31.44 ? 143 GLU A CG  1 
ATOM   1185 C CD  . GLU A 1 143 ? -16.781 8.385   -9.513  1.00 36.95 ? 143 GLU A CD  1 
ATOM   1186 O OE1 . GLU A 1 143 ? -16.702 9.638   -9.578  1.00 40.16 ? 143 GLU A OE1 1 
ATOM   1187 O OE2 . GLU A 1 143 ? -17.456 7.784   -8.644  1.00 39.44 ? 143 GLU A OE2 1 
ATOM   1188 N N   . GLU A 1 144 ? -11.495 7.004   -10.478 1.00 16.47 ? 144 GLU A N   1 
ATOM   1189 C CA  . GLU A 1 144 ? -10.092 7.361   -10.459 1.00 17.41 ? 144 GLU A CA  1 
ATOM   1190 C C   . GLU A 1 144 ? -9.364  6.708   -11.647 1.00 16.59 ? 144 GLU A C   1 
ATOM   1191 O O   . GLU A 1 144 ? -8.552  7.339   -12.335 1.00 17.72 ? 144 GLU A O   1 
ATOM   1192 C CB  . GLU A 1 144 ? -9.475  6.924   -9.118  1.00 20.88 ? 144 GLU A CB  1 
ATOM   1193 C CG  . GLU A 1 144 ? -9.999  7.768   -7.952  1.00 28.34 ? 144 GLU A CG  1 
ATOM   1194 C CD  . GLU A 1 144 ? -9.633  9.237   -8.116  1.00 30.91 ? 144 GLU A CD  1 
ATOM   1195 O OE1 . GLU A 1 144 ? -10.423 10.112  -7.708  1.00 36.06 ? 144 GLU A OE1 1 
ATOM   1196 O OE2 . GLU A 1 144 ? -8.544  9.513   -8.648  1.00 35.07 ? 144 GLU A OE2 1 
ATOM   1197 N N   . ARG A 1 145 ? -9.666  5.444   -11.897 1.00 14.75 ? 145 ARG A N   1 
ATOM   1198 C CA  . ARG A 1 145 ? -9.046  4.694   -12.997 1.00 17.03 ? 145 ARG A CA  1 
ATOM   1199 C C   . ARG A 1 145 ? -9.240  5.469   -14.316 1.00 17.49 ? 145 ARG A C   1 
ATOM   1200 O O   . ARG A 1 145 ? -8.301  5.698   -15.086 1.00 19.01 ? 145 ARG A O   1 
ATOM   1201 C CB  . ARG A 1 145 ? -9.720  3.315   -13.112 1.00 15.91 ? 145 ARG A CB  1 
ATOM   1202 C CG  . ARG A 1 145 ? -9.259  2.492   -14.321 1.00 18.27 ? 145 ARG A CG  1 
ATOM   1203 C CD  . ARG A 1 145 ? -10.190 1.292   -14.595 1.00 22.37 ? 145 ARG A CD  1 
ATOM   1204 N NE  . ARG A 1 145 ? -11.459 1.756   -15.168 1.00 26.03 ? 145 ARG A NE  1 
ATOM   1205 C CZ  . ARG A 1 145 ? -12.644 1.190   -14.930 1.00 28.55 ? 145 ARG A CZ  1 
ATOM   1206 N NH1 . ARG A 1 145 ? -12.735 0.129   -14.132 1.00 31.05 ? 145 ARG A NH1 1 
ATOM   1207 N NH2 . ARG A 1 145 ? -13.752 1.696   -15.469 1.00 29.85 ? 145 ARG A NH2 1 
ATOM   1208 N N   . ASP A 1 146 ? -10.474 5.869   -14.566 1.00 17.76 ? 146 ASP A N   1 
ATOM   1209 C CA  . ASP A 1 146 ? -10.775 6.565   -15.810 1.00 18.28 ? 146 ASP A CA  1 
ATOM   1210 C C   . ASP A 1 146 ? -10.231 7.976   -15.877 1.00 17.56 ? 146 ASP A C   1 
ATOM   1211 O O   . ASP A 1 146 ? -9.858  8.454   -16.950 1.00 18.48 ? 146 ASP A O   1 
ATOM   1212 C CB  . ASP A 1 146 ? -12.277 6.504   -16.083 1.00 20.64 ? 146 ASP A CB  1 
ATOM   1213 C CG  . ASP A 1 146 ? -12.725 5.107   -16.456 1.00 23.46 ? 146 ASP A CG  1 
ATOM   1214 O OD1 . ASP A 1 146 ? -11.890 4.361   -17.029 1.00 26.76 ? 146 ASP A OD1 1 
ATOM   1215 O OD2 . ASP A 1 146 ? -13.897 4.738   -16.193 1.00 25.66 ? 146 ASP A OD2 1 
ATOM   1216 N N   . LYS A 1 147 ? -10.132 8.623   -14.727 1.00 17.95 ? 147 LYS A N   1 
ATOM   1217 C CA  . LYS A 1 147 ? -9.622  9.973   -14.662 1.00 17.63 ? 147 LYS A CA  1 
ATOM   1218 C C   . LYS A 1 147 ? -8.195  9.991   -15.205 1.00 18.62 ? 147 LYS A C   1 
ATOM   1219 O O   . LYS A 1 147 ? -7.780  10.931  -15.922 1.00 16.45 ? 147 LYS A O   1 
ATOM   1220 C CB  . LYS A 1 147 ? -9.630  10.448  -13.209 1.00 19.09 ? 147 LYS A CB  1 
ATOM   1221 C CG  . LYS A 1 147 ? -8.981  11.812  -13.016 1.00 23.74 ? 147 LYS A CG  1 
ATOM   1222 C CD  . LYS A 1 147 ? -9.116  12.308  -11.580 1.00 27.00 ? 147 LYS A CD  1 
ATOM   1223 C CE  . LYS A 1 147 ? -8.382  13.645  -11.408 1.00 28.65 ? 147 LYS A CE  1 
ATOM   1224 N NZ  . LYS A 1 147 ? -8.360  14.061  -9.976  1.00 30.85 ? 147 LYS A NZ  1 
ATOM   1225 N N   . TYR A 1 148 ? -7.448  8.936   -14.856 1.00 16.52 ? 148 TYR A N   1 
ATOM   1226 C CA  . TYR A 1 148 ? -6.062  8.829   -15.300 1.00 16.26 ? 148 TYR A CA  1 
ATOM   1227 C C   . TYR A 1 148 ? -5.884  7.966   -16.547 1.00 16.82 ? 148 TYR A C   1 
ATOM   1228 O O   . TYR A 1 148 ? -4.751  7.626   -16.936 1.00 18.34 ? 148 TYR A O   1 
ATOM   1229 C CB  . TYR A 1 148 ? -5.170  8.362   -14.127 1.00 17.26 ? 148 TYR A CB  1 
ATOM   1230 C CG  . TYR A 1 148 ? -5.142  9.385   -13.008 1.00 17.30 ? 148 TYR A CG  1 
ATOM   1231 C CD1 . TYR A 1 148 ? -5.945  9.225   -11.880 1.00 18.95 ? 148 TYR A CD1 1 
ATOM   1232 C CD2 . TYR A 1 148 ? -4.396  10.561  -13.125 1.00 18.16 ? 148 TYR A CD2 1 
ATOM   1233 C CE1 . TYR A 1 148 ? -6.011  10.204  -10.896 1.00 21.63 ? 148 TYR A CE1 1 
ATOM   1234 C CE2 . TYR A 1 148 ? -4.456  11.561  -12.133 1.00 19.25 ? 148 TYR A CE2 1 
ATOM   1235 C CZ  . TYR A 1 148 ? -5.267  11.364  -11.027 1.00 19.30 ? 148 TYR A CZ  1 
ATOM   1236 O OH  . TYR A 1 148 ? -5.356  12.314  -10.013 1.00 23.32 ? 148 TYR A OH  1 
ATOM   1237 N N   . ARG A 1 149 ? -7.003  7.644   -17.204 1.00 17.18 ? 149 ARG A N   1 
ATOM   1238 C CA  . ARG A 1 149 ? -6.974  6.896   -18.463 1.00 18.44 ? 149 ARG A CA  1 
ATOM   1239 C C   . ARG A 1 149 ? -6.258  5.551   -18.401 1.00 17.18 ? 149 ARG A C   1 
ATOM   1240 O O   . ARG A 1 149 ? -5.560  5.124   -19.332 1.00 18.40 ? 149 ARG A O   1 
ATOM   1241 C CB  . ARG A 1 149 ? -6.348  7.782   -19.558 1.00 21.96 ? 149 ARG A CB  1 
ATOM   1242 C CG  . ARG A 1 149 ? -7.089  9.116   -19.788 1.00 26.11 ? 149 ARG A CG  1 
ATOM   1243 C CD  . ARG A 1 149 ? -6.488  9.801   -21.031 1.00 32.16 ? 149 ARG A CD  1 
ATOM   1244 N NE  . ARG A 1 149 ? -7.247  10.927  -21.571 1.00 39.75 ? 149 ARG A NE  1 
ATOM   1245 C CZ  . ARG A 1 149 ? -7.877  11.859  -20.858 1.00 43.87 ? 149 ARG A CZ  1 
ATOM   1246 N NH1 . ARG A 1 149 ? -7.875  11.824  -19.524 1.00 46.71 ? 149 ARG A NH1 1 
ATOM   1247 N NH2 . ARG A 1 149 ? -8.496  12.858  -21.488 1.00 44.90 ? 149 ARG A NH2 1 
ATOM   1248 N N   . VAL A 1 150 ? -6.480  4.869   -17.298 1.00 17.62 ? 150 VAL A N   1 
ATOM   1249 C CA  . VAL A 1 150 ? -5.884  3.564   -17.061 1.00 15.52 ? 150 VAL A CA  1 
ATOM   1250 C C   . VAL A 1 150 ? -6.698  2.453   -17.732 1.00 16.29 ? 150 VAL A C   1 
ATOM   1251 O O   . VAL A 1 150 ? -7.923  2.409   -17.605 1.00 15.66 ? 150 VAL A O   1 
ATOM   1252 C CB  . VAL A 1 150 ? -5.794  3.318   -15.520 1.00 15.73 ? 150 VAL A CB  1 
ATOM   1253 C CG1 . VAL A 1 150 ? -5.198  1.888   -15.204 1.00 15.02 ? 150 VAL A CG1 1 
ATOM   1254 C CG2 . VAL A 1 150 ? -4.938  4.453   -14.877 1.00 16.71 ? 150 VAL A CG2 1 
ATOM   1255 N N   . LEU A 1 151 ? -6.017  1.606   -18.500 1.00 15.75 ? 151 LEU A N   1 
ATOM   1256 C CA  . LEU A 1 151 ? -6.645  0.432   -19.105 1.00 14.92 ? 151 LEU A CA  1 
ATOM   1257 C C   . LEU A 1 151 ? -5.892  -0.748  -18.441 1.00 16.10 ? 151 LEU A C   1 
ATOM   1258 O O   . LEU A 1 151 ? -6.355  -1.333  -17.433 1.00 17.64 ? 151 LEU A O   1 
ATOM   1259 C CB  . LEU A 1 151 ? -6.498  0.425   -20.650 1.00 13.84 ? 151 LEU A CB  1 
ATOM   1260 C CG  . LEU A 1 151 ? -7.391  1.427   -21.394 1.00 13.51 ? 151 LEU A CG  1 
ATOM   1261 C CD1 . LEU A 1 151 ? -7.079  1.388   -22.887 1.00 12.53 ? 151 LEU A CD1 1 
ATOM   1262 C CD2 . LEU A 1 151 ? -8.866  1.068   -21.146 1.00 17.28 ? 151 LEU A CD2 1 
ATOM   1263 N N   . SER A 1 152 ? -4.705  -1.063  -18.927 1.00 16.45 ? 152 SER A N   1 
ATOM   1264 C CA  . SER A 1 152 ? -3.968  -2.168  -18.313 1.00 14.31 ? 152 SER A CA  1 
ATOM   1265 C C   . SER A 1 152 ? -3.276  -1.732  -16.999 1.00 15.13 ? 152 SER A C   1 
ATOM   1266 O O   . SER A 1 152 ? -2.990  -0.526  -16.751 1.00 13.11 ? 152 SER A O   1 
ATOM   1267 C CB  . SER A 1 152 ? -2.933  -2.731  -19.291 1.00 15.07 ? 152 SER A CB  1 
ATOM   1268 O OG  . SER A 1 152 ? -1.840  -1.835  -19.496 1.00 17.41 ? 152 SER A OG  1 
ATOM   1269 N N   . VAL A 1 153 ? -3.016  -2.725  -16.156 1.00 14.81 ? 153 VAL A N   1 
ATOM   1270 C CA  . VAL A 1 153 ? -2.318  -2.483  -14.883 1.00 14.38 ? 153 VAL A CA  1 
ATOM   1271 C C   . VAL A 1 153 ? -1.153  -3.488  -14.834 1.00 15.06 ? 153 VAL A C   1 
ATOM   1272 O O   . VAL A 1 153 ? -1.159  -4.473  -15.580 1.00 16.66 ? 153 VAL A O   1 
ATOM   1273 C CB  . VAL A 1 153 ? -3.274  -2.681  -13.683 1.00 14.34 ? 153 VAL A CB  1 
ATOM   1274 C CG1 . VAL A 1 153 ? -4.314  -1.548  -13.636 1.00 15.37 ? 153 VAL A CG1 1 
ATOM   1275 C CG2 . VAL A 1 153 ? -4.054  -4.065  -13.814 1.00 15.25 ? 153 VAL A CG2 1 
ATOM   1276 N N   . PRO A 1 154 ? -0.113  -3.221  -14.020 1.00 14.52 ? 154 PRO A N   1 
ATOM   1277 C CA  . PRO A 1 154 ? 0.013   -2.032  -13.173 1.00 13.18 ? 154 PRO A CA  1 
ATOM   1278 C C   . PRO A 1 154 ? 0.268   -0.786  -14.011 1.00 15.37 ? 154 PRO A C   1 
ATOM   1279 O O   . PRO A 1 154 ? 0.838   -0.862  -15.112 1.00 13.21 ? 154 PRO A O   1 
ATOM   1280 C CB  . PRO A 1 154 ? 1.232   -2.349  -12.298 1.00 13.30 ? 154 PRO A CB  1 
ATOM   1281 C CG  . PRO A 1 154 ? 2.084   -3.203  -13.221 1.00 14.82 ? 154 PRO A CG  1 
ATOM   1282 C CD  . PRO A 1 154 ? 1.037   -4.129  -13.812 1.00 13.51 ? 154 PRO A CD  1 
ATOM   1283 N N   . LYS A 1 155 ? -0.143  0.372   -13.488 1.00 16.19 ? 155 LYS A N   1 
ATOM   1284 C CA  . LYS A 1 155 ? 0.100   1.633   -14.187 1.00 14.18 ? 155 LYS A CA  1 
ATOM   1285 C C   . LYS A 1 155 ? 0.424   2.677   -13.102 1.00 14.48 ? 155 LYS A C   1 
ATOM   1286 O O   . LYS A 1 155 ? -0.331  2.814   -12.152 1.00 12.68 ? 155 LYS A O   1 
ATOM   1287 C CB  . LYS A 1 155 ? -1.149  2.069   -14.977 1.00 13.36 ? 155 LYS A CB  1 
ATOM   1288 C CG  . LYS A 1 155 ? -0.902  3.378   -15.785 1.00 15.45 ? 155 LYS A CG  1 
ATOM   1289 C CD  . LYS A 1 155 ? 0.275   3.225   -16.785 1.00 15.35 ? 155 LYS A CD  1 
ATOM   1290 C CE  . LYS A 1 155 ? 0.582   4.554   -17.511 1.00 19.02 ? 155 LYS A CE  1 
ATOM   1291 N NZ  . LYS A 1 155 ? 1.836   4.486   -18.385 1.00 17.23 ? 155 LYS A NZ  1 
ATOM   1292 N N   . ILE A 1 156 ? 1.552   3.381   -13.235 1.00 13.83 ? 156 ILE A N   1 
ATOM   1293 C CA  . ILE A 1 156 ? 1.922   4.374   -12.228 1.00 13.95 ? 156 ILE A CA  1 
ATOM   1294 C C   . ILE A 1 156 ? 1.726   5.749   -12.842 1.00 14.99 ? 156 ILE A C   1 
ATOM   1295 O O   . ILE A 1 156 ? 2.091   5.983   -14.008 1.00 16.83 ? 156 ILE A O   1 
ATOM   1296 C CB  . ILE A 1 156 ? 3.421   4.267   -11.816 1.00 13.59 ? 156 ILE A CB  1 
ATOM   1297 C CG1 . ILE A 1 156 ? 3.757   2.838   -11.347 1.00 12.98 ? 156 ILE A CG1 1 
ATOM   1298 C CG2 . ILE A 1 156 ? 3.708   5.255   -10.708 1.00 13.82 ? 156 ILE A CG2 1 
ATOM   1299 C CD1 . ILE A 1 156 ? 5.313   2.583   -11.178 1.00 14.47 ? 156 ILE A CD1 1 
ATOM   1300 N N   . ILE A 1 157 ? 1.122   6.629   -12.059 1.00 15.29 ? 157 ILE A N   1 
ATOM   1301 C CA  . ILE A 1 157 ? 0.881   8.017   -12.462 1.00 14.88 ? 157 ILE A CA  1 
ATOM   1302 C C   . ILE A 1 157 ? 1.706   8.890   -11.521 1.00 14.61 ? 157 ILE A C   1 
ATOM   1303 O O   . ILE A 1 157 ? 1.598   8.779   -10.304 1.00 14.69 ? 157 ILE A O   1 
ATOM   1304 C CB  . ILE A 1 157 ? -0.627  8.401   -12.307 1.00 15.53 ? 157 ILE A CB  1 
ATOM   1305 C CG1 . ILE A 1 157 ? -1.494  7.466   -13.151 1.00 12.66 ? 157 ILE A CG1 1 
ATOM   1306 C CG2 . ILE A 1 157 ? -0.835  9.903   -12.701 1.00 13.07 ? 157 ILE A CG2 1 
ATOM   1307 C CD1 . ILE A 1 157 ? -1.236  7.529   -14.651 1.00 11.74 ? 157 ILE A CD1 1 
ATOM   1308 N N   . PHE A 1 158 ? 2.569   9.727   -12.084 1.00 15.25 ? 158 PHE A N   1 
ATOM   1309 C CA  . PHE A 1 158 ? 3.372   10.637  -11.277 1.00 16.61 ? 158 PHE A CA  1 
ATOM   1310 C C   . PHE A 1 158 ? 2.849   12.094  -11.407 1.00 17.58 ? 158 PHE A C   1 
ATOM   1311 O O   . PHE A 1 158 ? 2.513   12.528  -12.508 1.00 18.19 ? 158 PHE A O   1 
ATOM   1312 C CB  . PHE A 1 158 ? 4.834   10.613  -11.749 1.00 16.03 ? 158 PHE A CB  1 
ATOM   1313 C CG  . PHE A 1 158 ? 5.479   9.249   -11.670 1.00 18.21 ? 158 PHE A CG  1 
ATOM   1314 C CD1 . PHE A 1 158 ? 5.430   8.376   -12.750 1.00 17.45 ? 158 PHE A CD1 1 
ATOM   1315 C CD2 . PHE A 1 158 ? 6.146   8.860   -10.526 1.00 16.66 ? 158 PHE A CD2 1 
ATOM   1316 C CE1 . PHE A 1 158 ? 6.048   7.123   -12.695 1.00 17.46 ? 158 PHE A CE1 1 
ATOM   1317 C CE2 . PHE A 1 158 ? 6.770   7.616   -10.442 1.00 17.67 ? 158 PHE A CE2 1 
ATOM   1318 C CZ  . PHE A 1 158 ? 6.725   6.737   -11.534 1.00 16.57 ? 158 PHE A CZ  1 
ATOM   1319 N N   . ASN A 1 159 ? 2.792   12.801  -10.285 1.00 18.86 ? 159 ASN A N   1 
ATOM   1320 C CA  . ASN A 1 159 ? 2.351   14.194  -10.216 1.00 20.55 ? 159 ASN A CA  1 
ATOM   1321 C C   . ASN A 1 159 ? 1.005   14.415  -10.883 1.00 22.01 ? 159 ASN A C   1 
ATOM   1322 O O   . ASN A 1 159 ? 0.757   15.497  -11.434 1.00 20.65 ? 159 ASN A O   1 
ATOM   1323 C CB  . ASN A 1 159 ? 3.428   15.108  -10.830 1.00 21.69 ? 159 ASN A CB  1 
ATOM   1324 C CG  . ASN A 1 159 ? 4.753   14.993  -10.097 1.00 24.09 ? 159 ASN A CG  1 
ATOM   1325 O OD1 . ASN A 1 159 ? 4.827   15.263  -8.900  1.00 25.44 ? 159 ASN A OD1 1 
ATOM   1326 N ND2 . ASN A 1 159 ? 5.803   14.561  -10.804 1.00 28.38 ? 159 ASN A ND2 1 
ATOM   1327 N N   . ASP A 1 160 ? 0.135   13.407  -10.799 1.00 21.50 ? 160 ASP A N   1 
ATOM   1328 C CA  . ASP A 1 160 ? -1.209  13.443  -11.419 1.00 23.96 ? 160 ASP A CA  1 
ATOM   1329 C C   . ASP A 1 160 ? -1.181  13.726  -12.918 1.00 25.80 ? 160 ASP A C   1 
ATOM   1330 O O   . ASP A 1 160 ? -2.176  14.174  -13.497 1.00 25.50 ? 160 ASP A O   1 
ATOM   1331 C CB  . ASP A 1 160 ? -2.094  14.500  -10.739 1.00 26.26 ? 160 ASP A CB  1 
ATOM   1332 C CG  . ASP A 1 160 ? -2.398  14.162  -9.305  1.00 27.74 ? 160 ASP A CG  1 
ATOM   1333 O OD1 . ASP A 1 160 ? -3.302  13.351  -9.059  1.00 29.70 ? 160 ASP A OD1 1 
ATOM   1334 O OD2 . ASP A 1 160 ? -1.715  14.689  -8.402  1.00 30.11 ? 160 ASP A OD2 1 
ATOM   1335 N N   . LYS A 1 161 ? -0.066  13.414  -13.562 1.00 24.73 ? 161 LYS A N   1 
ATOM   1336 C CA  . LYS A 1 161 ? 0.091   13.702  -14.990 1.00 26.35 ? 161 LYS A CA  1 
ATOM   1337 C C   . LYS A 1 161 ? -0.215  12.484  -15.866 1.00 24.78 ? 161 LYS A C   1 
ATOM   1338 O O   . LYS A 1 161 ? 0.373   11.424  -15.679 1.00 24.19 ? 161 LYS A O   1 
ATOM   1339 C CB  . LYS A 1 161 ? 1.527   14.143  -15.241 1.00 28.94 ? 161 LYS A CB  1 
ATOM   1340 C CG  . LYS A 1 161 ? 1.737   15.204  -16.304 1.00 34.84 ? 161 LYS A CG  1 
ATOM   1341 C CD  . LYS A 1 161 ? 1.326   14.754  -17.672 1.00 36.57 ? 161 LYS A CD  1 
ATOM   1342 C CE  . LYS A 1 161 ? 1.843   15.720  -18.740 1.00 38.88 ? 161 LYS A CE  1 
ATOM   1343 N NZ  . LYS A 1 161 ? 1.548   15.198  -20.110 1.00 41.91 ? 161 LYS A NZ  1 
ATOM   1344 N N   . VAL A 1 162 ? -1.134  12.635  -16.811 1.00 22.14 ? 162 VAL A N   1 
ATOM   1345 C CA  . VAL A 1 162 ? -1.446  11.538  -17.722 1.00 22.03 ? 162 VAL A CA  1 
ATOM   1346 C C   . VAL A 1 162 ? -0.520  11.798  -18.906 1.00 23.22 ? 162 VAL A C   1 
ATOM   1347 O O   . VAL A 1 162 ? -0.597  12.865  -19.540 1.00 23.24 ? 162 VAL A O   1 
ATOM   1348 C CB  . VAL A 1 162 ? -2.928  11.579  -18.217 1.00 22.00 ? 162 VAL A CB  1 
ATOM   1349 C CG1 . VAL A 1 162 ? -3.146  10.557  -19.347 1.00 21.23 ? 162 VAL A CG1 1 
ATOM   1350 C CG2 . VAL A 1 162 ? -3.844  11.286  -17.095 1.00 19.31 ? 162 VAL A CG2 1 
ATOM   1351 N N   . GLU A 1 163 ? 0.376   10.853  -19.184 1.00 22.20 ? 163 GLU A N   1 
ATOM   1352 C CA  . GLU A 1 163 ? 1.335   10.996  -20.269 1.00 24.79 ? 163 GLU A CA  1 
ATOM   1353 C C   . GLU A 1 163 ? 0.673   10.372  -21.497 1.00 26.06 ? 163 GLU A C   1 
ATOM   1354 O O   . GLU A 1 163 ? 0.360   9.187   -21.489 1.00 25.45 ? 163 GLU A O   1 
ATOM   1355 C CB  . GLU A 1 163 ? 2.643   10.245  -19.946 1.00 26.25 ? 163 GLU A CB  1 
ATOM   1356 C CG  . GLU A 1 163 ? 3.476   10.785  -18.741 1.00 26.16 ? 163 GLU A CG  1 
ATOM   1357 C CD  . GLU A 1 163 ? 3.992   12.214  -18.960 1.00 29.44 ? 163 GLU A CD  1 
ATOM   1358 O OE1 . GLU A 1 163 ? 4.093   12.636  -20.130 1.00 28.30 ? 163 GLU A OE1 1 
ATOM   1359 O OE2 . GLU A 1 163 ? 4.308   12.913  -17.966 1.00 29.40 ? 163 GLU A OE2 1 
ATOM   1360 N N   . ILE A 1 164 ? 0.459   11.175  -22.536 1.00 27.94 ? 164 ILE A N   1 
ATOM   1361 C CA  . ILE A 1 164 ? -0.173  10.697  -23.770 1.00 30.59 ? 164 ILE A CA  1 
ATOM   1362 C C   . ILE A 1 164 ? 0.861   10.813  -24.888 1.00 32.44 ? 164 ILE A C   1 
ATOM   1363 O O   . ILE A 1 164 ? 1.400   11.894  -25.121 1.00 32.09 ? 164 ILE A O   1 
ATOM   1364 C CB  . ILE A 1 164 ? -1.400  11.578  -24.173 1.00 32.14 ? 164 ILE A CB  1 
ATOM   1365 C CG1 . ILE A 1 164 ? -2.346  11.770  -22.985 1.00 34.06 ? 164 ILE A CG1 1 
ATOM   1366 C CG2 . ILE A 1 164 ? -2.161  10.918  -25.352 1.00 30.97 ? 164 ILE A CG2 1 
ATOM   1367 C CD1 . ILE A 1 164 ? -3.297  10.655  -22.777 1.00 36.73 ? 164 ILE A CD1 1 
ATOM   1368 N N   . PRO A 1 165 ? 1.163   9.703   -25.579 1.00 34.24 ? 165 PRO A N   1 
ATOM   1369 C CA  . PRO A 1 165 ? 2.150   9.749   -26.669 1.00 36.19 ? 165 PRO A CA  1 
ATOM   1370 C C   . PRO A 1 165 ? 1.864   10.841  -27.719 1.00 37.18 ? 165 PRO A C   1 
ATOM   1371 O O   . PRO A 1 165 ? 0.711   11.079  -28.110 1.00 35.82 ? 165 PRO A O   1 
ATOM   1372 C CB  . PRO A 1 165 ? 2.103   8.332   -27.255 1.00 36.25 ? 165 PRO A CB  1 
ATOM   1373 C CG  . PRO A 1 165 ? 0.712   7.817   -26.871 1.00 37.03 ? 165 PRO A CG  1 
ATOM   1374 C CD  . PRO A 1 165 ? 0.550   8.366   -25.462 1.00 34.53 ? 165 PRO A CD  1 
ATOM   1375 N N   . GLY A 1 166 ? 2.928   11.496  -28.177 1.00 38.73 ? 166 GLY A N   1 
ATOM   1376 C CA  . GLY A 1 166 ? 2.778   12.554  -29.160 1.00 40.75 ? 166 GLY A CA  1 
ATOM   1377 C C   . GLY A 1 166 ? 2.045   13.738  -28.559 1.00 41.88 ? 166 GLY A C   1 
ATOM   1378 O O   . GLY A 1 166 ? 2.289   14.882  -28.933 1.00 43.84 ? 166 GLY A O   1 
HETATM 1379 C C1  . GOL B 2 .   ? 2.200   2.055   -21.263 1.00 26.69 ? 300 GOL A C1  1 
HETATM 1380 O O1  . GOL B 2 .   ? 2.672   1.388   -22.422 1.00 32.44 ? 300 GOL A O1  1 
HETATM 1381 C C2  . GOL B 2 .   ? 0.780   1.782   -21.022 1.00 24.17 ? 300 GOL A C2  1 
HETATM 1382 O O2  . GOL B 2 .   ? 0.119   1.767   -22.252 1.00 24.97 ? 300 GOL A O2  1 
HETATM 1383 C C3  . GOL B 2 .   ? 0.581   0.453   -20.308 1.00 29.94 ? 300 GOL A C3  1 
HETATM 1384 O O3  . GOL B 2 .   ? 0.911   -0.658  -21.163 1.00 32.33 ? 300 GOL A O3  1 
HETATM 1385 O O   . HOH C 3 .   ? -2.761  -7.440  -7.997  1.00 15.32 ? 401 HOH A O   1 
HETATM 1386 O O   . HOH C 3 .   ? -2.254  6.892   -17.961 1.00 15.53 ? 402 HOH A O   1 
HETATM 1387 O O   . HOH C 3 .   ? -0.304  -4.929  -1.785  1.00 16.18 ? 403 HOH A O   1 
HETATM 1388 O O   . HOH C 3 .   ? -0.092  8.487   1.019   1.00 30.64 ? 404 HOH A O   1 
HETATM 1389 O O   . HOH C 3 .   ? 6.504   8.340   1.875   1.00 18.58 ? 405 HOH A O   1 
HETATM 1390 O O   . HOH C 3 .   ? -7.455  -4.909  -4.029  1.00 16.89 ? 406 HOH A O   1 
HETATM 1391 O O   . HOH C 3 .   ? 3.823   8.262   0.873   1.00 19.09 ? 407 HOH A O   1 
HETATM 1392 O O   . HOH C 3 .   ? 2.550   10.176  -14.961 1.00 14.41 ? 408 HOH A O   1 
HETATM 1393 O O   . HOH C 3 .   ? 2.430   -12.365 -9.351  1.00 22.40 ? 409 HOH A O   1 
HETATM 1394 O O   . HOH C 3 .   ? 22.962  -2.838  -2.417  1.00 34.92 ? 410 HOH A O   1 
HETATM 1395 O O   . HOH C 3 .   ? -0.470  10.707  -4.219  1.00 23.92 ? 411 HOH A O   1 
HETATM 1396 O O   . HOH C 3 .   ? 3.468   4.620   -15.906 1.00 35.91 ? 412 HOH A O   1 
HETATM 1397 O O   . HOH C 3 .   ? 2.930   15.792  -7.397  1.00 27.61 ? 413 HOH A O   1 
HETATM 1398 O O   . HOH C 3 .   ? 5.894   -5.355  0.237   1.00 19.55 ? 414 HOH A O   1 
HETATM 1399 O O   . HOH C 3 .   ? -11.279 2.490   15.864  1.00 22.20 ? 415 HOH A O   1 
HETATM 1400 O O   . HOH C 3 .   ? 0.309   16.241  -8.239  1.00 31.97 ? 416 HOH A O   1 
HETATM 1401 O O   . HOH C 3 .   ? 7.612   -1.381  2.749   1.00 24.48 ? 417 HOH A O   1 
HETATM 1402 O O   . HOH C 3 .   ? 5.605   8.818   4.447   1.00 17.53 ? 418 HOH A O   1 
HETATM 1403 O O   . HOH C 3 .   ? 7.926   12.378  -10.162 1.00 19.15 ? 419 HOH A O   1 
HETATM 1404 O O   . HOH C 3 .   ? -6.484  -7.696  -4.662  1.00 30.41 ? 420 HOH A O   1 
HETATM 1405 O O   . HOH C 3 .   ? 6.060   11.949  -8.292  1.00 18.24 ? 421 HOH A O   1 
HETATM 1406 O O   . HOH C 3 .   ? -10.696 -3.609  -3.229  1.00 18.62 ? 422 HOH A O   1 
HETATM 1407 O O   . HOH C 3 .   ? -1.990  -6.236  -19.697 1.00 25.23 ? 423 HOH A O   1 
HETATM 1408 O O   . HOH C 3 .   ? 5.335   13.911  -13.863 1.00 22.89 ? 424 HOH A O   1 
HETATM 1409 O O   . HOH C 3 .   ? 14.756  15.709  -5.892  1.00 34.06 ? 425 HOH A O   1 
HETATM 1410 O O   . HOH C 3 .   ? 0.138   10.980  -9.332  1.00 15.54 ? 426 HOH A O   1 
HETATM 1411 O O   . HOH C 3 .   ? -1.106  -12.695 -1.376  1.00 26.44 ? 427 HOH A O   1 
HETATM 1412 O O   . HOH C 3 .   ? 11.129  2.374   7.372   1.00 39.22 ? 428 HOH A O   1 
HETATM 1413 O O   . HOH C 3 .   ? 2.261   7.754   -16.140 1.00 17.15 ? 429 HOH A O   1 
HETATM 1414 O O   . HOH C 3 .   ? -1.138  -13.393 -11.849 1.00 50.95 ? 430 HOH A O   1 
HETATM 1415 O O   . HOH C 3 .   ? 2.762   11.439  6.621   1.00 35.74 ? 431 HOH A O   1 
HETATM 1416 O O   . HOH C 3 .   ? 19.912  13.253  -2.569  1.00 34.91 ? 432 HOH A O   1 
HETATM 1417 O O   . HOH C 3 .   ? -1.894  -7.264  -15.784 1.00 51.30 ? 433 HOH A O   1 
HETATM 1418 O O   . HOH C 3 .   ? 19.993  -2.311  -9.716  1.00 43.78 ? 434 HOH A O   1 
HETATM 1419 O O   . HOH C 3 .   ? 1.513   -11.930 -4.483  1.00 23.38 ? 435 HOH A O   1 
HETATM 1420 O O   . HOH C 3 .   ? -8.381  -1.881  -15.680 1.00 40.45 ? 436 HOH A O   1 
HETATM 1421 O O   . HOH C 3 .   ? -2.537  14.362  -5.880  1.00 34.55 ? 437 HOH A O   1 
HETATM 1422 O O   . HOH C 3 .   ? -4.058  -5.455  -17.167 1.00 23.40 ? 438 HOH A O   1 
HETATM 1423 O O   . HOH C 3 .   ? -15.531 5.003   -8.788  1.00 29.72 ? 439 HOH A O   1 
HETATM 1424 O O   . HOH C 3 .   ? -2.868  4.356   -19.082 1.00 14.14 ? 440 HOH A O   1 
HETATM 1425 O O   . HOH C 3 .   ? 4.651   11.617  -15.616 1.00 22.76 ? 441 HOH A O   1 
HETATM 1426 O O   . HOH C 3 .   ? 2.982   -12.348 -6.681  1.00 31.04 ? 442 HOH A O   1 
HETATM 1427 O O   . HOH C 3 .   ? -0.063  -13.172 -9.065  1.00 35.04 ? 443 HOH A O   1 
HETATM 1428 O O   . HOH C 3 .   ? -13.349 8.477   10.540  1.00 31.48 ? 444 HOH A O   1 
HETATM 1429 O O   . HOH C 3 .   ? -2.410  8.786   1.677   1.00 40.82 ? 445 HOH A O   1 
HETATM 1430 O O   . HOH C 3 .   ? -13.402 9.821   -13.841 1.00 24.65 ? 446 HOH A O   1 
HETATM 1431 O O   . HOH C 3 .   ? 5.175   11.356  13.883  1.00 51.87 ? 447 HOH A O   1 
HETATM 1432 O O   . HOH C 3 .   ? 3.548   2.166   -15.016 1.00 16.55 ? 448 HOH A O   1 
HETATM 1433 O O   . HOH C 3 .   ? 13.091  13.915  -3.001  1.00 30.35 ? 449 HOH A O   1 
HETATM 1434 O O   . HOH C 3 .   ? -10.894 -0.618  14.922  1.00 25.86 ? 450 HOH A O   1 
HETATM 1435 O O   . HOH C 3 .   ? -4.999  -11.809 -7.138  1.00 28.06 ? 451 HOH A O   1 
HETATM 1436 O O   . HOH C 3 .   ? 9.839   13.851  -8.952  1.00 22.68 ? 452 HOH A O   1 
HETATM 1437 O O   . HOH C 3 .   ? -6.079  -1.674  17.976  1.00 25.48 ? 453 HOH A O   1 
HETATM 1438 O O   . HOH C 3 .   ? -1.463  11.329  13.023  1.00 50.45 ? 454 HOH A O   1 
HETATM 1439 O O   . HOH C 3 .   ? -7.148  -6.709  -14.539 1.00 36.14 ? 455 HOH A O   1 
HETATM 1440 O O   . HOH C 3 .   ? 10.585  4.925   7.562   1.00 47.13 ? 456 HOH A O   1 
HETATM 1441 O O   . HOH C 3 .   ? 14.384  3.720   5.959   1.00 44.22 ? 457 HOH A O   1 
HETATM 1442 O O   . HOH C 3 .   ? 7.640   -3.773  1.218   1.00 27.00 ? 458 HOH A O   1 
HETATM 1443 O O   . HOH C 3 .   ? 4.921   16.472  -14.506 1.00 47.72 ? 459 HOH A O   1 
HETATM 1444 O O   . HOH C 3 .   ? 0.936   -1.636  16.709  1.00 20.19 ? 460 HOH A O   1 
HETATM 1445 O O   . HOH C 3 .   ? 0.171   8.268   -18.080 1.00 19.96 ? 461 HOH A O   1 
HETATM 1446 O O   . HOH C 3 .   ? -16.758 2.628   9.212   1.00 21.80 ? 462 HOH A O   1 
HETATM 1447 O O   . HOH C 3 .   ? -17.492 3.390   6.766   1.00 24.33 ? 463 HOH A O   1 
HETATM 1448 O O   . HOH C 3 .   ? -4.305  -7.736  -15.759 1.00 45.50 ? 464 HOH A O   1 
HETATM 1449 O O   . HOH C 3 .   ? -0.367  6.296   14.242  1.00 34.75 ? 465 HOH A O   1 
HETATM 1450 O O   . HOH C 3 .   ? -6.304  12.149  5.366   1.00 49.66 ? 466 HOH A O   1 
HETATM 1451 O O   . HOH C 3 .   ? 4.328   -13.969 -10.711 1.00 25.68 ? 467 HOH A O   1 
HETATM 1452 O O   . HOH C 3 .   ? -2.552  15.183  -16.946 1.00 27.58 ? 468 HOH A O   1 
HETATM 1453 O O   . HOH C 3 .   ? -3.010  1.739   -18.361 1.00 17.70 ? 469 HOH A O   1 
HETATM 1454 O O   . HOH C 3 .   ? 1.081   6.425   -20.212 1.00 20.94 ? 470 HOH A O   1 
HETATM 1455 O O   . HOH C 3 .   ? -10.622 10.264  -18.817 1.00 28.90 ? 471 HOH A O   1 
HETATM 1456 O O   . HOH C 3 .   ? -13.942 -5.843  -5.022  1.00 45.39 ? 472 HOH A O   1 
HETATM 1457 O O   . HOH C 3 .   ? 22.044  3.925   -1.021  1.00 29.29 ? 473 HOH A O   1 
HETATM 1458 O O   . HOH C 3 .   ? 4.127   0.118   -14.027 1.00 40.98 ? 474 HOH A O   1 
HETATM 1459 O O   . HOH C 3 .   ? 7.827   15.919  -8.698  1.00 43.96 ? 475 HOH A O   1 
HETATM 1460 O O   . HOH C 3 .   ? 2.312   -3.672  17.052  1.00 29.67 ? 476 HOH A O   1 
HETATM 1461 O O   . HOH C 3 .   ? -10.636 2.070   -18.033 1.00 29.40 ? 477 HOH A O   1 
HETATM 1462 O O   . HOH C 3 .   ? -7.293  -12.958 -7.756  1.00 37.65 ? 478 HOH A O   1 
HETATM 1463 O O   . HOH C 3 .   ? -15.704 0.136   8.299   1.00 17.91 ? 479 HOH A O   1 
HETATM 1464 O O   . HOH C 3 .   ? -0.445  4.649   -21.319 1.00 33.71 ? 480 HOH A O   1 
HETATM 1465 O O   . HOH C 3 .   ? -9.207  9.172   2.805   1.00 50.62 ? 481 HOH A O   1 
HETATM 1466 O O   . HOH C 3 .   ? -8.875  9.735   12.830  1.00 52.35 ? 482 HOH A O   1 
HETATM 1467 O O   . HOH C 3 .   ? -12.788 6.342   -0.365  1.00 46.10 ? 483 HOH A O   1 
HETATM 1468 O O   . HOH C 3 .   ? 12.743  10.757  3.461   1.00 37.01 ? 484 HOH A O   1 
HETATM 1469 O O   . HOH C 3 .   ? -10.769 -12.118 14.361  1.00 31.96 ? 485 HOH A O   1 
HETATM 1470 O O   . HOH C 3 .   ? -15.003 4.032   14.100  1.00 27.63 ? 486 HOH A O   1 
HETATM 1471 O O   . HOH C 3 .   ? 3.728   -15.136 -7.273  1.00 32.45 ? 487 HOH A O   1 
HETATM 1472 O O   . HOH C 3 .   ? 4.122   -2.785  14.741  1.00 30.36 ? 488 HOH A O   1 
HETATM 1473 O O   . HOH C 3 .   ? 2.026   9.931   2.865   1.00 27.45 ? 489 HOH A O   1 
HETATM 1474 O O   . HOH C 3 .   ? 5.231   12.693  9.759   1.00 47.40 ? 490 HOH A O   1 
HETATM 1475 O O   . HOH C 3 .   ? -6.038  -4.932  -19.322 1.00 37.45 ? 491 HOH A O   1 
HETATM 1476 O O   . HOH C 3 .   ? -6.612  13.454  -15.466 1.00 40.31 ? 492 HOH A O   1 
HETATM 1477 O O   . HOH C 3 .   ? -2.958  7.024   13.833  1.00 38.87 ? 493 HOH A O   1 
HETATM 1478 O O   . HOH C 3 .   ? 0.406   -8.184  -15.077 1.00 35.01 ? 494 HOH A O   1 
HETATM 1479 O O   . HOH C 3 .   ? -15.814 5.845   -14.647 1.00 38.61 ? 495 HOH A O   1 
HETATM 1480 O O   . HOH C 3 .   ? 0.092   -0.327  -17.584 1.00 32.46 ? 496 HOH A O   1 
HETATM 1481 O O   . HOH C 3 .   ? 15.566  -3.363  12.932  1.00 40.31 ? 497 HOH A O   1 
HETATM 1482 O O   . HOH C 3 .   ? -6.227  13.738  -18.708 1.00 50.38 ? 498 HOH A O   1 
HETATM 1483 O O   . HOH C 3 .   ? -8.883  7.235   13.902  1.00 39.53 ? 499 HOH A O   1 
HETATM 1484 O O   . HOH C 3 .   ? -17.361 -0.344  0.636   1.00 26.80 ? 500 HOH A O   1 
HETATM 1485 O O   . HOH C 3 .   ? -2.592  14.637  -20.636 1.00 42.88 ? 501 HOH A O   1 
HETATM 1486 O O   . HOH C 3 .   ? 15.903  -4.527  -5.692  1.00 43.04 ? 502 HOH A O   1 
HETATM 1487 O O   . HOH C 3 .   ? 19.108  -5.373  -6.142  1.00 44.62 ? 503 HOH A O   1 
HETATM 1488 O O   . HOH C 3 .   ? 17.406  -4.461  12.106  1.00 54.52 ? 504 HOH A O   1 
HETATM 1489 O O   . HOH C 3 .   ? 10.060  8.586   9.822   1.00 35.16 ? 505 HOH A O   1 
HETATM 1490 O O   . HOH C 3 .   ? -2.744  10.802  3.965   1.00 37.11 ? 506 HOH A O   1 
HETATM 1491 O O   . HOH C 3 .   ? -0.039  11.913  3.638   1.00 39.75 ? 507 HOH A O   1 
HETATM 1492 O O   . HOH C 3 .   ? -12.975 5.904   -7.974  1.00 26.95 ? 508 HOH A O   1 
HETATM 1493 O O   . HOH C 3 .   ? -12.353 2.467   -19.666 1.00 50.22 ? 509 HOH A O   1 
HETATM 1494 O O   . HOH C 3 .   ? -4.883  14.678  -14.109 1.00 42.35 ? 510 HOH A O   1 
HETATM 1495 O O   . HOH C 3 .   ? 20.938  6.091   0.392   1.00 41.01 ? 511 HOH A O   1 
HETATM 1496 O O   . HOH C 3 .   ? 24.654  4.486   -0.397  1.00 38.17 ? 512 HOH A O   1 
HETATM 1497 O O   . HOH C 3 .   ? 11.948  -6.186  -3.134  1.00 36.85 ? 513 HOH A O   1 
HETATM 1498 O O   . HOH C 3 .   ? 9.146   -5.738  -6.218  1.00 27.29 ? 514 HOH A O   1 
HETATM 1499 O O   . HOH C 3 .   ? -4.338  -14.750 13.409  1.00 35.75 ? 515 HOH A O   1 
HETATM 1500 O O   . HOH C 3 .   ? 5.560   -13.141 13.441  1.00 35.32 ? 516 HOH A O   1 
HETATM 1501 O O   . HOH C 3 .   ? -1.703  -10.148 -15.448 1.00 36.08 ? 517 HOH A O   1 
HETATM 1502 O O   . HOH C 3 .   ? 21.308  2.191   0.925   1.00 37.17 ? 518 HOH A O   1 
HETATM 1503 O O   . HOH C 3 .   ? 6.288   -12.617 -12.528 1.00 32.41 ? 519 HOH A O   1 
HETATM 1504 O O   . HOH C 3 .   ? -19.604 5.299   9.559   1.00 40.29 ? 520 HOH A O   1 
HETATM 1505 O O   . HOH C 3 .   ? 7.608   -11.603 10.164  1.00 33.31 ? 521 HOH A O   1 
HETATM 1506 O O   . HOH C 3 .   ? 13.317  -9.101  1.047   1.00 39.19 ? 522 HOH A O   1 
HETATM 1507 O O   . HOH C 3 .   ? -5.098  12.186  -3.884  1.00 47.55 ? 523 HOH A O   1 
HETATM 1508 O O   . HOH C 3 .   ? 7.058   12.164  7.081   1.00 39.37 ? 524 HOH A O   1 
HETATM 1509 O O   . HOH C 3 .   ? 12.740  8.327   5.232   1.00 50.11 ? 525 HOH A O   1 
HETATM 1510 O O   . HOH C 3 .   ? -7.995  9.649   -4.129  1.00 41.44 ? 526 HOH A O   1 
HETATM 1511 O O   . HOH C 3 .   ? 5.871   -19.237 9.128   1.00 32.23 ? 527 HOH A O   1 
HETATM 1512 O O   . HOH C 3 .   ? 8.546   -12.489 -11.258 1.00 37.02 ? 528 HOH A O   1 
HETATM 1513 O O   . HOH C 3 .   ? 3.486   -11.951 20.483  1.00 37.89 ? 529 HOH A O   1 
HETATM 1514 O O   . HOH C 3 .   ? 3.978   11.505  1.899   1.00 37.35 ? 530 HOH A O   1 
HETATM 1515 O O   . HOH C 3 .   ? 6.411   -14.085 -14.807 1.00 40.55 ? 531 HOH A O   1 
HETATM 1516 O O   . HOH C 3 .   ? 4.617   -16.238 16.089  1.00 43.97 ? 532 HOH A O   1 
HETATM 1517 O O   . HOH C 3 .   ? -0.809  14.505  2.329   1.00 46.78 ? 533 HOH A O   1 
HETATM 1518 O O   . HOH C 3 .   ? -18.531 0.837   -14.515 1.00 44.43 ? 534 HOH A O   1 
HETATM 1519 O O   . HOH C 3 .   ? 24.821  -5.013  -4.707  1.00 48.00 ? 535 HOH A O   1 
HETATM 1520 O O   . HOH C 3 .   ? -7.743  12.367  -7.997  1.00 41.40 ? 536 HOH A O   1 
HETATM 1521 O O   . HOH C 3 .   ? -9.153  9.804   5.153   1.00 57.06 ? 537 HOH A O   1 
HETATM 1522 O O   . HOH C 3 .   ? -17.671 -0.727  -2.093  1.00 43.12 ? 538 HOH A O   1 
HETATM 1523 O O   . HOH C 3 .   ? 5.770   14.949  -18.012 1.00 47.97 ? 539 HOH A O   1 
HETATM 1524 O O   . HOH C 3 .   ? -11.404 -5.851  -6.351  1.00 36.36 ? 540 HOH A O   1 
HETATM 1525 O O   . HOH C 3 .   ? -12.100 8.548   12.837  1.00 50.38 ? 541 HOH A O   1 
HETATM 1526 O O   . HOH C 3 .   ? -7.310  9.443   8.213   1.00 46.94 ? 542 HOH A O   1 
HETATM 1527 O O   . HOH C 3 .   ? 3.698   14.076  1.112   1.00 45.32 ? 543 HOH A O   1 
HETATM 1528 O O   . HOH C 3 .   ? 1.393   4.892   -23.915 1.00 50.41 ? 544 HOH A O   1 
HETATM 1529 O O   . HOH C 3 .   ? -2.375  17.393  -14.913 1.00 45.86 ? 545 HOH A O   1 
HETATM 1530 O O   . HOH C 3 .   ? -12.218 -7.406  -8.507  1.00 42.71 ? 546 HOH A O   1 
HETATM 1531 O O   . HOH C 3 .   ? -15.591 8.641   -14.618 1.00 45.49 ? 547 HOH A O   1 
HETATM 1532 O O   . HOH C 3 .   ? 10.201  -14.239 -12.485 1.00 46.79 ? 548 HOH A O   1 
HETATM 1533 O O   . HOH C 3 .   ? -8.758  -13.547 8.196   1.00 32.68 ? 549 HOH A O   1 
HETATM 1534 O O   . HOH C 3 .   ? 16.897  13.896  -1.538  1.00 46.24 ? 550 HOH A O   1 
HETATM 1535 O O   . HOH C 3 .   ? -9.040  -8.204  -11.545 1.00 46.08 ? 551 HOH A O   1 
HETATM 1536 O O   . HOH C 3 .   ? -5.446  9.777   12.922  1.00 45.14 ? 552 HOH A O   1 
HETATM 1537 O O   . HOH C 3 .   ? 1.526   -2.555  20.821  1.00 30.89 ? 553 HOH A O   1 
HETATM 1538 O O   . HOH C 3 .   ? -9.999  -11.406 9.525   1.00 40.08 ? 554 HOH A O   1 
HETATM 1539 O O   . HOH C 3 .   ? 17.187  -1.209  5.777   1.00 35.40 ? 555 HOH A O   1 
HETATM 1540 O O   . HOH C 3 .   ? 16.169  1.728   6.655   1.00 57.29 ? 556 HOH A O   1 
HETATM 1541 O O   . HOH C 3 .   ? 22.367  -1.811  -9.092  1.00 46.35 ? 557 HOH A O   1 
HETATM 1542 O O   . HOH C 3 .   ? 5.556   11.592  5.040   1.00 41.83 ? 558 HOH A O   1 
HETATM 1543 O O   . HOH C 3 .   ? 5.067   15.308  -1.481  1.00 44.23 ? 559 HOH A O   1 
HETATM 1544 O O   . HOH C 3 .   ? 7.901   0.118   17.098  1.00 44.07 ? 560 HOH A O   1 
HETATM 1545 O O   . HOH C 3 .   ? 6.755   17.717  -6.952  1.00 48.36 ? 561 HOH A O   1 
HETATM 1546 O O   . HOH C 3 .   ? 8.402   -4.286  15.867  1.00 39.28 ? 562 HOH A O   1 
HETATM 1547 O O   . HOH C 3 .   ? -11.079 9.513   0.394   1.00 40.90 ? 563 HOH A O   1 
HETATM 1548 O O   . HOH C 3 .   ? 10.525  -2.563  16.814  1.00 50.26 ? 564 HOH A O   1 
HETATM 1549 O O   . HOH C 3 .   ? 5.654   -0.088  13.383  1.00 29.22 ? 565 HOH A O   1 
HETATM 1550 O O   . HOH C 3 .   ? 1.738   4.201   15.261  1.00 36.03 ? 566 HOH A O   1 
HETATM 1551 O O   . HOH C 3 .   ? 2.407   -0.555  18.934  1.00 34.01 ? 567 HOH A O   1 
HETATM 1552 O O   . HOH C 3 .   ? 8.651   -5.588  13.904  1.00 44.05 ? 568 HOH A O   1 
HETATM 1553 O O   . HOH C 3 .   ? -12.935 -4.527  -2.935  1.00 52.20 ? 569 HOH A O   1 
HETATM 1554 O O   . HOH C 3 .   ? 4.067   -1.160  20.779  1.00 37.40 ? 570 HOH A O   1 
HETATM 1555 O O   . HOH C 3 .   ? -9.406  -8.642  17.126  1.00 35.72 ? 571 HOH A O   1 
HETATM 1556 O O   . HOH C 3 .   ? 8.041   -11.869 7.721   1.00 47.54 ? 572 HOH A O   1 
HETATM 1557 O O   . HOH C 3 .   ? 5.206   10.168  -27.706 1.00 45.16 ? 573 HOH A O   1 
HETATM 1558 O O   . HOH C 3 .   ? -5.844  15.693  -8.541  1.00 50.05 ? 574 HOH A O   1 
HETATM 1559 O O   . HOH C 3 .   ? 19.602  -4.362  -0.118  1.00 54.82 ? 575 HOH A O   1 
HETATM 1560 O O   . HOH C 3 .   ? -0.211  -3.999  20.224  0.50 36.45 ? 576 HOH A O   1 
HETATM 1561 O O   . HOH C 3 .   ? -8.105  17.554  -9.598  1.00 56.19 ? 577 HOH A O   1 
HETATM 1562 O O   . HOH C 3 .   ? 2.196   -1.753  -18.292 1.00 48.70 ? 578 HOH A O   1 
HETATM 1563 O O   . HOH C 3 .   ? 1.711   -4.142  -18.010 1.00 34.53 ? 579 HOH A O   1 
# 
